data_6P26
#
_entry.id   6P26
#
_cell.length_a   61.193
_cell.length_b   174.040
_cell.length_c   252.348
_cell.angle_alpha   90.000
_cell.angle_beta   90.000
_cell.angle_gamma   90.000
#
_symmetry.space_group_name_H-M   'P 21 21 21'
#
loop_
_entity.id
_entity.type
_entity.pdbx_description
1 polymer 'Phenylalanine--tRNA ligase alpha subunit'
2 polymer 'Phenylalanine--tRNA ligase beta subunit'
3 non-polymer N-benzyl-2-(cyclohex-1-en-1-yl)ethan-1-amine
#
loop_
_entity_poly.entity_id
_entity_poly.type
_entity_poly.pdbx_seq_one_letter_code
_entity_poly.pdbx_strand_id
1 'polypeptide(L)'
;GSHMASSHLAELVASAKAAISQASDVAALDNVRVEYLGKKGHLTLQMTTLRELPPEERPAAGAVINEAKEQVQQALNARK
AELESAALNARLAAETIDVSLPGRRIENGGLHPVTRTIDRIESFFGELGFTVATGPEIEDDYHNFDALNIPGHHPARADH
DTFWFDTTRLLRTQTSGVQIRTMKAQQPPIRIIAPGRVYRNDYDQTHTPMFHQMEGLIVDTNISFTNLKGTLHDFLRNFF
EEDLQIRFRPSYFPFTEPSAEVDVMGKNGKWLEVLGCGMVHPNVLRNVGIDPEVYSGFAFGMGMERLTMLRYGVTDLRSF
FENDLRFLKQFK
;
A,C
2 'polypeptide(L)'
;MKFSELWLREWVNPAIDSDALANQITMAGLEVDGVEPVAGSFHGVVVGEVVECAQHPNADKLRVTKVNVGGDRLLDIVCG
APNCRQGLRVAVATIGAVLPGDFKIKAAKLRGEPSEGMLCSFSELGISDDHSGIIELPADAPIGTDIREYLKLDDNTIEI
SVTPNRADCLGIIGVARDVAVLNQLPLVQPEIVPVGATIDDTLPITVEAPEACPRYLGRVVKGINVKAPTPLWMKEKLRR
CGIRSIDAVVDVTNYVLLELGQPMHAFDKDRIEGGIVVRMAKEGETLVLLDGTEAKLNADTLVIADHNKALAMGGIFGGE
HSGVNDETQNVLLECAFFSPLSITGRARRHGLHTDASHRYERGVDPALQHKAMERATRLLIDICGGEAGPVIDITNEATL
PKRATITLRRSKLDRLIGHHIADEQVTDILRRLGCEVTEGKDEWQAVAPSWRFDMEIEEDLVEEVARVYGYNNIPDEPVQ
ASLIMGTHREADLSLKRVKTLLNDKGYQEVITYSFVDPKVQQMIHPGVEALLLPSPISVEMSAMRLSLWTGLLATVVYNQ
NRQQNRVRIFESGLRFVPDTQAPLGIRQDLMLAGVICGNRYEEHWNLAKETVDFYDLKGDLESVLDLTGKLNEVEFRAEA
NPALHPGQSAAIYLKGERIGFVGVVHPELERKLDLNGRTLVFELEWNKLADRVVPQAREISRFPANRRDIAVVVAENVPA
ADILSECKKVGVNQVVGVNLFDVYRGKGVAEGYKSLAISLILQDTSRTLEEEEIAATVAKCVEALKERFQASLRD
;
B,D
#
loop_
_chem_comp.id
_chem_comp.type
_chem_comp.name
_chem_comp.formula
NO4 non-polymer N-benzyl-2-(cyclohex-1-en-1-yl)ethan-1-amine 'C15 H21 N'
#
# COMPACT_ATOMS: atom_id res chain seq x y z
N LEU A 92 16.04 -27.49 42.71
CA LEU A 92 15.63 -28.73 43.35
C LEU A 92 15.07 -29.71 42.34
N ALA A 93 13.77 -29.61 42.08
CA ALA A 93 13.11 -30.52 41.16
C ALA A 93 13.56 -30.26 39.72
N ALA A 94 13.66 -31.33 38.94
CA ALA A 94 14.11 -31.27 37.56
C ALA A 94 12.94 -31.68 36.66
N GLU A 95 12.08 -30.72 36.33
CA GLU A 95 10.97 -30.96 35.42
C GLU A 95 11.45 -30.85 33.96
N THR A 96 12.44 -31.69 33.65
CA THR A 96 13.08 -31.64 32.34
C THR A 96 12.16 -32.19 31.26
N ILE A 97 11.92 -31.38 30.23
CA ILE A 97 11.08 -31.78 29.10
C ILE A 97 11.94 -31.77 27.84
N ASP A 98 11.41 -32.43 26.81
CA ASP A 98 12.01 -32.37 25.47
C ASP A 98 11.43 -31.18 24.74
N VAL A 99 12.29 -30.22 24.36
CA VAL A 99 11.85 -28.99 23.74
C VAL A 99 11.72 -29.12 22.23
N SER A 100 11.92 -30.33 21.69
CA SER A 100 11.88 -30.53 20.25
C SER A 100 10.54 -31.04 19.75
N LEU A 101 9.61 -31.38 20.64
CA LEU A 101 8.27 -31.75 20.21
C LEU A 101 7.59 -30.58 19.52
N PRO A 102 6.71 -30.84 18.55
CA PRO A 102 5.99 -29.75 17.89
C PRO A 102 5.16 -28.95 18.89
N GLY A 103 5.15 -27.64 18.69
CA GLY A 103 4.45 -26.76 19.60
C GLY A 103 2.93 -26.85 19.46
N ARG A 104 2.26 -26.25 20.43
CA ARG A 104 0.79 -26.22 20.45
C ARG A 104 0.33 -25.05 19.60
N ARG A 105 -0.05 -25.33 18.35
CA ARG A 105 -0.45 -24.29 17.42
C ARG A 105 -1.31 -24.92 16.33
N ILE A 106 -1.98 -24.05 15.57
CA ILE A 106 -2.70 -24.43 14.36
C ILE A 106 -1.93 -23.88 13.18
N GLU A 107 -1.71 -24.72 12.16
CA GLU A 107 -0.81 -24.36 11.08
C GLU A 107 -1.34 -23.16 10.30
N ASN A 108 -0.42 -22.27 9.91
CA ASN A 108 -0.79 -21.04 9.24
C ASN A 108 -1.40 -21.32 7.87
N GLY A 109 -2.36 -20.49 7.48
CA GLY A 109 -2.91 -20.50 6.14
C GLY A 109 -2.26 -19.44 5.27
N GLY A 110 -2.50 -19.57 3.97
CA GLY A 110 -1.90 -18.67 2.99
C GLY A 110 -2.95 -18.03 2.10
N LEU A 111 -2.48 -17.13 1.25
CA LEU A 111 -3.32 -16.46 0.25
C LEU A 111 -3.19 -17.16 -1.08
N HIS A 112 -4.20 -16.98 -1.92
CA HIS A 112 -4.17 -17.52 -3.27
C HIS A 112 -3.04 -16.88 -4.06
N PRO A 113 -2.35 -17.62 -4.93
CA PRO A 113 -1.22 -17.03 -5.67
C PRO A 113 -1.60 -15.84 -6.54
N VAL A 114 -2.86 -15.76 -6.98
CA VAL A 114 -3.29 -14.58 -7.72
C VAL A 114 -3.36 -13.37 -6.80
N THR A 115 -3.84 -13.57 -5.57
CA THR A 115 -3.94 -12.46 -4.63
C THR A 115 -2.56 -11.94 -4.25
N ARG A 116 -1.58 -12.85 -4.08
CA ARG A 116 -0.22 -12.42 -3.77
C ARG A 116 0.35 -11.54 -4.88
N THR A 117 0.11 -11.91 -6.14
CA THR A 117 0.57 -11.09 -7.26
C THR A 117 -0.14 -9.74 -7.29
N ILE A 118 -1.47 -9.75 -7.07
CA ILE A 118 -2.23 -8.51 -7.09
C ILE A 118 -1.75 -7.56 -6.00
N ASP A 119 -1.50 -8.09 -4.80
CA ASP A 119 -1.04 -7.23 -3.71
C ASP A 119 0.36 -6.70 -3.95
N ARG A 120 1.18 -7.42 -4.72
CA ARG A 120 2.50 -6.91 -5.06
C ARG A 120 2.42 -5.71 -5.99
N ILE A 121 1.64 -5.83 -7.07
CA ILE A 121 1.54 -4.77 -8.06
C ILE A 121 0.90 -3.53 -7.46
N GLU A 122 -0.10 -3.71 -6.60
CA GLU A 122 -0.68 -2.58 -5.88
C GLU A 122 0.35 -1.89 -5.01
N SER A 123 1.24 -2.66 -4.37
CA SER A 123 2.27 -2.07 -3.53
C SER A 123 3.31 -1.35 -4.38
N PHE A 124 3.55 -1.80 -5.61
CA PHE A 124 4.44 -1.08 -6.52
C PHE A 124 3.84 0.26 -6.92
N PHE A 125 2.63 0.24 -7.47
CA PHE A 125 1.97 1.47 -7.89
C PHE A 125 1.41 2.26 -6.72
N GLY A 126 1.24 1.64 -5.56
CA GLY A 126 0.88 2.41 -4.37
C GLY A 126 1.92 3.46 -4.05
N GLU A 127 3.20 3.10 -4.15
CA GLU A 127 4.29 4.05 -3.96
C GLU A 127 4.43 5.05 -5.10
N LEU A 128 3.53 5.01 -6.09
CA LEU A 128 3.55 5.95 -7.20
C LEU A 128 2.31 6.85 -7.23
N GLY A 129 1.46 6.77 -6.21
CA GLY A 129 0.26 7.57 -6.16
C GLY A 129 -0.96 6.96 -6.82
N PHE A 130 -0.92 5.68 -7.17
CA PHE A 130 -2.01 5.02 -7.87
C PHE A 130 -3.01 4.49 -6.84
N THR A 131 -4.19 5.11 -6.78
CA THR A 131 -5.27 4.60 -5.95
C THR A 131 -5.85 3.34 -6.59
N VAL A 132 -6.41 2.47 -5.75
CA VAL A 132 -7.01 1.22 -6.21
C VAL A 132 -8.52 1.42 -6.31
N ALA A 133 -9.09 0.99 -7.44
CA ALA A 133 -10.51 1.17 -7.71
C ALA A 133 -11.18 -0.18 -7.97
N THR A 134 -12.41 -0.31 -7.50
CA THR A 134 -13.19 -1.53 -7.66
C THR A 134 -14.53 -1.19 -8.30
N GLY A 135 -15.14 -2.19 -8.93
CA GLY A 135 -16.41 -2.02 -9.57
C GLY A 135 -17.15 -3.32 -9.78
N PRO A 136 -18.39 -3.23 -10.28
CA PRO A 136 -19.19 -4.44 -10.48
C PRO A 136 -18.63 -5.31 -11.60
N GLU A 137 -18.89 -6.61 -11.50
CA GLU A 137 -18.48 -7.56 -12.53
C GLU A 137 -19.49 -7.68 -13.66
N ILE A 138 -20.72 -7.22 -13.47
CA ILE A 138 -21.74 -7.19 -14.51
C ILE A 138 -21.91 -5.75 -14.94
N GLU A 139 -21.65 -5.48 -16.21
CA GLU A 139 -21.68 -4.13 -16.76
C GLU A 139 -22.69 -4.05 -17.90
N ASP A 140 -22.85 -2.84 -18.43
CA ASP A 140 -23.63 -2.58 -19.62
C ASP A 140 -22.71 -2.40 -20.82
N ASP A 141 -23.31 -2.37 -22.01
CA ASP A 141 -22.51 -2.24 -23.22
C ASP A 141 -21.79 -0.90 -23.30
N TYR A 142 -22.27 0.11 -22.56
CA TYR A 142 -21.63 1.42 -22.60
C TYR A 142 -20.29 1.42 -21.87
N HIS A 143 -20.28 0.98 -20.61
CA HIS A 143 -19.07 1.05 -19.81
C HIS A 143 -18.02 0.04 -20.21
N ASN A 144 -18.39 -1.01 -20.97
CA ASN A 144 -17.44 -2.03 -21.37
C ASN A 144 -17.07 -1.97 -22.85
N PHE A 145 -17.85 -1.27 -23.68
CA PHE A 145 -17.58 -1.23 -25.12
C PHE A 145 -17.65 0.20 -25.66
N ASP A 146 -18.83 0.81 -25.62
CA ASP A 146 -19.05 2.07 -26.33
C ASP A 146 -18.14 3.17 -25.81
N ALA A 147 -18.05 3.31 -24.48
CA ALA A 147 -17.22 4.37 -23.91
C ALA A 147 -15.74 4.17 -24.20
N LEU A 148 -15.34 3.00 -24.71
CA LEU A 148 -13.95 2.72 -25.06
C LEU A 148 -13.71 2.77 -26.56
N ASN A 149 -14.51 3.57 -27.29
CA ASN A 149 -14.37 3.73 -28.74
C ASN A 149 -14.55 2.39 -29.45
N ILE A 150 -15.47 1.57 -28.96
CA ILE A 150 -15.79 0.29 -29.58
C ILE A 150 -17.28 0.29 -29.94
N PRO A 151 -17.64 0.70 -31.15
CA PRO A 151 -19.06 0.69 -31.53
C PRO A 151 -19.59 -0.72 -31.65
N GLY A 152 -20.91 -0.81 -31.88
CA GLY A 152 -21.56 -2.11 -31.95
C GLY A 152 -21.08 -2.98 -33.10
N HIS A 153 -20.67 -2.36 -34.20
CA HIS A 153 -20.20 -3.10 -35.36
C HIS A 153 -18.73 -3.50 -35.25
N HIS A 154 -18.01 -3.00 -34.24
CA HIS A 154 -16.60 -3.30 -34.14
C HIS A 154 -16.39 -4.80 -33.89
N PRO A 155 -15.38 -5.40 -34.53
CA PRO A 155 -15.18 -6.86 -34.36
C PRO A 155 -14.87 -7.26 -32.92
N ALA A 156 -14.02 -6.50 -32.22
CA ALA A 156 -13.71 -6.80 -30.83
C ALA A 156 -14.92 -6.56 -29.94
N ARG A 157 -15.95 -7.40 -30.09
CA ARG A 157 -17.20 -7.26 -29.38
C ARG A 157 -17.97 -8.57 -29.44
N ALA A 158 -18.43 -8.94 -30.63
CA ALA A 158 -18.93 -10.30 -30.84
C ALA A 158 -17.78 -11.30 -30.90
N ASP A 159 -16.73 -10.96 -31.66
CA ASP A 159 -15.49 -11.73 -31.66
C ASP A 159 -14.59 -11.35 -30.49
N HIS A 160 -15.18 -11.19 -29.30
CA HIS A 160 -14.45 -10.91 -28.07
C HIS A 160 -14.61 -12.03 -27.06
N ASP A 161 -15.27 -13.13 -27.45
CA ASP A 161 -15.57 -14.25 -26.55
C ASP A 161 -16.30 -13.76 -25.31
N THR A 162 -17.35 -12.98 -25.53
CA THR A 162 -18.04 -12.28 -24.46
C THR A 162 -19.28 -13.05 -24.01
N PHE A 163 -19.51 -13.09 -22.70
CA PHE A 163 -20.74 -13.59 -22.14
C PHE A 163 -21.78 -12.47 -22.10
N TRP A 164 -22.95 -12.72 -22.66
CA TRP A 164 -24.04 -11.75 -22.68
C TRP A 164 -25.24 -12.27 -21.90
N PHE A 165 -26.03 -11.33 -21.40
CA PHE A 165 -27.34 -11.64 -20.82
C PHE A 165 -28.44 -11.12 -21.72
N ASP A 166 -28.59 -9.80 -21.83
CA ASP A 166 -29.49 -9.20 -22.81
C ASP A 166 -28.69 -8.70 -24.00
N THR A 167 -29.20 -7.67 -24.67
CA THR A 167 -28.42 -6.93 -25.66
C THR A 167 -27.68 -5.76 -25.05
N THR A 168 -27.79 -5.55 -23.74
CA THR A 168 -27.12 -4.48 -23.02
C THR A 168 -26.24 -4.99 -21.88
N ARG A 169 -26.76 -5.91 -21.07
CA ARG A 169 -26.02 -6.43 -19.92
C ARG A 169 -25.10 -7.56 -20.34
N LEU A 170 -23.94 -7.63 -19.70
CA LEU A 170 -22.91 -8.60 -20.05
C LEU A 170 -21.93 -8.74 -18.89
N LEU A 171 -21.21 -9.86 -18.89
CA LEU A 171 -20.08 -10.03 -17.98
C LEU A 171 -18.89 -9.28 -18.56
N ARG A 172 -18.32 -8.37 -17.78
CA ARG A 172 -17.27 -7.48 -18.28
C ARG A 172 -16.08 -8.29 -18.79
N THR A 173 -15.47 -7.80 -19.87
CA THR A 173 -14.25 -8.37 -20.40
C THR A 173 -13.02 -7.56 -20.02
N GLN A 174 -13.19 -6.53 -19.19
CA GLN A 174 -12.11 -5.65 -18.76
C GLN A 174 -12.64 -4.76 -17.64
N THR A 175 -11.74 -4.35 -16.75
CA THR A 175 -12.09 -3.49 -15.62
C THR A 175 -12.17 -2.03 -16.06
N SER A 176 -13.01 -1.79 -17.07
CA SER A 176 -13.12 -0.49 -17.70
C SER A 176 -14.26 0.36 -17.16
N GLY A 177 -15.34 -0.27 -16.68
CA GLY A 177 -16.46 0.49 -16.14
C GLY A 177 -16.12 1.29 -14.90
N VAL A 178 -15.11 0.88 -14.15
CA VAL A 178 -14.69 1.62 -12.96
C VAL A 178 -13.75 2.78 -13.31
N GLN A 179 -13.03 2.67 -14.43
CA GLN A 179 -12.18 3.77 -14.86
C GLN A 179 -12.97 4.81 -15.65
N ILE A 180 -13.97 4.38 -16.42
CA ILE A 180 -14.83 5.32 -17.12
C ILE A 180 -15.62 6.15 -16.12
N ARG A 181 -16.05 5.54 -15.02
CA ARG A 181 -16.84 6.26 -14.03
C ARG A 181 -15.98 7.22 -13.21
N THR A 182 -14.71 6.88 -12.95
CA THR A 182 -13.85 7.76 -12.18
C THR A 182 -13.51 9.02 -12.96
N MET A 183 -13.23 8.89 -14.26
CA MET A 183 -12.87 10.06 -15.06
C MET A 183 -14.04 11.02 -15.19
N LYS A 184 -15.28 10.52 -15.09
CA LYS A 184 -16.45 11.39 -15.12
C LYS A 184 -16.69 12.08 -13.79
N ALA A 185 -16.23 11.50 -12.67
CA ALA A 185 -16.45 12.09 -11.35
C ALA A 185 -15.41 13.14 -10.97
N GLN A 186 -14.21 13.08 -11.55
CA GLN A 186 -13.15 14.01 -11.21
C GLN A 186 -12.38 14.40 -12.46
N GLN A 187 -11.74 15.56 -12.39
CA GLN A 187 -10.85 16.07 -13.41
C GLN A 187 -9.43 15.61 -13.16
N PRO A 188 -8.55 15.69 -14.16
CA PRO A 188 -7.13 15.37 -13.94
C PRO A 188 -6.54 16.22 -12.82
N PRO A 189 -5.48 15.75 -12.17
CA PRO A 189 -4.74 14.51 -12.45
C PRO A 189 -5.41 13.24 -11.90
N ILE A 190 -5.35 12.17 -12.68
CA ILE A 190 -5.85 10.86 -12.27
C ILE A 190 -4.69 9.88 -12.29
N ARG A 191 -4.72 8.93 -11.36
CA ARG A 191 -3.64 7.95 -11.22
C ARG A 191 -4.22 6.76 -10.44
N ILE A 192 -4.73 5.77 -11.17
CA ILE A 192 -5.44 4.65 -10.57
C ILE A 192 -4.99 3.34 -11.19
N ILE A 193 -5.22 2.26 -10.45
CA ILE A 193 -5.15 0.90 -10.96
C ILE A 193 -6.46 0.20 -10.59
N ALA A 194 -6.96 -0.63 -11.50
CA ALA A 194 -8.28 -1.25 -11.36
C ALA A 194 -8.16 -2.76 -11.51
N PRO A 195 -7.91 -3.49 -10.43
CA PRO A 195 -7.90 -4.94 -10.49
C PRO A 195 -9.31 -5.51 -10.38
N GLY A 196 -9.43 -6.78 -10.75
CA GLY A 196 -10.71 -7.45 -10.68
C GLY A 196 -10.75 -8.65 -11.61
N ARG A 197 -11.89 -9.32 -11.57
CA ARG A 197 -12.13 -10.49 -12.42
C ARG A 197 -12.77 -10.07 -13.73
N VAL A 198 -12.40 -10.77 -14.80
CA VAL A 198 -12.99 -10.57 -16.12
C VAL A 198 -13.33 -11.93 -16.70
N TYR A 199 -14.19 -11.92 -17.73
CA TYR A 199 -14.77 -13.16 -18.23
C TYR A 199 -14.68 -13.21 -19.75
N ARG A 200 -14.15 -14.32 -20.26
CA ARG A 200 -14.13 -14.61 -21.69
C ARG A 200 -14.57 -16.06 -21.89
N ASN A 201 -14.82 -16.43 -23.14
CA ASN A 201 -15.55 -17.66 -23.44
C ASN A 201 -14.68 -18.81 -23.91
N ASP A 202 -13.37 -18.74 -23.73
CA ASP A 202 -12.49 -19.85 -24.09
C ASP A 202 -12.01 -20.58 -22.84
N TYR A 203 -11.69 -21.86 -23.02
CA TYR A 203 -11.31 -22.74 -21.91
C TYR A 203 -10.29 -23.76 -22.46
N ASP A 204 -9.02 -23.43 -22.33
CA ASP A 204 -7.94 -24.30 -22.76
C ASP A 204 -6.98 -24.50 -21.59
N GLN A 205 -5.77 -24.98 -21.89
CA GLN A 205 -4.70 -24.93 -20.91
C GLN A 205 -4.19 -23.50 -20.73
N THR A 206 -4.31 -22.68 -21.78
CA THR A 206 -3.87 -21.30 -21.75
C THR A 206 -4.98 -20.31 -21.48
N HIS A 207 -6.24 -20.76 -21.46
CA HIS A 207 -7.39 -19.89 -21.26
C HIS A 207 -8.34 -20.50 -20.25
N THR A 208 -8.98 -19.63 -19.46
CA THR A 208 -10.02 -20.00 -18.53
C THR A 208 -11.20 -19.04 -18.69
N PRO A 209 -12.42 -19.51 -18.48
CA PRO A 209 -13.59 -18.62 -18.66
C PRO A 209 -13.58 -17.40 -17.76
N MET A 210 -12.91 -17.47 -16.62
CA MET A 210 -12.73 -16.32 -15.74
C MET A 210 -11.25 -16.16 -15.43
N PHE A 211 -10.80 -14.91 -15.32
CA PHE A 211 -9.42 -14.64 -14.91
C PHE A 211 -9.33 -13.21 -14.42
N HIS A 212 -8.23 -12.93 -13.71
CA HIS A 212 -8.02 -11.62 -13.11
C HIS A 212 -7.19 -10.73 -14.03
N GLN A 213 -7.51 -9.44 -14.00
CA GLN A 213 -6.85 -8.46 -14.85
C GLN A 213 -6.52 -7.22 -14.02
N MET A 214 -5.31 -6.71 -14.20
CA MET A 214 -4.87 -5.48 -13.55
C MET A 214 -4.66 -4.42 -14.62
N GLU A 215 -5.45 -3.35 -14.56
CA GLU A 215 -5.42 -2.29 -15.56
C GLU A 215 -5.12 -0.97 -14.87
N GLY A 216 -4.01 -0.34 -15.28
CA GLY A 216 -3.62 0.94 -14.72
C GLY A 216 -4.02 2.10 -15.61
N LEU A 217 -3.98 3.30 -15.03
CA LEU A 217 -4.41 4.49 -15.75
C LEU A 217 -3.82 5.71 -15.07
N ILE A 218 -3.27 6.62 -15.87
CA ILE A 218 -2.75 7.90 -15.38
C ILE A 218 -3.07 8.96 -16.42
N VAL A 219 -3.63 10.09 -15.97
CA VAL A 219 -4.02 11.18 -16.85
C VAL A 219 -3.52 12.47 -16.22
N ASP A 220 -2.55 13.11 -16.86
CA ASP A 220 -2.01 14.38 -16.38
C ASP A 220 -1.78 15.28 -17.59
N THR A 221 -0.91 16.28 -17.44
CA THR A 221 -0.71 17.29 -18.47
C THR A 221 0.38 16.90 -19.47
N ASN A 222 1.54 16.47 -18.98
CA ASN A 222 2.64 16.12 -19.86
C ASN A 222 2.96 14.63 -19.81
N ILE A 223 1.94 13.80 -20.01
CA ILE A 223 2.14 12.36 -20.07
C ILE A 223 2.54 11.98 -21.50
N SER A 224 3.66 11.27 -21.63
CA SER A 224 4.23 10.97 -22.93
C SER A 224 4.46 9.47 -23.09
N PHE A 225 4.83 9.08 -24.30
CA PHE A 225 5.14 7.68 -24.58
C PHE A 225 6.44 7.25 -23.89
N THR A 226 7.37 8.19 -23.69
CA THR A 226 8.57 7.88 -22.94
C THR A 226 8.25 7.56 -21.48
N ASN A 227 7.16 8.13 -20.95
CA ASN A 227 6.74 7.79 -19.60
C ASN A 227 6.16 6.39 -19.53
N LEU A 228 5.45 5.97 -20.58
CA LEU A 228 4.89 4.63 -20.62
C LEU A 228 5.98 3.57 -20.64
N LYS A 229 7.08 3.84 -21.37
CA LYS A 229 8.18 2.90 -21.38
C LYS A 229 8.89 2.86 -20.03
N GLY A 230 9.04 4.01 -19.38
CA GLY A 230 9.78 4.06 -18.13
C GLY A 230 9.05 3.37 -17.00
N THR A 231 7.77 3.68 -16.82
CA THR A 231 7.01 3.11 -15.72
C THR A 231 6.70 1.62 -15.93
N LEU A 232 6.85 1.12 -17.15
CA LEU A 232 6.62 -0.30 -17.41
C LEU A 232 7.90 -1.11 -17.34
N HIS A 233 9.01 -0.56 -17.83
CA HIS A 233 10.30 -1.20 -17.61
C HIS A 233 10.66 -1.22 -16.14
N ASP A 234 10.25 -0.19 -15.40
CA ASP A 234 10.44 -0.18 -13.95
C ASP A 234 9.62 -1.28 -13.30
N PHE A 235 8.39 -1.50 -13.76
CA PHE A 235 7.52 -2.51 -13.16
C PHE A 235 8.06 -3.91 -13.43
N LEU A 236 8.40 -4.20 -14.69
CA LEU A 236 8.84 -5.55 -15.04
C LEU A 236 10.18 -5.89 -14.38
N ARG A 237 11.06 -4.90 -14.25
CA ARG A 237 12.33 -5.14 -13.56
C ARG A 237 12.10 -5.47 -12.09
N ASN A 238 11.06 -4.91 -11.48
CA ASN A 238 10.79 -5.13 -10.06
C ASN A 238 9.88 -6.33 -9.81
N PHE A 239 9.00 -6.67 -10.76
CA PHE A 239 8.13 -7.81 -10.57
C PHE A 239 8.90 -9.12 -10.64
N PHE A 240 9.84 -9.22 -11.57
CA PHE A 240 10.68 -10.40 -11.70
C PHE A 240 12.01 -10.26 -10.97
N GLU A 241 12.28 -9.10 -10.38
CA GLU A 241 13.51 -8.82 -9.63
C GLU A 241 14.73 -9.22 -10.45
N GLU A 242 14.84 -8.60 -11.63
CA GLU A 242 15.88 -8.93 -12.59
C GLU A 242 15.90 -7.87 -13.67
N ASP A 243 17.11 -7.51 -14.13
CA ASP A 243 17.28 -6.60 -15.25
C ASP A 243 17.22 -7.43 -16.53
N LEU A 244 16.00 -7.72 -16.96
CA LEU A 244 15.72 -8.66 -18.05
C LEU A 244 15.53 -7.93 -19.37
N GLN A 245 15.47 -8.72 -20.44
CA GLN A 245 15.27 -8.18 -21.78
C GLN A 245 13.78 -7.95 -22.01
N ILE A 246 13.41 -6.72 -22.37
CA ILE A 246 12.04 -6.40 -22.75
C ILE A 246 12.06 -5.71 -24.10
N ARG A 247 10.89 -5.65 -24.73
CA ARG A 247 10.74 -4.96 -26.00
C ARG A 247 9.31 -4.47 -26.13
N PHE A 248 9.16 -3.29 -26.73
CA PHE A 248 7.85 -2.73 -27.03
C PHE A 248 7.53 -2.99 -28.49
N ARG A 249 6.34 -3.50 -28.76
CA ARG A 249 5.95 -3.95 -30.08
C ARG A 249 4.62 -3.32 -30.47
N PRO A 250 4.51 -2.79 -31.68
CA PRO A 250 3.25 -2.13 -32.09
C PRO A 250 2.08 -3.10 -32.08
N SER A 251 0.93 -2.62 -31.61
CA SER A 251 -0.28 -3.41 -31.53
C SER A 251 -1.47 -2.48 -31.80
N TYR A 252 -2.67 -3.01 -31.62
CA TYR A 252 -3.89 -2.24 -31.81
C TYR A 252 -4.84 -2.48 -30.65
N PHE A 253 -5.37 -1.38 -30.10
CA PHE A 253 -6.46 -1.40 -29.13
C PHE A 253 -7.38 -0.25 -29.51
N PRO A 254 -8.70 -0.47 -29.52
CA PRO A 254 -9.61 0.60 -29.97
C PRO A 254 -9.64 1.80 -29.05
N PHE A 255 -9.10 1.71 -27.84
CA PHE A 255 -9.13 2.80 -26.88
C PHE A 255 -7.76 3.44 -26.67
N THR A 256 -6.76 3.05 -27.45
CA THR A 256 -5.43 3.64 -27.35
C THR A 256 -4.84 3.82 -28.74
N GLU A 257 -3.99 4.85 -28.88
CA GLU A 257 -3.22 5.10 -30.09
C GLU A 257 -2.22 6.22 -29.78
N PRO A 258 -0.90 5.94 -29.79
CA PRO A 258 -0.21 4.68 -30.10
C PRO A 258 -0.50 3.54 -29.14
N SER A 259 -0.61 2.32 -29.67
CA SER A 259 -0.83 1.11 -28.89
C SER A 259 0.40 0.22 -28.97
N ALA A 260 0.58 -0.62 -27.95
CA ALA A 260 1.73 -1.48 -27.90
C ALA A 260 1.51 -2.63 -26.92
N GLU A 261 2.11 -3.77 -27.24
CA GLU A 261 2.26 -4.88 -26.31
C GLU A 261 3.74 -5.06 -25.99
N VAL A 262 4.04 -5.51 -24.78
CA VAL A 262 5.42 -5.70 -24.36
C VAL A 262 5.66 -7.18 -24.14
N ASP A 263 6.90 -7.60 -24.37
CA ASP A 263 7.33 -8.97 -24.15
C ASP A 263 8.57 -8.97 -23.27
N VAL A 264 8.72 -10.04 -22.49
CA VAL A 264 9.94 -10.30 -21.74
C VAL A 264 10.59 -11.53 -22.35
N MET A 265 11.92 -11.55 -22.34
CA MET A 265 12.66 -12.66 -22.91
C MET A 265 12.38 -13.91 -22.08
N GLY A 266 11.53 -14.78 -22.62
CA GLY A 266 11.19 -16.01 -21.91
C GLY A 266 12.40 -16.88 -21.66
N LYS A 267 12.27 -17.76 -20.68
CA LYS A 267 13.35 -18.66 -20.31
C LYS A 267 13.64 -19.72 -21.36
N ASN A 268 12.93 -19.68 -22.49
CA ASN A 268 13.08 -20.65 -23.57
C ASN A 268 13.81 -20.10 -24.78
N GLY A 269 14.13 -18.81 -24.80
CA GLY A 269 14.80 -18.18 -25.91
C GLY A 269 13.88 -17.30 -26.76
N LYS A 270 12.60 -17.63 -26.81
CA LYS A 270 11.63 -16.82 -27.54
C LYS A 270 11.10 -15.70 -26.65
N TRP A 271 10.35 -14.79 -27.27
CA TRP A 271 9.69 -13.73 -26.53
C TRP A 271 8.35 -14.22 -25.98
N LEU A 272 7.84 -13.50 -24.97
CA LEU A 272 6.63 -13.90 -24.28
C LEU A 272 5.80 -12.66 -23.97
N GLU A 273 4.64 -12.55 -24.59
CA GLU A 273 3.76 -11.42 -24.38
C GLU A 273 3.30 -11.36 -22.92
N VAL A 274 3.50 -10.20 -22.29
CA VAL A 274 3.23 -10.02 -20.87
C VAL A 274 2.03 -9.09 -20.65
N LEU A 275 2.05 -7.92 -21.29
CA LEU A 275 1.02 -6.92 -21.02
C LEU A 275 0.85 -6.02 -22.24
N GLY A 276 -0.30 -5.36 -22.30
CA GLY A 276 -0.56 -4.37 -23.32
C GLY A 276 -0.68 -2.98 -22.71
N CYS A 277 -0.55 -1.95 -23.53
CA CYS A 277 -0.56 -0.57 -23.05
C CYS A 277 -0.78 0.37 -24.23
N GLY A 278 -0.73 1.66 -23.97
CA GLY A 278 -0.86 2.66 -25.01
C GLY A 278 -1.37 3.98 -24.44
N MET A 279 -1.14 5.04 -25.21
CA MET A 279 -1.65 6.35 -24.84
C MET A 279 -3.16 6.38 -25.03
N VAL A 280 -3.88 6.91 -24.03
CA VAL A 280 -5.34 6.91 -24.09
C VAL A 280 -5.81 7.64 -25.34
N HIS A 281 -6.88 7.12 -25.95
CA HIS A 281 -7.41 7.67 -27.19
C HIS A 281 -8.17 8.96 -26.91
N PRO A 282 -8.02 9.99 -27.76
CA PRO A 282 -8.71 11.26 -27.50
C PRO A 282 -10.23 11.15 -27.48
N ASN A 283 -10.80 10.19 -28.22
CA ASN A 283 -12.24 10.00 -28.17
C ASN A 283 -12.68 9.45 -26.81
N VAL A 284 -11.82 8.69 -26.14
CA VAL A 284 -12.15 8.21 -24.80
C VAL A 284 -12.19 9.38 -23.82
N LEU A 285 -11.18 10.25 -23.87
CA LEU A 285 -11.17 11.41 -23.00
C LEU A 285 -12.31 12.37 -23.30
N ARG A 286 -12.77 12.40 -24.56
CA ARG A 286 -13.78 13.37 -24.97
C ARG A 286 -15.11 13.11 -24.27
N ASN A 287 -15.56 11.85 -24.25
CA ASN A 287 -16.86 11.52 -23.69
C ASN A 287 -16.84 11.33 -22.17
N VAL A 288 -15.75 11.69 -21.51
CA VAL A 288 -15.69 11.70 -20.05
C VAL A 288 -15.36 13.08 -19.50
N GLY A 289 -15.38 14.10 -20.35
CA GLY A 289 -15.18 15.47 -19.90
C GLY A 289 -13.74 15.91 -19.81
N ILE A 290 -12.82 15.27 -20.53
CA ILE A 290 -11.42 15.64 -20.55
C ILE A 290 -11.03 16.04 -21.96
N ASP A 291 -10.31 17.15 -22.10
CA ASP A 291 -9.92 17.65 -23.41
C ASP A 291 -8.53 17.13 -23.75
N PRO A 292 -8.37 16.40 -24.86
CA PRO A 292 -7.03 15.87 -25.20
C PRO A 292 -6.02 16.93 -25.59
N GLU A 293 -6.45 18.19 -25.81
CA GLU A 293 -5.50 19.25 -26.09
C GLU A 293 -4.80 19.73 -24.82
N VAL A 294 -5.45 19.63 -23.68
CA VAL A 294 -4.88 20.08 -22.42
C VAL A 294 -4.18 18.94 -21.69
N TYR A 295 -4.85 17.79 -21.59
CA TYR A 295 -4.33 16.64 -20.87
C TYR A 295 -4.04 15.49 -21.82
N SER A 296 -3.29 14.52 -21.31
CA SER A 296 -3.00 13.27 -22.00
C SER A 296 -2.89 12.18 -20.94
N GLY A 297 -2.51 10.99 -21.37
CA GLY A 297 -2.34 9.89 -20.43
C GLY A 297 -2.04 8.60 -21.14
N PHE A 298 -1.73 7.58 -20.34
CA PHE A 298 -1.56 6.23 -20.85
C PHE A 298 -2.23 5.24 -19.91
N ALA A 299 -2.68 4.13 -20.48
CA ALA A 299 -3.23 3.01 -19.72
C ALA A 299 -2.46 1.75 -20.07
N PHE A 300 -2.66 0.72 -19.24
CA PHE A 300 -2.04 -0.57 -19.48
C PHE A 300 -2.89 -1.65 -18.83
N GLY A 301 -2.63 -2.89 -19.22
CA GLY A 301 -3.37 -4.02 -18.68
C GLY A 301 -2.53 -5.28 -18.76
N MET A 302 -2.79 -6.20 -17.84
CA MET A 302 -2.02 -7.43 -17.77
C MET A 302 -2.83 -8.51 -17.07
N GLY A 303 -2.57 -9.75 -17.45
CA GLY A 303 -3.20 -10.89 -16.82
C GLY A 303 -2.44 -11.31 -15.58
N MET A 304 -3.16 -11.56 -14.49
CA MET A 304 -2.52 -11.93 -13.25
C MET A 304 -2.07 -13.39 -13.25
N GLU A 305 -2.92 -14.29 -13.77
CA GLU A 305 -2.50 -15.68 -13.94
C GLU A 305 -1.31 -15.78 -14.88
N ARG A 306 -1.24 -14.90 -15.88
CA ARG A 306 -0.10 -14.87 -16.78
C ARG A 306 1.21 -14.64 -16.03
N LEU A 307 1.28 -13.53 -15.27
CA LEU A 307 2.51 -13.18 -14.58
C LEU A 307 2.80 -14.10 -13.39
N THR A 308 1.77 -14.75 -12.83
CA THR A 308 2.01 -15.65 -11.71
C THR A 308 2.67 -16.93 -12.18
N MET A 309 2.30 -17.41 -13.36
CA MET A 309 2.93 -18.61 -13.92
C MET A 309 4.39 -18.36 -14.26
N LEU A 310 4.70 -17.16 -14.75
CA LEU A 310 6.09 -16.81 -15.04
C LEU A 310 6.89 -16.62 -13.76
N ARG A 311 6.27 -16.01 -12.74
CA ARG A 311 7.00 -15.67 -11.52
C ARG A 311 7.33 -16.90 -10.70
N TYR A 312 6.32 -17.72 -10.41
CA TYR A 312 6.48 -18.87 -9.51
C TYR A 312 6.55 -20.20 -10.25
N GLY A 313 6.65 -20.18 -11.58
CA GLY A 313 6.82 -21.40 -12.35
C GLY A 313 5.65 -22.36 -12.28
N VAL A 314 4.45 -21.88 -12.57
CA VAL A 314 3.25 -22.71 -12.60
C VAL A 314 3.06 -23.24 -14.01
N THR A 315 2.77 -24.54 -14.12
CA THR A 315 2.71 -25.19 -15.42
C THR A 315 1.38 -24.96 -16.13
N ASP A 316 0.29 -25.47 -15.55
CA ASP A 316 -1.03 -25.36 -16.15
C ASP A 316 -1.84 -24.27 -15.46
N LEU A 317 -2.70 -23.61 -16.25
CA LEU A 317 -3.50 -22.50 -15.73
C LEU A 317 -4.74 -22.96 -14.99
N ARG A 318 -5.18 -24.20 -15.21
CA ARG A 318 -6.33 -24.72 -14.47
C ARG A 318 -6.01 -24.97 -13.00
N SER A 319 -4.72 -25.02 -12.63
CA SER A 319 -4.36 -25.29 -11.25
C SER A 319 -4.82 -24.17 -10.32
N PHE A 320 -5.01 -22.97 -10.85
CA PHE A 320 -5.36 -21.83 -10.00
C PHE A 320 -6.78 -21.95 -9.46
N PHE A 321 -7.71 -22.45 -10.27
CA PHE A 321 -9.12 -22.48 -9.91
C PHE A 321 -9.59 -23.87 -9.50
N GLU A 322 -8.72 -24.88 -9.58
CA GLU A 322 -9.04 -26.17 -8.97
C GLU A 322 -8.97 -26.09 -7.45
N ASN A 323 -8.11 -25.20 -6.94
CA ASN A 323 -7.99 -24.95 -5.51
C ASN A 323 -7.56 -26.20 -4.75
N ASP A 324 -6.66 -26.97 -5.34
CA ASP A 324 -6.04 -28.08 -4.62
C ASP A 324 -5.23 -27.54 -3.45
N LEU A 325 -5.59 -27.98 -2.23
CA LEU A 325 -4.90 -27.47 -1.05
C LEU A 325 -3.40 -27.76 -1.10
N ARG A 326 -3.01 -28.88 -1.68
CA ARG A 326 -1.58 -29.16 -1.86
C ARG A 326 -0.93 -28.16 -2.80
N PHE A 327 -1.69 -27.63 -3.76
CA PHE A 327 -1.16 -26.61 -4.65
C PHE A 327 -1.07 -25.26 -3.95
N LEU A 328 -2.14 -24.86 -3.27
CA LEU A 328 -2.16 -23.54 -2.63
C LEU A 328 -1.21 -23.46 -1.45
N LYS A 329 -0.98 -24.57 -0.75
CA LYS A 329 -0.09 -24.56 0.41
C LYS A 329 1.37 -24.26 0.04
N GLN A 330 1.69 -24.16 -1.25
CA GLN A 330 3.03 -23.78 -1.67
C GLN A 330 3.24 -22.28 -1.66
N PHE A 331 2.18 -21.49 -1.57
CA PHE A 331 2.26 -20.03 -1.61
C PHE A 331 1.94 -19.39 -0.27
N LYS A 332 2.26 -20.08 0.82
CA LYS A 332 2.02 -19.53 2.16
C LYS A 332 2.93 -18.33 2.43
N MET B 1 -4.22 -14.77 -41.29
CA MET B 1 -3.89 -14.93 -42.71
C MET B 1 -2.52 -15.59 -42.88
N LYS B 2 -2.47 -16.59 -43.74
CA LYS B 2 -1.23 -17.29 -44.06
C LYS B 2 -0.74 -16.87 -45.44
N PHE B 3 0.58 -16.81 -45.60
CA PHE B 3 1.17 -16.45 -46.88
C PHE B 3 2.54 -17.10 -47.02
N SER B 4 2.91 -17.38 -48.26
CA SER B 4 4.21 -17.98 -48.54
C SER B 4 5.32 -16.95 -48.37
N GLU B 5 6.45 -17.40 -47.83
CA GLU B 5 7.59 -16.50 -47.66
C GLU B 5 8.21 -16.13 -49.00
N LEU B 6 8.42 -17.13 -49.86
CA LEU B 6 9.02 -16.87 -51.17
C LEU B 6 8.13 -16.02 -52.05
N TRP B 7 6.81 -16.14 -51.91
CA TRP B 7 5.91 -15.25 -52.64
C TRP B 7 6.03 -13.82 -52.15
N LEU B 8 6.13 -13.63 -50.82
CA LEU B 8 6.33 -12.30 -50.27
C LEU B 8 7.65 -11.69 -50.74
N ARG B 9 8.68 -12.52 -50.89
CA ARG B 9 9.99 -12.02 -51.32
C ARG B 9 10.03 -11.67 -52.80
N GLU B 10 9.01 -12.04 -53.58
CA GLU B 10 8.92 -11.55 -54.95
C GLU B 10 8.63 -10.06 -54.99
N TRP B 11 8.02 -9.53 -53.93
CA TRP B 11 7.71 -8.11 -53.83
C TRP B 11 8.78 -7.34 -53.08
N VAL B 12 9.35 -7.95 -52.03
CA VAL B 12 10.41 -7.32 -51.26
C VAL B 12 11.25 -8.42 -50.61
N ASN B 13 12.55 -8.43 -50.90
CA ASN B 13 13.48 -9.46 -50.42
C ASN B 13 14.60 -8.79 -49.64
N PRO B 14 14.48 -8.68 -48.32
CA PRO B 14 15.57 -8.14 -47.52
C PRO B 14 16.66 -9.17 -47.26
N ALA B 15 17.89 -8.68 -47.16
CA ALA B 15 19.05 -9.54 -46.92
C ALA B 15 19.05 -9.96 -45.46
N ILE B 16 18.18 -10.92 -45.15
CA ILE B 16 18.02 -11.41 -43.79
C ILE B 16 17.32 -12.77 -43.87
N ASP B 17 17.45 -13.56 -42.81
CA ASP B 17 16.90 -14.91 -42.80
C ASP B 17 15.38 -14.88 -42.62
N SER B 18 14.77 -16.04 -42.44
CA SER B 18 13.32 -16.14 -42.36
C SER B 18 12.80 -15.67 -41.02
N ASP B 19 13.25 -16.30 -39.93
CA ASP B 19 12.78 -15.93 -38.59
C ASP B 19 13.12 -14.49 -38.24
N ALA B 20 14.14 -13.92 -38.87
CA ALA B 20 14.42 -12.50 -38.69
C ALA B 20 13.44 -11.63 -39.48
N LEU B 21 13.02 -12.08 -40.67
CA LEU B 21 11.94 -11.39 -41.37
C LEU B 21 10.63 -11.53 -40.61
N ALA B 22 10.39 -12.69 -40.00
CA ALA B 22 9.22 -12.86 -39.15
C ALA B 22 9.26 -11.89 -37.97
N ASN B 23 10.45 -11.68 -37.41
CA ASN B 23 10.60 -10.67 -36.37
C ASN B 23 10.33 -9.27 -36.91
N GLN B 24 10.63 -9.04 -38.19
CA GLN B 24 10.34 -7.75 -38.79
C GLN B 24 8.84 -7.56 -39.03
N ILE B 25 8.17 -8.62 -39.48
CA ILE B 25 6.72 -8.56 -39.63
C ILE B 25 6.05 -8.32 -38.28
N THR B 26 6.54 -8.99 -37.24
CA THR B 26 5.98 -8.82 -35.91
C THR B 26 6.18 -7.40 -35.40
N MET B 27 7.34 -6.80 -35.67
CA MET B 27 7.60 -5.45 -35.22
C MET B 27 6.84 -4.39 -36.02
N ALA B 28 6.17 -4.78 -37.10
CA ALA B 28 5.34 -3.86 -37.86
C ALA B 28 3.91 -3.79 -37.35
N GLY B 29 3.58 -4.55 -36.30
CA GLY B 29 2.23 -4.60 -35.77
C GLY B 29 1.44 -5.82 -36.14
N LEU B 30 2.03 -6.76 -36.86
CA LEU B 30 1.36 -7.98 -37.31
C LEU B 30 2.03 -9.16 -36.61
N GLU B 31 1.55 -9.50 -35.42
CA GLU B 31 2.14 -10.58 -34.65
C GLU B 31 2.06 -11.89 -35.43
N VAL B 32 3.19 -12.59 -35.50
CA VAL B 32 3.24 -13.90 -36.15
C VAL B 32 2.86 -14.96 -35.12
N ASP B 33 2.00 -15.88 -35.53
CA ASP B 33 1.56 -16.97 -34.66
C ASP B 33 2.27 -18.29 -34.95
N GLY B 34 2.81 -18.45 -36.15
CA GLY B 34 3.52 -19.66 -36.50
C GLY B 34 4.22 -19.57 -37.84
N VAL B 35 5.41 -20.17 -37.94
CA VAL B 35 6.18 -20.22 -39.17
C VAL B 35 6.58 -21.67 -39.38
N GLU B 36 5.83 -22.37 -40.24
CA GLU B 36 6.03 -23.79 -40.44
C GLU B 36 6.56 -24.06 -41.85
N PRO B 37 7.31 -25.15 -42.04
CA PRO B 37 7.83 -25.45 -43.38
C PRO B 37 6.72 -25.87 -44.33
N VAL B 38 6.95 -25.61 -45.61
CA VAL B 38 5.95 -25.91 -46.63
C VAL B 38 5.81 -27.42 -46.82
N ALA B 39 6.92 -28.13 -46.92
CA ALA B 39 6.92 -29.57 -47.14
C ALA B 39 7.84 -30.24 -46.12
N GLY B 40 7.69 -31.56 -46.03
CA GLY B 40 8.51 -32.35 -45.12
C GLY B 40 9.96 -32.37 -45.54
N SER B 41 10.77 -33.00 -44.69
CA SER B 41 12.21 -33.08 -44.91
C SER B 41 12.55 -34.38 -45.63
N PHE B 42 13.32 -34.27 -46.70
CA PHE B 42 13.74 -35.42 -47.49
C PHE B 42 14.86 -34.97 -48.43
N HIS B 43 15.33 -35.91 -49.25
CA HIS B 43 16.34 -35.62 -50.26
C HIS B 43 16.31 -36.75 -51.29
N GLY B 44 17.02 -36.53 -52.39
CA GLY B 44 17.16 -37.55 -53.42
C GLY B 44 15.95 -37.74 -54.31
N VAL B 45 14.97 -36.86 -54.26
CA VAL B 45 13.79 -36.94 -55.11
C VAL B 45 13.98 -35.94 -56.25
N VAL B 46 13.92 -36.44 -57.49
CA VAL B 46 14.18 -35.64 -58.68
C VAL B 46 12.99 -35.73 -59.62
N VAL B 47 12.99 -34.86 -60.62
CA VAL B 47 11.97 -34.87 -61.66
C VAL B 47 12.24 -36.02 -62.62
N GLY B 48 11.16 -36.58 -63.17
CA GLY B 48 11.29 -37.67 -64.12
C GLY B 48 10.18 -37.64 -65.13
N GLU B 49 10.39 -38.37 -66.23
CA GLU B 49 9.42 -38.52 -67.30
C GLU B 49 9.21 -40.01 -67.56
N VAL B 50 7.96 -40.46 -67.44
CA VAL B 50 7.64 -41.86 -67.69
C VAL B 50 7.57 -42.07 -69.20
N VAL B 51 8.59 -42.76 -69.74
CA VAL B 51 8.65 -42.95 -71.19
C VAL B 51 7.68 -44.02 -71.65
N GLU B 52 7.46 -45.05 -70.84
CA GLU B 52 6.52 -46.11 -71.19
C GLU B 52 5.78 -46.57 -69.94
N CYS B 53 4.49 -46.87 -70.10
CA CYS B 53 3.65 -47.38 -69.02
C CYS B 53 2.85 -48.56 -69.55
N ALA B 54 2.96 -49.70 -68.85
CA ALA B 54 2.29 -50.91 -69.28
C ALA B 54 1.66 -51.61 -68.08
N GLN B 55 0.74 -52.52 -68.38
CA GLN B 55 0.04 -53.27 -67.34
C GLN B 55 0.99 -54.20 -66.62
N HIS B 56 0.83 -54.30 -65.30
CA HIS B 56 1.62 -55.25 -64.52
C HIS B 56 1.18 -56.67 -64.86
N PRO B 57 2.10 -57.58 -65.18
CA PRO B 57 1.68 -58.92 -65.61
C PRO B 57 1.02 -59.74 -64.52
N ASN B 58 1.40 -59.54 -63.26
CA ASN B 58 0.88 -60.35 -62.16
C ASN B 58 0.15 -59.54 -61.11
N ALA B 59 -0.11 -58.26 -61.37
CA ALA B 59 -0.85 -57.40 -60.46
C ALA B 59 -1.93 -56.66 -61.23
N ASP B 60 -3.15 -56.73 -60.74
CA ASP B 60 -4.31 -56.18 -61.44
C ASP B 60 -4.18 -54.68 -61.68
N LYS B 61 -4.25 -53.90 -60.59
CA LYS B 61 -4.35 -52.44 -60.69
C LYS B 61 -2.99 -51.76 -60.54
N LEU B 62 -1.91 -52.45 -60.86
CA LEU B 62 -0.58 -51.86 -60.85
C LEU B 62 -0.08 -51.69 -62.28
N ARG B 63 1.07 -51.05 -62.42
CA ARG B 63 1.68 -50.82 -63.73
C ARG B 63 3.20 -50.77 -63.57
N VAL B 64 3.90 -51.43 -64.49
CA VAL B 64 5.35 -51.37 -64.57
C VAL B 64 5.73 -50.31 -65.59
N THR B 65 6.64 -49.41 -65.22
CA THR B 65 6.96 -48.25 -66.04
C THR B 65 8.46 -48.10 -66.20
N LYS B 66 8.83 -47.40 -67.27
CA LYS B 66 10.20 -46.95 -67.51
C LYS B 66 10.21 -45.43 -67.44
N VAL B 67 10.95 -44.89 -66.47
CA VAL B 67 11.01 -43.45 -66.23
C VAL B 67 12.42 -42.97 -66.50
N ASN B 68 12.52 -41.78 -67.11
CA ASN B 68 13.81 -41.16 -67.42
C ASN B 68 14.12 -40.09 -66.40
N VAL B 69 15.30 -40.18 -65.79
CA VAL B 69 15.77 -39.19 -64.83
C VAL B 69 17.04 -38.50 -65.34
N GLY B 70 17.34 -38.63 -66.62
CA GLY B 70 18.55 -38.06 -67.18
C GLY B 70 19.83 -38.70 -66.69
N GLY B 71 19.75 -39.90 -66.15
CA GLY B 71 20.91 -40.58 -65.60
C GLY B 71 21.60 -41.49 -66.61
N ASP B 72 22.20 -42.56 -66.10
CA ASP B 72 22.94 -43.48 -66.96
C ASP B 72 22.01 -44.24 -67.88
N ARG B 73 20.83 -44.60 -67.41
CA ARG B 73 19.86 -45.35 -68.19
C ARG B 73 18.48 -45.19 -67.55
N LEU B 74 17.47 -45.74 -68.21
CA LEU B 74 16.09 -45.63 -67.74
C LEU B 74 15.86 -46.57 -66.58
N LEU B 75 15.10 -46.10 -65.59
CA LEU B 75 14.83 -46.88 -64.38
C LEU B 75 13.50 -47.62 -64.52
N ASP B 76 13.45 -48.80 -63.90
CA ASP B 76 12.21 -49.59 -63.83
C ASP B 76 11.49 -49.24 -62.53
N ILE B 77 10.27 -48.72 -62.66
CA ILE B 77 9.46 -48.31 -61.50
C ILE B 77 8.09 -48.93 -61.64
N VAL B 78 7.59 -49.51 -60.54
CA VAL B 78 6.23 -50.02 -60.47
C VAL B 78 5.37 -48.99 -59.75
N CYS B 79 4.20 -48.71 -60.31
CA CYS B 79 3.29 -47.71 -59.75
C CYS B 79 1.86 -48.21 -59.86
N GLY B 80 1.09 -47.96 -58.80
CA GLY B 80 -0.30 -48.40 -58.77
C GLY B 80 -1.30 -47.27 -58.75
N ALA B 81 -0.81 -46.03 -58.82
CA ALA B 81 -1.70 -44.89 -58.82
C ALA B 81 -2.57 -44.91 -60.08
N PRO B 82 -3.85 -44.50 -59.99
CA PRO B 82 -4.72 -44.55 -61.16
C PRO B 82 -4.37 -43.53 -62.24
N ASN B 83 -3.64 -42.47 -61.91
CA ASN B 83 -3.31 -41.42 -62.86
C ASN B 83 -1.93 -41.60 -63.47
N CYS B 84 -1.34 -42.79 -63.35
CA CYS B 84 -0.05 -43.07 -63.95
C CYS B 84 -0.24 -43.48 -65.41
N ARG B 85 0.16 -42.61 -66.33
CA ARG B 85 0.05 -42.86 -67.76
C ARG B 85 1.37 -42.47 -68.42
N GLN B 86 1.43 -42.64 -69.74
CA GLN B 86 2.64 -42.42 -70.50
C GLN B 86 2.80 -40.94 -70.86
N GLY B 87 4.06 -40.51 -70.94
CA GLY B 87 4.37 -39.14 -71.30
C GLY B 87 4.19 -38.13 -70.18
N LEU B 88 4.07 -38.58 -68.94
CA LEU B 88 3.84 -37.69 -67.81
C LEU B 88 5.16 -37.27 -67.17
N ARG B 89 5.13 -36.12 -66.50
CA ARG B 89 6.25 -35.63 -65.71
C ARG B 89 5.87 -35.76 -64.23
N VAL B 90 6.69 -36.48 -63.46
CA VAL B 90 6.36 -36.86 -62.10
C VAL B 90 7.58 -36.63 -61.21
N ALA B 91 7.41 -36.90 -59.92
CA ALA B 91 8.49 -36.85 -58.95
C ALA B 91 8.96 -38.27 -58.65
N VAL B 92 10.26 -38.51 -58.82
CA VAL B 92 10.84 -39.84 -58.71
C VAL B 92 11.73 -39.88 -57.48
N ALA B 93 11.51 -40.88 -56.62
CA ALA B 93 12.33 -41.10 -55.44
C ALA B 93 13.36 -42.18 -55.78
N THR B 94 14.59 -41.77 -56.06
CA THR B 94 15.61 -42.68 -56.54
C THR B 94 16.17 -43.51 -55.39
N ILE B 95 17.12 -44.39 -55.73
CA ILE B 95 17.76 -45.24 -54.73
C ILE B 95 18.67 -44.40 -53.85
N GLY B 96 18.65 -44.67 -52.54
CA GLY B 96 19.38 -43.88 -51.58
C GLY B 96 18.59 -42.73 -51.01
N ALA B 97 17.54 -42.28 -51.69
CA ALA B 97 16.71 -41.20 -51.18
C ALA B 97 15.93 -41.65 -49.95
N VAL B 98 15.67 -40.70 -49.06
CA VAL B 98 14.90 -40.94 -47.86
C VAL B 98 13.71 -40.00 -47.87
N LEU B 99 12.60 -40.44 -47.27
CA LEU B 99 11.36 -39.68 -47.28
C LEU B 99 10.92 -39.38 -45.84
N PRO B 100 9.90 -38.56 -45.63
CA PRO B 100 9.39 -38.35 -44.27
C PRO B 100 9.08 -39.66 -43.57
N GLY B 101 9.37 -39.72 -42.28
CA GLY B 101 9.35 -40.95 -41.53
C GLY B 101 10.64 -41.74 -41.61
N ASP B 102 11.67 -41.18 -42.25
CA ASP B 102 12.96 -41.86 -42.46
C ASP B 102 12.75 -43.20 -43.16
N PHE B 103 11.84 -43.22 -44.13
CA PHE B 103 11.57 -44.41 -44.94
C PHE B 103 12.51 -44.38 -46.14
N LYS B 104 13.69 -44.98 -45.96
CA LYS B 104 14.69 -45.01 -47.01
C LYS B 104 14.22 -45.87 -48.18
N ILE B 105 14.55 -45.44 -49.39
CA ILE B 105 14.08 -46.09 -50.61
C ILE B 105 15.14 -47.09 -51.06
N LYS B 106 14.74 -48.36 -51.18
CA LYS B 106 15.64 -49.44 -51.54
C LYS B 106 15.21 -50.05 -52.87
N ALA B 107 16.18 -50.59 -53.60
CA ALA B 107 15.88 -51.31 -54.83
C ALA B 107 15.30 -52.68 -54.48
N ALA B 108 14.06 -52.92 -54.87
CA ALA B 108 13.38 -54.16 -54.55
C ALA B 108 12.39 -54.49 -55.64
N LYS B 109 11.84 -55.71 -55.56
CA LYS B 109 10.84 -56.19 -56.51
C LYS B 109 9.46 -56.12 -55.86
N LEU B 110 8.49 -55.57 -56.59
CA LEU B 110 7.13 -55.43 -56.13
C LEU B 110 6.22 -56.33 -56.97
N ARG B 111 5.65 -57.36 -56.32
CA ARG B 111 4.76 -58.31 -56.99
C ARG B 111 5.45 -59.02 -58.16
N GLY B 112 6.77 -59.22 -58.06
CA GLY B 112 7.54 -59.92 -59.06
C GLY B 112 8.37 -59.01 -59.96
N GLU B 113 7.90 -57.80 -60.22
CA GLU B 113 8.68 -56.94 -61.10
C GLU B 113 9.59 -56.02 -60.29
N PRO B 114 10.80 -55.74 -60.79
CA PRO B 114 11.71 -54.88 -60.04
C PRO B 114 11.24 -53.43 -60.03
N SER B 115 11.74 -52.68 -59.05
CA SER B 115 11.36 -51.28 -58.89
C SER B 115 12.54 -50.54 -58.25
N GLU B 116 13.25 -49.78 -59.06
CA GLU B 116 14.43 -49.02 -58.61
C GLU B 116 14.05 -47.66 -58.04
N GLY B 117 12.94 -47.57 -57.34
CA GLY B 117 12.46 -46.33 -56.77
C GLY B 117 10.94 -46.33 -56.70
N MET B 118 10.37 -45.13 -56.74
CA MET B 118 8.92 -45.00 -56.66
C MET B 118 8.53 -43.60 -57.12
N LEU B 119 7.25 -43.47 -57.48
CA LEU B 119 6.66 -42.18 -57.85
C LEU B 119 5.91 -41.62 -56.65
N CYS B 120 6.14 -40.34 -56.38
CA CYS B 120 5.64 -39.72 -55.16
C CYS B 120 4.31 -39.02 -55.39
N SER B 121 3.57 -38.84 -54.29
CA SER B 121 2.42 -37.96 -54.23
C SER B 121 2.67 -36.89 -53.19
N PHE B 122 1.77 -35.91 -53.13
CA PHE B 122 1.91 -34.86 -52.12
C PHE B 122 1.80 -35.42 -50.71
N SER B 123 1.09 -36.54 -50.53
CA SER B 123 1.02 -37.17 -49.22
C SER B 123 2.34 -37.81 -48.85
N GLU B 124 3.02 -38.43 -49.81
CA GLU B 124 4.31 -39.07 -49.54
C GLU B 124 5.41 -38.06 -49.26
N LEU B 125 5.26 -36.81 -49.70
CA LEU B 125 6.25 -35.78 -49.45
C LEU B 125 5.88 -34.86 -48.29
N GLY B 126 4.75 -35.10 -47.63
CA GLY B 126 4.31 -34.22 -46.58
C GLY B 126 3.76 -32.89 -47.04
N ILE B 127 3.35 -32.80 -48.30
CA ILE B 127 2.86 -31.53 -48.84
C ILE B 127 1.38 -31.33 -48.51
N SER B 128 0.56 -32.31 -48.86
CA SER B 128 -0.88 -32.23 -48.64
C SER B 128 -1.37 -33.57 -48.10
N ASP B 129 -2.68 -33.71 -47.97
CA ASP B 129 -3.31 -34.97 -47.60
C ASP B 129 -3.92 -35.67 -48.80
N ASP B 130 -3.60 -35.23 -50.01
CA ASP B 130 -4.12 -35.81 -51.24
C ASP B 130 -3.27 -37.01 -51.63
N HIS B 131 -3.78 -38.22 -51.40
CA HIS B 131 -3.12 -39.44 -51.81
C HIS B 131 -3.89 -40.17 -52.91
N SER B 132 -4.72 -39.44 -53.65
CA SER B 132 -5.50 -40.06 -54.73
C SER B 132 -4.60 -40.52 -55.87
N GLY B 133 -3.66 -39.67 -56.28
CA GLY B 133 -2.74 -40.00 -57.35
C GLY B 133 -1.37 -39.41 -57.10
N ILE B 134 -0.47 -39.66 -58.06
CA ILE B 134 0.90 -39.15 -57.97
C ILE B 134 0.93 -37.69 -58.42
N ILE B 135 2.06 -37.03 -58.20
CA ILE B 135 2.20 -35.63 -58.59
C ILE B 135 2.31 -35.53 -60.10
N GLU B 136 1.56 -34.60 -60.69
CA GLU B 136 1.61 -34.32 -62.12
C GLU B 136 2.28 -32.96 -62.31
N LEU B 137 3.47 -32.99 -62.90
CA LEU B 137 4.27 -31.79 -63.14
C LEU B 137 4.01 -31.27 -64.54
N PRO B 138 4.27 -29.98 -64.78
CA PRO B 138 4.15 -29.46 -66.15
C PRO B 138 5.17 -30.12 -67.07
N ALA B 139 4.81 -30.18 -68.35
CA ALA B 139 5.69 -30.82 -69.34
C ALA B 139 7.02 -30.09 -69.51
N ASP B 140 7.14 -28.87 -68.99
CA ASP B 140 8.38 -28.11 -69.05
C ASP B 140 9.30 -28.41 -67.86
N ALA B 141 9.03 -29.46 -67.11
CA ALA B 141 9.81 -29.74 -65.92
C ALA B 141 11.20 -30.23 -66.30
N PRO B 142 12.25 -29.72 -65.64
CA PRO B 142 13.63 -30.10 -65.99
C PRO B 142 13.97 -31.48 -65.44
N ILE B 143 14.37 -32.39 -66.33
CA ILE B 143 14.70 -33.75 -65.92
C ILE B 143 15.98 -33.74 -65.10
N GLY B 144 16.05 -34.65 -64.11
CA GLY B 144 17.21 -34.76 -63.26
C GLY B 144 17.33 -33.70 -62.18
N THR B 145 16.48 -32.68 -62.21
CA THR B 145 16.52 -31.64 -61.19
C THR B 145 15.76 -32.07 -59.95
N ASP B 146 16.27 -31.69 -58.79
CA ASP B 146 15.55 -31.94 -57.54
C ASP B 146 14.22 -31.19 -57.55
N ILE B 147 13.16 -31.85 -57.09
CA ILE B 147 11.86 -31.19 -57.04
C ILE B 147 11.82 -30.11 -55.96
N ARG B 148 12.72 -30.16 -54.98
CA ARG B 148 12.80 -29.08 -54.01
C ARG B 148 13.17 -27.76 -54.68
N GLU B 149 14.05 -27.82 -55.68
CA GLU B 149 14.40 -26.61 -56.42
C GLU B 149 13.34 -26.25 -57.45
N TYR B 150 12.63 -27.24 -58.00
CA TYR B 150 11.63 -26.96 -59.01
C TYR B 150 10.28 -26.57 -58.39
N LEU B 151 9.96 -27.10 -57.22
CA LEU B 151 8.71 -26.78 -56.54
C LEU B 151 8.90 -25.76 -55.42
N LYS B 152 10.13 -25.30 -55.19
CA LYS B 152 10.44 -24.32 -54.15
C LYS B 152 9.96 -24.80 -52.78
N LEU B 153 10.24 -26.07 -52.48
CA LEU B 153 9.80 -26.66 -51.22
C LEU B 153 10.60 -26.18 -50.03
N ASP B 154 11.76 -25.55 -50.25
CA ASP B 154 12.52 -24.92 -49.18
C ASP B 154 11.93 -23.55 -48.85
N ASP B 155 10.67 -23.59 -48.41
CA ASP B 155 9.87 -22.39 -48.18
C ASP B 155 9.10 -22.55 -46.88
N ASN B 156 8.64 -21.42 -46.34
CA ASN B 156 7.86 -21.41 -45.12
C ASN B 156 6.54 -20.67 -45.35
N THR B 157 5.56 -21.01 -44.53
CA THR B 157 4.25 -20.35 -44.54
C THR B 157 4.08 -19.60 -43.22
N ILE B 158 3.97 -18.28 -43.30
CA ILE B 158 3.89 -17.42 -42.14
C ILE B 158 2.43 -17.12 -41.86
N GLU B 159 1.95 -17.51 -40.68
CA GLU B 159 0.59 -17.22 -40.25
C GLU B 159 0.62 -16.04 -39.29
N ILE B 160 -0.06 -14.96 -39.65
CA ILE B 160 -0.08 -13.74 -38.86
C ILE B 160 -1.53 -13.42 -38.48
N SER B 161 -1.71 -12.89 -37.27
CA SER B 161 -3.00 -12.36 -36.85
C SER B 161 -3.04 -10.88 -37.15
N VAL B 162 -3.99 -10.46 -37.99
CA VAL B 162 -4.07 -9.09 -38.47
C VAL B 162 -5.14 -8.36 -37.66
N THR B 163 -4.74 -7.29 -36.99
CA THR B 163 -5.68 -6.47 -36.25
C THR B 163 -6.61 -5.73 -37.22
N PRO B 164 -7.82 -5.37 -36.80
CA PRO B 164 -8.76 -4.73 -37.72
C PRO B 164 -8.32 -3.37 -38.21
N ASN B 165 -7.34 -2.72 -37.56
CA ASN B 165 -6.89 -1.42 -38.01
C ASN B 165 -6.00 -1.52 -39.26
N ARG B 166 -5.31 -2.64 -39.44
CA ARG B 166 -4.45 -2.84 -40.60
C ARG B 166 -5.20 -3.67 -41.66
N ALA B 167 -6.25 -3.04 -42.22
CA ALA B 167 -7.06 -3.73 -43.22
C ALA B 167 -6.27 -4.01 -44.49
N ASP B 168 -5.24 -3.20 -44.77
CA ASP B 168 -4.46 -3.39 -45.99
C ASP B 168 -3.59 -4.64 -45.94
N CYS B 169 -3.26 -5.13 -44.74
CA CYS B 169 -2.36 -6.27 -44.60
C CYS B 169 -3.05 -7.62 -44.73
N LEU B 170 -4.13 -7.69 -45.52
CA LEU B 170 -4.81 -8.94 -45.80
C LEU B 170 -4.47 -9.50 -47.18
N GLY B 171 -3.34 -9.07 -47.75
CA GLY B 171 -2.88 -9.57 -49.03
C GLY B 171 -1.38 -9.53 -49.07
N ILE B 172 -0.82 -10.21 -50.09
CA ILE B 172 0.63 -10.23 -50.27
C ILE B 172 1.15 -8.81 -50.46
N ILE B 173 0.42 -7.99 -51.20
CA ILE B 173 0.89 -6.62 -51.49
C ILE B 173 0.84 -5.77 -50.22
N GLY B 174 -0.15 -5.99 -49.37
CA GLY B 174 -0.25 -5.20 -48.15
C GLY B 174 0.87 -5.49 -47.18
N VAL B 175 1.10 -6.78 -46.90
CA VAL B 175 2.18 -7.16 -45.98
C VAL B 175 3.53 -6.74 -46.55
N ALA B 176 3.72 -6.90 -47.87
CA ALA B 176 4.99 -6.54 -48.49
C ALA B 176 5.21 -5.04 -48.46
N ARG B 177 4.13 -4.26 -48.60
CA ARG B 177 4.27 -2.80 -48.58
C ARG B 177 4.79 -2.31 -47.24
N ASP B 178 4.29 -2.90 -46.14
CA ASP B 178 4.71 -2.46 -44.81
C ASP B 178 6.10 -2.96 -44.46
N VAL B 179 6.49 -4.14 -44.96
CA VAL B 179 7.84 -4.62 -44.74
C VAL B 179 8.85 -3.74 -45.47
N ALA B 180 8.47 -3.19 -46.62
CA ALA B 180 9.38 -2.34 -47.39
C ALA B 180 9.67 -1.03 -46.67
N VAL B 181 8.70 -0.48 -45.94
CA VAL B 181 8.90 0.80 -45.27
C VAL B 181 9.88 0.64 -44.10
N LEU B 182 9.80 -0.49 -43.39
CA LEU B 182 10.72 -0.71 -42.28
C LEU B 182 12.15 -0.89 -42.74
N ASN B 183 12.34 -1.47 -43.93
CA ASN B 183 13.67 -1.69 -44.49
C ASN B 183 14.11 -0.58 -45.43
N GLN B 184 13.27 0.42 -45.66
CA GLN B 184 13.55 1.50 -46.61
C GLN B 184 13.88 0.94 -48.00
N LEU B 185 13.10 -0.07 -48.41
CA LEU B 185 13.33 -0.76 -49.68
C LEU B 185 12.19 -0.49 -50.66
N PRO B 186 12.46 -0.55 -51.96
CA PRO B 186 11.40 -0.36 -52.94
C PRO B 186 10.54 -1.62 -53.10
N LEU B 187 9.30 -1.41 -53.51
CA LEU B 187 8.34 -2.50 -53.68
C LEU B 187 8.37 -2.98 -55.13
N VAL B 188 8.66 -4.26 -55.33
CA VAL B 188 8.73 -4.86 -56.65
C VAL B 188 7.33 -5.34 -57.01
N GLN B 189 6.59 -4.51 -57.76
CA GLN B 189 5.24 -4.95 -58.08
C GLN B 189 5.20 -5.57 -59.47
N PRO B 190 4.43 -6.65 -59.64
CA PRO B 190 4.32 -7.28 -60.96
C PRO B 190 3.64 -6.35 -61.95
N GLU B 191 4.11 -6.39 -63.19
CA GLU B 191 3.55 -5.57 -64.27
C GLU B 191 2.19 -6.14 -64.66
N ILE B 192 1.13 -5.54 -64.14
CA ILE B 192 -0.24 -5.97 -64.45
C ILE B 192 -0.72 -5.10 -65.61
N VAL B 193 -0.63 -5.65 -66.82
CA VAL B 193 -1.04 -4.92 -68.03
C VAL B 193 -2.53 -5.17 -68.28
N PRO B 194 -3.28 -4.14 -68.68
CA PRO B 194 -4.67 -4.39 -69.07
C PRO B 194 -4.72 -5.27 -70.31
N VAL B 195 -5.77 -6.11 -70.37
CA VAL B 195 -5.97 -7.02 -71.50
C VAL B 195 -7.02 -6.40 -72.41
N GLY B 196 -6.72 -6.37 -73.71
CA GLY B 196 -7.61 -5.72 -74.66
C GLY B 196 -8.86 -6.55 -74.90
N ALA B 197 -10.02 -5.91 -74.79
CA ALA B 197 -11.28 -6.60 -75.04
C ALA B 197 -11.41 -6.92 -76.52
N THR B 198 -11.66 -8.21 -76.82
CA THR B 198 -11.75 -8.67 -78.19
C THR B 198 -13.18 -8.86 -78.67
N ILE B 199 -14.16 -8.85 -77.76
CA ILE B 199 -15.57 -8.91 -78.11
C ILE B 199 -16.29 -7.75 -77.44
N ASP B 200 -17.42 -7.36 -78.02
CA ASP B 200 -18.21 -6.24 -77.52
C ASP B 200 -19.39 -6.69 -76.67
N ASP B 201 -19.28 -7.85 -76.03
CA ASP B 201 -20.35 -8.37 -75.19
C ASP B 201 -20.35 -7.68 -73.83
N THR B 202 -21.52 -7.24 -73.40
CA THR B 202 -21.71 -6.63 -72.08
C THR B 202 -23.06 -7.08 -71.54
N LEU B 203 -23.52 -6.39 -70.50
CA LEU B 203 -24.85 -6.59 -69.93
C LEU B 203 -25.17 -5.43 -69.00
N PRO B 204 -26.43 -5.02 -68.89
CA PRO B 204 -26.76 -3.86 -68.06
C PRO B 204 -26.53 -4.15 -66.58
N ILE B 205 -25.82 -3.23 -65.92
CA ILE B 205 -25.55 -3.32 -64.49
C ILE B 205 -25.98 -2.01 -63.84
N THR B 206 -26.93 -2.08 -62.93
CA THR B 206 -27.41 -0.91 -62.19
C THR B 206 -27.38 -1.20 -60.71
N VAL B 207 -26.74 -0.32 -59.94
CA VAL B 207 -26.70 -0.41 -58.49
C VAL B 207 -27.74 0.54 -57.91
N GLU B 208 -28.54 0.04 -56.97
CA GLU B 208 -29.59 0.84 -56.35
C GLU B 208 -29.18 1.42 -55.00
N ALA B 209 -28.08 0.92 -54.42
CA ALA B 209 -27.53 1.45 -53.17
C ALA B 209 -26.10 1.89 -53.44
N PRO B 210 -25.92 3.11 -53.96
CA PRO B 210 -24.56 3.59 -54.23
C PRO B 210 -23.75 3.84 -52.97
N GLU B 211 -24.40 4.08 -51.82
CA GLU B 211 -23.66 4.27 -50.58
C GLU B 211 -23.05 2.96 -50.08
N ALA B 212 -23.66 1.82 -50.44
CA ALA B 212 -23.16 0.53 -50.01
C ALA B 212 -22.18 -0.08 -50.99
N CYS B 213 -22.35 0.19 -52.28
CA CYS B 213 -21.46 -0.31 -53.33
C CYS B 213 -21.05 0.87 -54.21
N PRO B 214 -20.07 1.66 -53.77
CA PRO B 214 -19.63 2.80 -54.58
C PRO B 214 -19.00 2.41 -55.91
N ARG B 215 -18.57 1.16 -56.06
CA ARG B 215 -17.97 0.72 -57.32
C ARG B 215 -18.27 -0.77 -57.51
N TYR B 216 -18.74 -1.13 -58.70
CA TYR B 216 -18.99 -2.51 -59.08
C TYR B 216 -18.47 -2.70 -60.50
N LEU B 217 -17.58 -3.67 -60.69
CA LEU B 217 -16.97 -3.92 -61.98
C LEU B 217 -17.42 -5.29 -62.50
N GLY B 218 -18.13 -5.28 -63.62
CA GLY B 218 -18.55 -6.50 -64.29
C GLY B 218 -17.79 -6.67 -65.59
N ARG B 219 -17.31 -7.90 -65.82
CA ARG B 219 -16.64 -8.23 -67.07
C ARG B 219 -17.03 -9.65 -67.46
N VAL B 220 -17.54 -9.81 -68.68
CA VAL B 220 -18.01 -11.08 -69.18
C VAL B 220 -16.88 -11.74 -69.98
N VAL B 221 -16.63 -13.01 -69.72
CA VAL B 221 -15.66 -13.80 -70.45
C VAL B 221 -16.42 -14.93 -71.15
N LYS B 222 -16.44 -14.89 -72.48
CA LYS B 222 -17.24 -15.83 -73.26
C LYS B 222 -16.45 -17.08 -73.61
N GLY B 223 -17.10 -18.23 -73.45
CA GLY B 223 -16.53 -19.50 -73.87
C GLY B 223 -15.24 -19.89 -73.16
N ILE B 224 -15.35 -20.33 -71.90
CA ILE B 224 -14.19 -20.79 -71.16
C ILE B 224 -14.37 -22.26 -70.82
N ASN B 225 -13.25 -22.92 -70.53
CA ASN B 225 -13.23 -24.33 -70.15
C ASN B 225 -13.08 -24.40 -68.64
N VAL B 226 -14.19 -24.64 -67.94
CA VAL B 226 -14.16 -24.68 -66.48
C VAL B 226 -13.34 -25.87 -65.98
N LYS B 227 -13.35 -26.97 -66.73
CA LYS B 227 -12.64 -28.18 -66.32
C LYS B 227 -11.13 -28.08 -66.50
N ALA B 228 -10.62 -26.94 -66.92
CA ALA B 228 -9.18 -26.80 -67.11
C ALA B 228 -8.46 -26.94 -65.77
N PRO B 229 -7.32 -27.61 -65.74
CA PRO B 229 -6.61 -27.80 -64.46
C PRO B 229 -5.86 -26.54 -64.06
N THR B 230 -5.86 -26.27 -62.76
CA THR B 230 -5.08 -25.16 -62.24
C THR B 230 -3.59 -25.47 -62.36
N PRO B 231 -2.80 -24.60 -62.97
CA PRO B 231 -1.36 -24.87 -63.09
C PRO B 231 -0.71 -25.02 -61.72
N LEU B 232 0.40 -25.76 -61.69
CA LEU B 232 1.00 -26.14 -60.42
C LEU B 232 1.53 -24.94 -59.66
N TRP B 233 2.03 -23.92 -60.36
CA TRP B 233 2.53 -22.73 -59.66
C TRP B 233 1.42 -22.03 -58.89
N MET B 234 0.18 -22.10 -59.38
CA MET B 234 -0.94 -21.48 -58.68
C MET B 234 -1.50 -22.38 -57.59
N LYS B 235 -1.49 -23.71 -57.81
CA LYS B 235 -1.93 -24.63 -56.78
C LYS B 235 -1.01 -24.57 -55.55
N GLU B 236 0.29 -24.38 -55.78
CA GLU B 236 1.22 -24.31 -54.65
C GLU B 236 1.11 -22.98 -53.92
N LYS B 237 1.03 -21.87 -54.67
CA LYS B 237 0.89 -20.57 -54.02
C LYS B 237 -0.39 -20.49 -53.20
N LEU B 238 -1.49 -21.06 -53.73
CA LEU B 238 -2.74 -21.07 -53.00
C LEU B 238 -2.63 -21.93 -51.73
N ARG B 239 -2.06 -23.12 -51.86
CA ARG B 239 -1.98 -24.03 -50.72
C ARG B 239 -1.10 -23.47 -49.62
N ARG B 240 -0.02 -22.78 -49.98
CA ARG B 240 0.87 -22.18 -48.99
C ARG B 240 0.26 -20.97 -48.30
N CYS B 241 -0.92 -20.53 -48.73
CA CYS B 241 -1.62 -19.43 -48.09
C CYS B 241 -2.87 -19.90 -47.36
N GLY B 242 -3.05 -21.22 -47.22
CA GLY B 242 -4.17 -21.76 -46.48
C GLY B 242 -5.40 -22.10 -47.30
N ILE B 243 -5.39 -21.82 -48.60
CA ILE B 243 -6.54 -22.04 -49.46
C ILE B 243 -6.25 -23.22 -50.38
N ARG B 244 -7.13 -24.22 -50.36
CA ARG B 244 -6.97 -25.40 -51.19
C ARG B 244 -7.66 -25.22 -52.53
N SER B 245 -7.16 -25.96 -53.53
CA SER B 245 -7.63 -25.83 -54.90
C SER B 245 -9.00 -26.48 -55.07
N ILE B 246 -9.87 -25.82 -55.83
CA ILE B 246 -11.20 -26.34 -56.14
C ILE B 246 -11.36 -26.39 -57.66
N ASP B 247 -11.87 -25.32 -58.25
CA ASP B 247 -12.05 -25.21 -59.69
C ASP B 247 -11.09 -24.16 -60.25
N ALA B 248 -10.96 -24.17 -61.58
CA ALA B 248 -10.02 -23.27 -62.23
C ALA B 248 -10.42 -21.80 -62.06
N VAL B 249 -11.72 -21.51 -62.05
CA VAL B 249 -12.16 -20.14 -61.89
C VAL B 249 -11.98 -19.66 -60.46
N VAL B 250 -12.53 -20.42 -59.50
CA VAL B 250 -12.46 -20.02 -58.10
C VAL B 250 -11.04 -20.07 -57.53
N ASP B 251 -10.11 -20.74 -58.22
CA ASP B 251 -8.72 -20.67 -57.83
C ASP B 251 -8.07 -19.36 -58.31
N VAL B 252 -8.53 -18.81 -59.43
CA VAL B 252 -8.04 -17.52 -59.89
C VAL B 252 -8.54 -16.41 -58.98
N THR B 253 -9.84 -16.45 -58.65
CA THR B 253 -10.39 -15.43 -57.75
C THR B 253 -9.70 -15.46 -56.39
N ASN B 254 -9.42 -16.65 -55.87
CA ASN B 254 -8.71 -16.76 -54.60
C ASN B 254 -7.27 -16.27 -54.74
N TYR B 255 -6.62 -16.56 -55.87
CA TYR B 255 -5.26 -16.10 -56.07
C TYR B 255 -5.17 -14.57 -56.07
N VAL B 256 -6.15 -13.91 -56.68
CA VAL B 256 -6.18 -12.46 -56.66
C VAL B 256 -6.59 -11.96 -55.28
N LEU B 257 -7.49 -12.69 -54.61
CA LEU B 257 -7.89 -12.32 -53.26
C LEU B 257 -6.72 -12.35 -52.28
N LEU B 258 -5.72 -13.19 -52.55
CA LEU B 258 -4.53 -13.25 -51.72
C LEU B 258 -3.43 -12.32 -52.19
N GLU B 259 -3.26 -12.17 -53.51
CA GLU B 259 -2.15 -11.36 -54.03
C GLU B 259 -2.40 -9.88 -53.82
N LEU B 260 -3.62 -9.41 -54.12
CA LEU B 260 -3.94 -8.00 -54.03
C LEU B 260 -4.86 -7.66 -52.87
N GLY B 261 -5.51 -8.65 -52.26
CA GLY B 261 -6.47 -8.38 -51.22
C GLY B 261 -7.87 -8.05 -51.71
N GLN B 262 -8.11 -8.13 -53.02
CA GLN B 262 -9.40 -7.80 -53.59
C GLN B 262 -10.20 -9.08 -53.80
N PRO B 263 -11.32 -9.27 -53.10
CA PRO B 263 -12.16 -10.45 -53.35
C PRO B 263 -12.86 -10.34 -54.70
N MET B 264 -12.98 -11.48 -55.38
CA MET B 264 -13.62 -11.52 -56.68
C MET B 264 -14.50 -12.76 -56.78
N HIS B 265 -15.53 -12.66 -57.62
CA HIS B 265 -16.51 -13.73 -57.79
C HIS B 265 -16.76 -13.94 -59.29
N ALA B 266 -17.33 -15.09 -59.62
CA ALA B 266 -17.60 -15.45 -61.00
C ALA B 266 -18.99 -16.06 -61.10
N PHE B 267 -19.87 -15.41 -61.84
CA PHE B 267 -21.22 -15.90 -62.09
C PHE B 267 -21.32 -16.53 -63.48
N ASP B 268 -22.33 -17.36 -63.66
CA ASP B 268 -22.66 -17.90 -64.97
C ASP B 268 -23.52 -16.89 -65.70
N LYS B 269 -23.01 -16.33 -66.81
CA LYS B 269 -23.78 -15.32 -67.54
C LYS B 269 -25.05 -15.89 -68.13
N ASP B 270 -25.01 -17.16 -68.57
CA ASP B 270 -26.19 -17.78 -69.17
C ASP B 270 -27.28 -18.09 -68.14
N ARG B 271 -27.02 -17.87 -66.86
CA ARG B 271 -28.02 -18.07 -65.81
C ARG B 271 -28.42 -16.76 -65.14
N ILE B 272 -27.89 -15.63 -65.59
CA ILE B 272 -28.29 -14.33 -65.10
C ILE B 272 -29.40 -13.80 -66.01
N GLU B 273 -30.59 -13.60 -65.44
CA GLU B 273 -31.75 -13.20 -66.23
C GLU B 273 -31.76 -11.67 -66.34
N GLY B 274 -31.47 -11.17 -67.55
CA GLY B 274 -31.47 -9.75 -67.80
C GLY B 274 -30.13 -9.09 -67.52
N GLY B 275 -29.98 -8.51 -66.33
CA GLY B 275 -28.74 -7.87 -65.94
C GLY B 275 -28.42 -8.07 -64.48
N ILE B 276 -27.44 -7.35 -63.97
CA ILE B 276 -27.03 -7.44 -62.57
C ILE B 276 -27.59 -6.23 -61.83
N VAL B 277 -28.25 -6.49 -60.71
CA VAL B 277 -28.85 -5.45 -59.87
C VAL B 277 -28.20 -5.53 -58.49
N VAL B 278 -27.32 -4.59 -58.19
CA VAL B 278 -26.72 -4.47 -56.87
C VAL B 278 -27.67 -3.65 -56.01
N ARG B 279 -28.26 -4.29 -55.01
CA ARG B 279 -29.32 -3.65 -54.23
C ARG B 279 -29.42 -4.34 -52.88
N MET B 280 -30.20 -3.73 -51.99
CA MET B 280 -30.54 -4.34 -50.72
C MET B 280 -31.78 -5.20 -50.89
N ALA B 281 -31.78 -6.36 -50.24
CA ALA B 281 -32.92 -7.26 -50.35
C ALA B 281 -34.12 -6.71 -49.60
N LYS B 282 -35.31 -7.08 -50.08
CA LYS B 282 -36.52 -6.79 -49.32
C LYS B 282 -36.55 -7.61 -48.04
N GLU B 283 -37.14 -7.04 -47.00
CA GLU B 283 -37.15 -7.70 -45.70
C GLU B 283 -37.92 -9.03 -45.79
N GLY B 284 -37.23 -10.12 -45.45
CA GLY B 284 -37.78 -11.45 -45.56
C GLY B 284 -37.40 -12.20 -46.82
N GLU B 285 -36.69 -11.54 -47.75
CA GLU B 285 -36.27 -12.20 -48.98
C GLU B 285 -35.32 -13.34 -48.67
N THR B 286 -35.59 -14.51 -49.25
CA THR B 286 -34.84 -15.73 -48.98
C THR B 286 -33.97 -16.09 -50.17
N LEU B 287 -32.83 -16.70 -49.86
CA LEU B 287 -31.88 -17.12 -50.89
C LEU B 287 -31.06 -18.28 -50.35
N VAL B 288 -30.95 -19.35 -51.13
CA VAL B 288 -30.16 -20.51 -50.73
C VAL B 288 -28.71 -20.26 -51.10
N LEU B 289 -27.80 -20.50 -50.14
CA LEU B 289 -26.40 -20.20 -50.33
C LEU B 289 -25.71 -21.31 -51.13
N LEU B 290 -24.41 -21.14 -51.36
CA LEU B 290 -23.67 -22.10 -52.18
C LEU B 290 -23.42 -23.41 -51.45
N ASP B 291 -23.57 -23.45 -50.13
CA ASP B 291 -23.46 -24.68 -49.36
C ASP B 291 -24.77 -25.44 -49.27
N GLY B 292 -25.84 -24.94 -49.92
CA GLY B 292 -27.11 -25.61 -49.93
C GLY B 292 -28.07 -25.21 -48.82
N THR B 293 -27.68 -24.26 -47.96
CA THR B 293 -28.52 -23.84 -46.86
C THR B 293 -29.19 -22.50 -47.19
N GLU B 294 -30.45 -22.37 -46.77
CA GLU B 294 -31.21 -21.16 -47.03
C GLU B 294 -30.89 -20.09 -45.99
N ALA B 295 -31.25 -18.85 -46.31
CA ALA B 295 -31.01 -17.72 -45.43
C ALA B 295 -32.14 -16.71 -45.60
N LYS B 296 -32.68 -16.24 -44.48
CA LYS B 296 -33.75 -15.25 -44.48
C LYS B 296 -33.12 -13.89 -44.19
N LEU B 297 -32.91 -13.11 -45.24
CA LEU B 297 -32.18 -11.85 -45.12
C LEU B 297 -33.12 -10.73 -44.67
N ASN B 298 -32.51 -9.64 -44.21
CA ASN B 298 -33.22 -8.44 -43.81
C ASN B 298 -32.96 -7.33 -44.82
N ALA B 299 -33.72 -6.24 -44.68
CA ALA B 299 -33.54 -5.09 -45.57
C ALA B 299 -32.19 -4.41 -45.37
N ASP B 300 -31.40 -4.83 -44.36
CA ASP B 300 -30.10 -4.24 -44.10
C ASP B 300 -28.99 -4.86 -44.93
N THR B 301 -29.20 -6.07 -45.46
CA THR B 301 -28.16 -6.81 -46.16
C THR B 301 -28.19 -6.48 -47.65
N LEU B 302 -27.04 -6.15 -48.21
CA LEU B 302 -26.91 -5.91 -49.63
C LEU B 302 -26.77 -7.24 -50.38
N VAL B 303 -27.44 -7.34 -51.53
CA VAL B 303 -27.43 -8.57 -52.31
C VAL B 303 -27.04 -8.24 -53.75
N ILE B 304 -26.46 -9.22 -54.42
CA ILE B 304 -26.24 -9.18 -55.86
C ILE B 304 -27.38 -9.97 -56.50
N ALA B 305 -28.21 -9.28 -57.28
CA ALA B 305 -29.42 -9.88 -57.85
C ALA B 305 -29.52 -9.54 -59.33
N ASP B 306 -30.48 -10.18 -59.99
CA ASP B 306 -30.79 -9.88 -61.38
C ASP B 306 -32.18 -9.25 -61.45
N HIS B 307 -32.76 -9.22 -62.65
CA HIS B 307 -34.09 -8.67 -62.85
C HIS B 307 -35.20 -9.63 -62.43
N ASN B 308 -34.88 -10.68 -61.67
CA ASN B 308 -35.86 -11.72 -61.38
C ASN B 308 -35.63 -12.34 -60.00
N LYS B 309 -34.36 -12.55 -59.64
CA LYS B 309 -34.04 -13.32 -58.45
C LYS B 309 -32.80 -12.75 -57.79
N ALA B 310 -32.62 -13.08 -56.52
CA ALA B 310 -31.36 -12.79 -55.83
C ALA B 310 -30.33 -13.86 -56.17
N LEU B 311 -29.07 -13.44 -56.25
CA LEU B 311 -28.00 -14.34 -56.67
C LEU B 311 -26.94 -14.58 -55.61
N ALA B 312 -26.66 -13.61 -54.74
CA ALA B 312 -25.61 -13.76 -53.75
C ALA B 312 -25.76 -12.67 -52.70
N MET B 313 -25.05 -12.86 -51.58
CA MET B 313 -24.95 -11.84 -50.55
C MET B 313 -23.75 -10.94 -50.87
N GLY B 314 -23.97 -9.63 -50.79
CA GLY B 314 -22.95 -8.65 -51.14
C GLY B 314 -21.62 -8.85 -50.45
N GLY B 315 -20.64 -9.37 -51.21
CA GLY B 315 -19.29 -9.51 -50.70
C GLY B 315 -19.13 -10.49 -49.56
N ILE B 316 -20.12 -11.35 -49.34
CA ILE B 316 -20.07 -12.31 -48.24
C ILE B 316 -20.05 -13.72 -48.80
N PHE B 317 -21.16 -14.17 -49.36
CA PHE B 317 -21.28 -15.53 -49.87
C PHE B 317 -21.99 -15.49 -51.23
N GLY B 318 -21.75 -16.54 -52.02
CA GLY B 318 -22.42 -16.71 -53.28
C GLY B 318 -23.60 -17.65 -53.18
N GLY B 319 -24.49 -17.58 -54.19
CA GLY B 319 -25.65 -18.43 -54.22
C GLY B 319 -25.37 -19.79 -54.85
N GLU B 320 -26.34 -20.69 -54.69
CA GLU B 320 -26.19 -22.04 -55.22
C GLU B 320 -26.35 -22.05 -56.74
N HIS B 321 -27.46 -21.47 -57.23
CA HIS B 321 -27.72 -21.47 -58.67
C HIS B 321 -26.84 -20.49 -59.42
N SER B 322 -26.45 -19.38 -58.77
CA SER B 322 -25.72 -18.33 -59.47
C SER B 322 -24.28 -18.73 -59.77
N GLY B 323 -23.72 -19.65 -59.00
CA GLY B 323 -22.31 -19.97 -59.10
C GLY B 323 -21.95 -20.69 -60.38
N VAL B 324 -20.66 -21.00 -60.49
CA VAL B 324 -20.12 -21.69 -61.65
C VAL B 324 -20.35 -23.18 -61.49
N ASN B 325 -20.90 -23.82 -62.53
CA ASN B 325 -21.20 -25.24 -62.52
C ASN B 325 -20.20 -26.00 -63.39
N ASP B 326 -20.59 -27.18 -63.86
CA ASP B 326 -19.70 -28.03 -64.65
C ASP B 326 -19.82 -27.76 -66.15
N GLU B 327 -21.00 -27.37 -66.62
CA GLU B 327 -21.23 -27.12 -68.04
C GLU B 327 -21.31 -25.64 -68.36
N THR B 328 -20.72 -24.79 -67.52
CA THR B 328 -20.69 -23.36 -67.79
C THR B 328 -19.65 -23.04 -68.85
N GLN B 329 -19.97 -22.08 -69.71
CA GLN B 329 -19.04 -21.63 -70.75
C GLN B 329 -18.76 -20.14 -70.69
N ASN B 330 -19.76 -19.33 -70.37
CA ASN B 330 -19.62 -17.88 -70.30
C ASN B 330 -19.79 -17.44 -68.85
N VAL B 331 -18.83 -16.67 -68.34
CA VAL B 331 -18.84 -16.24 -66.95
C VAL B 331 -18.79 -14.72 -66.88
N LEU B 332 -19.24 -14.20 -65.74
CA LEU B 332 -19.24 -12.77 -65.46
C LEU B 332 -18.48 -12.55 -64.16
N LEU B 333 -17.38 -11.80 -64.22
CA LEU B 333 -16.50 -11.62 -63.08
C LEU B 333 -16.97 -10.42 -62.25
N GLU B 334 -17.10 -10.63 -60.95
CA GLU B 334 -17.41 -9.56 -60.01
C GLU B 334 -16.12 -9.07 -59.36
N CYS B 335 -15.99 -7.74 -59.26
CA CYS B 335 -14.82 -7.13 -58.63
C CYS B 335 -15.21 -5.73 -58.14
N ALA B 336 -15.88 -5.67 -57.00
CA ALA B 336 -16.50 -4.46 -56.51
C ALA B 336 -15.82 -3.97 -55.24
N PHE B 337 -16.24 -2.80 -54.78
CA PHE B 337 -15.88 -2.26 -53.47
C PHE B 337 -17.17 -2.01 -52.69
N PHE B 338 -17.29 -2.65 -51.53
CA PHE B 338 -18.45 -2.50 -50.67
C PHE B 338 -18.08 -1.61 -49.48
N SER B 339 -19.01 -0.74 -49.09
CA SER B 339 -18.81 0.06 -47.91
C SER B 339 -18.71 -0.85 -46.69
N PRO B 340 -17.66 -0.75 -45.87
CA PRO B 340 -17.44 -1.74 -44.80
C PRO B 340 -18.59 -1.80 -43.80
N LEU B 341 -19.13 -0.65 -43.39
CA LEU B 341 -20.24 -0.66 -42.44
C LEU B 341 -21.55 -1.11 -43.08
N SER B 342 -21.58 -1.33 -44.39
CA SER B 342 -22.72 -1.94 -45.05
C SER B 342 -22.60 -3.46 -45.16
N ILE B 343 -21.45 -4.01 -44.78
CA ILE B 343 -21.24 -5.46 -44.77
C ILE B 343 -21.00 -6.00 -43.37
N THR B 344 -20.67 -5.15 -42.39
CA THR B 344 -20.28 -5.63 -41.07
C THR B 344 -21.46 -6.26 -40.34
N GLY B 345 -21.19 -7.40 -39.70
CA GLY B 345 -22.18 -8.07 -38.87
C GLY B 345 -23.20 -8.90 -39.60
N ARG B 346 -23.33 -8.75 -40.92
CA ARG B 346 -24.32 -9.52 -41.67
C ARG B 346 -23.91 -10.99 -41.76
N ALA B 347 -22.63 -11.27 -41.96
CA ALA B 347 -22.16 -12.65 -42.02
C ALA B 347 -22.34 -13.34 -40.67
N ARG B 348 -22.06 -12.63 -39.58
CA ARG B 348 -22.23 -13.21 -38.25
C ARG B 348 -23.70 -13.45 -37.93
N ARG B 349 -24.61 -12.67 -38.52
CA ARG B 349 -26.03 -12.89 -38.27
C ARG B 349 -26.49 -14.21 -38.86
N HIS B 350 -25.87 -14.67 -39.94
CA HIS B 350 -26.21 -15.94 -40.57
C HIS B 350 -25.12 -17.00 -40.38
N GLY B 351 -24.27 -16.82 -39.37
CA GLY B 351 -23.25 -17.82 -39.05
C GLY B 351 -22.21 -18.04 -40.12
N LEU B 352 -21.91 -17.02 -40.93
CA LEU B 352 -20.94 -17.14 -42.01
C LEU B 352 -19.68 -16.34 -41.69
N HIS B 353 -18.56 -16.77 -42.29
CA HIS B 353 -17.29 -16.06 -42.14
C HIS B 353 -16.41 -16.48 -43.31
N THR B 354 -16.30 -15.63 -44.33
CA THR B 354 -15.56 -15.91 -45.54
C THR B 354 -14.37 -14.97 -45.65
N ASP B 355 -13.46 -15.32 -46.58
CA ASP B 355 -12.35 -14.42 -46.88
C ASP B 355 -12.84 -13.10 -47.46
N ALA B 356 -13.98 -13.11 -48.15
CA ALA B 356 -14.50 -11.88 -48.74
C ALA B 356 -15.15 -11.00 -47.66
N SER B 357 -15.99 -11.61 -46.81
CA SER B 357 -16.65 -10.83 -45.76
C SER B 357 -15.65 -10.30 -44.75
N HIS B 358 -14.59 -11.05 -44.48
CA HIS B 358 -13.56 -10.58 -43.55
C HIS B 358 -12.83 -9.37 -44.10
N ARG B 359 -12.64 -9.31 -45.41
CA ARG B 359 -11.89 -8.21 -46.00
C ARG B 359 -12.78 -7.00 -46.30
N TYR B 360 -14.01 -7.24 -46.75
CA TYR B 360 -14.91 -6.13 -47.07
C TYR B 360 -15.34 -5.40 -45.81
N GLU B 361 -15.56 -6.12 -44.71
CA GLU B 361 -16.00 -5.47 -43.49
C GLU B 361 -14.88 -4.69 -42.80
N ARG B 362 -13.63 -4.93 -43.19
CA ARG B 362 -12.52 -4.12 -42.71
C ARG B 362 -12.08 -3.06 -43.72
N GLY B 363 -12.49 -3.19 -44.98
CA GLY B 363 -12.20 -2.18 -45.98
C GLY B 363 -11.12 -2.56 -46.96
N VAL B 364 -11.51 -2.76 -48.21
CA VAL B 364 -10.55 -3.03 -49.28
C VAL B 364 -10.24 -1.72 -49.99
N ASP B 365 -9.10 -1.70 -50.67
CA ASP B 365 -8.61 -0.50 -51.34
C ASP B 365 -9.59 -0.05 -52.42
N PRO B 366 -10.19 1.13 -52.30
CA PRO B 366 -11.12 1.61 -53.34
C PRO B 366 -10.44 2.04 -54.63
N ALA B 367 -9.11 2.00 -54.70
CA ALA B 367 -8.38 2.26 -55.93
C ALA B 367 -7.75 0.99 -56.50
N LEU B 368 -8.32 -0.17 -56.20
CA LEU B 368 -7.71 -1.46 -56.52
C LEU B 368 -8.53 -2.30 -57.49
N GLN B 369 -9.81 -1.99 -57.69
CA GLN B 369 -10.69 -2.87 -58.47
C GLN B 369 -10.19 -3.04 -59.90
N HIS B 370 -9.79 -1.93 -60.54
CA HIS B 370 -9.35 -2.01 -61.93
C HIS B 370 -8.12 -2.89 -62.07
N LYS B 371 -7.21 -2.85 -61.09
CA LYS B 371 -6.00 -3.65 -61.18
C LYS B 371 -6.30 -5.13 -60.98
N ALA B 372 -7.22 -5.44 -60.06
CA ALA B 372 -7.56 -6.84 -59.81
C ALA B 372 -8.36 -7.45 -60.94
N MET B 373 -9.12 -6.63 -61.68
CA MET B 373 -9.90 -7.16 -62.79
C MET B 373 -9.00 -7.61 -63.94
N GLU B 374 -7.97 -6.82 -64.26
CA GLU B 374 -7.08 -7.18 -65.36
C GLU B 374 -6.19 -8.36 -64.98
N ARG B 375 -5.77 -8.43 -63.73
CA ARG B 375 -4.93 -9.55 -63.28
C ARG B 375 -5.71 -10.85 -63.29
N ALA B 376 -6.98 -10.81 -62.87
CA ALA B 376 -7.79 -12.03 -62.88
C ALA B 376 -8.14 -12.44 -64.31
N THR B 377 -8.37 -11.47 -65.19
CA THR B 377 -8.77 -11.78 -66.56
C THR B 377 -7.61 -12.43 -67.33
N ARG B 378 -6.41 -11.85 -67.23
CA ARG B 378 -5.28 -12.37 -67.99
C ARG B 378 -4.93 -13.79 -67.56
N LEU B 379 -4.99 -14.06 -66.25
CA LEU B 379 -4.70 -15.40 -65.75
C LEU B 379 -5.87 -16.37 -65.97
N LEU B 380 -7.09 -15.86 -66.09
CA LEU B 380 -8.22 -16.74 -66.37
C LEU B 380 -8.20 -17.23 -67.81
N ILE B 381 -7.89 -16.35 -68.75
CA ILE B 381 -7.91 -16.74 -70.16
C ILE B 381 -6.69 -17.58 -70.50
N ASP B 382 -5.57 -17.38 -69.80
CA ASP B 382 -4.38 -18.20 -70.02
C ASP B 382 -4.46 -19.55 -69.33
N ILE B 383 -5.57 -19.85 -68.65
CA ILE B 383 -5.78 -21.12 -67.99
C ILE B 383 -7.01 -21.85 -68.52
N CYS B 384 -8.13 -21.12 -68.68
CA CYS B 384 -9.36 -21.70 -69.16
C CYS B 384 -9.68 -21.35 -70.61
N GLY B 385 -8.90 -20.47 -71.23
CA GLY B 385 -9.23 -19.99 -72.55
C GLY B 385 -10.40 -19.01 -72.52
N GLY B 386 -10.77 -18.54 -73.69
CA GLY B 386 -11.89 -17.62 -73.84
C GLY B 386 -11.42 -16.23 -74.24
N GLU B 387 -12.41 -15.37 -74.48
CA GLU B 387 -12.19 -13.99 -74.88
C GLU B 387 -13.09 -13.10 -74.04
N ALA B 388 -12.50 -12.12 -73.35
CA ALA B 388 -13.23 -11.26 -72.45
C ALA B 388 -13.68 -9.98 -73.15
N GLY B 389 -14.82 -9.46 -72.71
CA GLY B 389 -15.35 -8.22 -73.24
C GLY B 389 -14.85 -7.02 -72.47
N PRO B 390 -15.42 -5.85 -72.72
CA PRO B 390 -15.00 -4.65 -72.00
C PRO B 390 -15.50 -4.66 -70.57
N VAL B 391 -14.83 -3.88 -69.74
CA VAL B 391 -15.15 -3.82 -68.32
C VAL B 391 -16.32 -2.86 -68.12
N ILE B 392 -17.33 -3.32 -67.38
CA ILE B 392 -18.51 -2.51 -67.06
C ILE B 392 -18.24 -1.85 -65.72
N ASP B 393 -18.14 -0.52 -65.73
CA ASP B 393 -17.77 0.26 -64.55
C ASP B 393 -18.98 1.06 -64.09
N ILE B 394 -19.47 0.75 -62.88
CA ILE B 394 -20.57 1.47 -62.28
C ILE B 394 -20.09 2.10 -60.98
N THR B 395 -19.44 3.26 -61.08
CA THR B 395 -18.81 3.92 -59.95
C THR B 395 -19.52 5.24 -59.64
N ASN B 396 -19.72 5.49 -58.35
CA ASN B 396 -20.28 6.74 -57.85
C ASN B 396 -19.19 7.42 -57.03
N GLU B 397 -18.55 8.44 -57.61
CA GLU B 397 -17.51 9.17 -56.91
C GLU B 397 -18.03 9.91 -55.68
N ALA B 398 -19.34 10.12 -55.60
CA ALA B 398 -19.91 10.82 -54.45
C ALA B 398 -19.76 9.99 -53.18
N THR B 399 -20.29 8.76 -53.19
CA THR B 399 -20.20 7.89 -52.03
C THR B 399 -18.86 7.17 -51.92
N LEU B 400 -17.96 7.37 -52.88
CA LEU B 400 -16.64 6.76 -52.79
C LEU B 400 -15.84 7.44 -51.69
N PRO B 401 -15.22 6.69 -50.79
CA PRO B 401 -14.47 7.31 -49.69
C PRO B 401 -13.28 8.12 -50.20
N LYS B 402 -13.30 9.42 -49.93
CA LYS B 402 -12.23 10.30 -50.34
C LYS B 402 -11.11 10.26 -49.31
N ARG B 403 -9.87 10.37 -49.80
CA ARG B 403 -8.70 10.34 -48.92
C ARG B 403 -8.74 11.50 -47.94
N ALA B 404 -8.64 11.18 -46.66
CA ALA B 404 -8.79 12.18 -45.61
C ALA B 404 -7.55 13.05 -45.50
N THR B 405 -7.77 14.32 -45.17
CA THR B 405 -6.69 15.29 -44.99
C THR B 405 -6.51 15.54 -43.50
N ILE B 406 -5.34 15.17 -42.98
CA ILE B 406 -5.03 15.26 -41.56
C ILE B 406 -3.80 16.13 -41.38
N THR B 407 -3.82 16.98 -40.34
CA THR B 407 -2.70 17.83 -40.00
C THR B 407 -2.04 17.30 -38.73
N LEU B 408 -0.72 17.12 -38.77
CA LEU B 408 0.06 16.61 -37.65
C LEU B 408 0.93 17.74 -37.12
N ARG B 409 0.66 18.17 -35.89
CA ARG B 409 1.40 19.26 -35.28
C ARG B 409 2.63 18.74 -34.53
N ARG B 410 3.70 19.54 -34.55
CA ARG B 410 4.90 19.18 -33.79
C ARG B 410 4.61 19.15 -32.29
N SER B 411 3.73 20.04 -31.83
CA SER B 411 3.37 20.07 -30.42
C SER B 411 2.73 18.77 -29.99
N LYS B 412 1.75 18.29 -30.77
CA LYS B 412 1.10 17.03 -30.45
C LYS B 412 2.05 15.84 -30.59
N LEU B 413 2.94 15.90 -31.59
CA LEU B 413 3.86 14.79 -31.82
C LEU B 413 4.85 14.66 -30.67
N ASP B 414 5.43 15.77 -30.22
CA ASP B 414 6.42 15.73 -29.15
C ASP B 414 5.79 15.54 -27.78
N ARG B 415 4.52 15.91 -27.60
CA ARG B 415 3.87 15.67 -26.30
C ARG B 415 3.48 14.21 -26.14
N LEU B 416 2.91 13.59 -27.17
CA LEU B 416 2.53 12.19 -27.07
C LEU B 416 3.75 11.28 -27.01
N ILE B 417 4.67 11.41 -27.96
CA ILE B 417 5.83 10.54 -28.00
C ILE B 417 6.81 10.89 -26.90
N GLY B 418 7.00 12.19 -26.63
CA GLY B 418 7.99 12.61 -25.66
C GLY B 418 9.41 12.55 -26.15
N HIS B 419 9.62 12.28 -27.44
CA HIS B 419 10.94 12.16 -28.04
C HIS B 419 10.95 12.95 -29.33
N HIS B 420 11.99 13.77 -29.53
CA HIS B 420 12.08 14.61 -30.71
C HIS B 420 12.55 13.78 -31.90
N ILE B 421 11.74 13.74 -32.95
CA ILE B 421 12.10 13.11 -34.21
C ILE B 421 12.35 14.21 -35.24
N ALA B 422 13.49 14.14 -35.90
CA ALA B 422 13.88 15.19 -36.85
C ALA B 422 12.82 15.37 -37.91
N ASP B 423 12.60 16.62 -38.31
CA ASP B 423 11.58 16.94 -39.32
C ASP B 423 11.81 16.16 -40.60
N GLU B 424 13.08 16.00 -40.98
CA GLU B 424 13.40 15.23 -42.19
C GLU B 424 12.88 13.80 -42.09
N GLN B 425 12.99 13.20 -40.90
CA GLN B 425 12.56 11.82 -40.74
C GLN B 425 11.04 11.69 -40.65
N VAL B 426 10.37 12.68 -40.07
CA VAL B 426 8.91 12.62 -39.95
C VAL B 426 8.26 12.68 -41.32
N THR B 427 8.74 13.56 -42.20
CA THR B 427 8.14 13.68 -43.53
C THR B 427 8.50 12.50 -44.43
N ASP B 428 9.69 11.92 -44.23
CA ASP B 428 10.07 10.73 -45.00
C ASP B 428 9.16 9.56 -44.65
N ILE B 429 8.92 9.35 -43.35
CA ILE B 429 8.11 8.22 -42.91
C ILE B 429 6.70 8.30 -43.51
N LEU B 430 6.08 9.48 -43.41
CA LEU B 430 4.71 9.64 -43.90
C LEU B 430 4.63 9.48 -45.42
N ARG B 431 5.68 9.89 -46.14
CA ARG B 431 5.65 9.76 -47.59
C ARG B 431 5.84 8.32 -48.04
N ARG B 432 6.68 7.56 -47.33
CA ARG B 432 6.86 6.15 -47.68
C ARG B 432 5.59 5.35 -47.46
N LEU B 433 4.78 5.71 -46.45
CA LEU B 433 3.54 5.02 -46.16
C LEU B 433 2.44 5.34 -47.16
N GLY B 434 2.69 6.19 -48.15
CA GLY B 434 1.72 6.49 -49.17
C GLY B 434 0.98 7.80 -49.01
N CYS B 435 1.41 8.68 -48.10
CA CYS B 435 0.74 9.95 -47.87
C CYS B 435 1.31 11.04 -48.76
N GLU B 436 0.48 12.03 -49.07
CA GLU B 436 0.90 13.23 -49.78
C GLU B 436 1.09 14.32 -48.71
N VAL B 437 2.35 14.58 -48.36
CA VAL B 437 2.69 15.44 -47.23
C VAL B 437 3.26 16.75 -47.76
N THR B 438 2.71 17.86 -47.28
CA THR B 438 3.23 19.19 -47.56
C THR B 438 3.66 19.81 -46.23
N GLU B 439 4.93 20.20 -46.14
CA GLU B 439 5.46 20.71 -44.89
C GLU B 439 4.93 22.11 -44.59
N GLY B 440 4.95 22.45 -43.30
CA GLY B 440 4.54 23.76 -42.85
C GLY B 440 5.34 24.22 -41.64
N LYS B 441 4.92 25.31 -41.01
CA LYS B 441 5.60 25.79 -39.81
C LYS B 441 5.27 24.89 -38.63
N ASP B 442 6.25 24.10 -38.20
CA ASP B 442 6.10 23.17 -37.08
C ASP B 442 4.95 22.18 -37.28
N GLU B 443 4.53 21.96 -38.53
CA GLU B 443 3.36 21.15 -38.80
C GLU B 443 3.51 20.43 -40.11
N TRP B 444 2.76 19.34 -40.25
CA TRP B 444 2.56 18.64 -41.51
C TRP B 444 1.07 18.56 -41.80
N GLN B 445 0.74 18.35 -43.07
CA GLN B 445 -0.64 18.10 -43.49
C GLN B 445 -0.60 17.04 -44.57
N ALA B 446 -0.93 15.81 -44.20
CA ALA B 446 -0.81 14.65 -45.07
C ALA B 446 -2.19 14.13 -45.49
N VAL B 447 -2.23 13.54 -46.67
CA VAL B 447 -3.44 12.92 -47.21
C VAL B 447 -3.22 11.42 -47.23
N ALA B 448 -4.08 10.68 -46.53
CA ALA B 448 -3.85 9.26 -46.33
C ALA B 448 -4.04 8.49 -47.64
N PRO B 449 -3.23 7.46 -47.87
CA PRO B 449 -3.41 6.64 -49.08
C PRO B 449 -4.73 5.90 -49.04
N SER B 450 -5.15 5.45 -50.24
CA SER B 450 -6.49 4.89 -50.39
C SER B 450 -6.65 3.57 -49.65
N TRP B 451 -5.57 2.81 -49.49
CA TRP B 451 -5.67 1.49 -48.88
C TRP B 451 -5.70 1.53 -47.35
N ARG B 452 -5.40 2.67 -46.75
CA ARG B 452 -5.41 2.79 -45.30
C ARG B 452 -6.79 3.24 -44.82
N PHE B 453 -7.35 2.49 -43.88
CA PHE B 453 -8.61 2.83 -43.24
C PHE B 453 -8.43 3.23 -41.77
N ASP B 454 -7.18 3.33 -41.30
CA ASP B 454 -6.89 3.67 -39.92
C ASP B 454 -6.10 4.97 -39.80
N MET B 455 -6.19 5.85 -40.80
CA MET B 455 -5.57 7.17 -40.76
C MET B 455 -6.68 8.20 -40.96
N GLU B 456 -7.39 8.51 -39.88
CA GLU B 456 -8.49 9.46 -39.92
C GLU B 456 -8.30 10.67 -39.02
N ILE B 457 -7.47 10.58 -37.98
CA ILE B 457 -7.28 11.65 -37.02
C ILE B 457 -5.79 11.91 -36.84
N GLU B 458 -5.46 12.86 -35.97
CA GLU B 458 -4.07 13.27 -35.78
C GLU B 458 -3.26 12.19 -35.07
N GLU B 459 -3.88 11.49 -34.10
CA GLU B 459 -3.15 10.53 -33.30
C GLU B 459 -2.71 9.31 -34.11
N ASP B 460 -3.41 9.01 -35.20
CA ASP B 460 -3.05 7.84 -36.00
C ASP B 460 -1.70 8.04 -36.68
N LEU B 461 -1.41 9.25 -37.15
CA LEU B 461 -0.12 9.53 -37.76
C LEU B 461 1.01 9.43 -36.75
N VAL B 462 0.74 9.77 -35.49
CA VAL B 462 1.76 9.62 -34.45
C VAL B 462 2.13 8.16 -34.27
N GLU B 463 1.13 7.27 -34.30
CA GLU B 463 1.39 5.84 -34.22
C GLU B 463 2.28 5.38 -35.37
N GLU B 464 2.03 5.91 -36.57
CA GLU B 464 2.80 5.50 -37.73
C GLU B 464 4.22 6.05 -37.69
N VAL B 465 4.37 7.32 -37.29
CA VAL B 465 5.70 7.88 -37.14
C VAL B 465 6.46 7.17 -36.03
N ALA B 466 5.75 6.71 -34.99
CA ALA B 466 6.41 6.06 -33.86
C ALA B 466 6.86 4.64 -34.20
N ARG B 467 6.01 3.87 -34.89
CA ARG B 467 6.35 2.47 -35.13
C ARG B 467 7.36 2.31 -36.26
N VAL B 468 7.38 3.22 -37.23
CA VAL B 468 8.41 3.17 -38.26
C VAL B 468 9.75 3.63 -37.70
N TYR B 469 9.72 4.70 -36.90
CA TYR B 469 10.92 5.12 -36.17
C TYR B 469 11.40 4.05 -35.20
N GLY B 470 10.52 3.13 -34.80
CA GLY B 470 10.88 2.08 -33.88
C GLY B 470 10.52 2.39 -32.45
N TYR B 471 9.64 1.58 -31.86
CA TYR B 471 9.27 1.77 -30.46
C TYR B 471 10.48 1.63 -29.55
N ASN B 472 11.35 0.66 -29.83
CA ASN B 472 12.51 0.40 -29.00
C ASN B 472 13.65 1.40 -29.22
N ASN B 473 13.47 2.37 -30.11
CA ASN B 473 14.41 3.48 -30.26
C ASN B 473 13.97 4.72 -29.49
N ILE B 474 12.95 4.58 -28.66
CA ILE B 474 12.43 5.70 -27.85
C ILE B 474 12.91 5.49 -26.41
N PRO B 475 13.52 6.49 -25.78
CA PRO B 475 14.10 6.28 -24.46
C PRO B 475 13.05 6.31 -23.35
N ASP B 476 13.48 5.90 -22.16
CA ASP B 476 12.62 5.85 -20.98
C ASP B 476 12.77 7.13 -20.18
N GLU B 477 11.64 7.60 -19.63
CA GLU B 477 11.60 8.83 -18.85
C GLU B 477 10.58 8.68 -17.74
N PRO B 478 10.98 8.91 -16.47
CA PRO B 478 10.01 8.83 -15.37
C PRO B 478 8.95 9.90 -15.49
N VAL B 479 7.75 9.58 -15.00
CA VAL B 479 6.64 10.52 -15.03
C VAL B 479 6.92 11.67 -14.07
N GLN B 480 6.74 12.89 -14.55
CA GLN B 480 6.81 14.09 -13.71
C GLN B 480 5.40 14.52 -13.39
N ALA B 481 5.01 14.38 -12.12
CA ALA B 481 3.69 14.76 -11.67
C ALA B 481 3.76 15.21 -10.22
N SER B 482 2.66 15.77 -9.74
CA SER B 482 2.61 16.31 -8.38
C SER B 482 2.54 15.20 -7.34
N LEU B 483 3.10 15.48 -6.17
CA LEU B 483 3.07 14.55 -5.06
C LEU B 483 1.98 15.01 -4.08
N ILE B 484 0.75 14.61 -4.40
CA ILE B 484 -0.42 14.92 -3.60
C ILE B 484 -0.88 13.65 -2.90
N MET B 485 -1.11 13.73 -1.59
CA MET B 485 -1.57 12.57 -0.84
C MET B 485 -2.99 12.20 -1.25
N GLY B 486 -3.38 10.97 -0.93
CA GLY B 486 -4.69 10.47 -1.22
C GLY B 486 -5.64 10.58 -0.04
N THR B 487 -6.89 10.16 -0.28
CA THR B 487 -7.90 10.15 0.76
C THR B 487 -7.67 8.96 1.68
N HIS B 488 -7.42 9.24 2.96
CA HIS B 488 -7.21 8.21 3.96
C HIS B 488 -8.24 8.37 5.06
N ARG B 489 -8.91 7.28 5.42
CA ARG B 489 -9.89 7.27 6.49
C ARG B 489 -9.49 6.19 7.49
N GLU B 490 -9.08 6.62 8.68
CA GLU B 490 -8.66 5.68 9.71
C GLU B 490 -9.77 4.70 10.07
N ALA B 491 -11.02 5.13 9.94
CA ALA B 491 -12.17 4.28 10.23
C ALA B 491 -12.37 3.17 9.22
N ASP B 492 -11.54 3.09 8.17
CA ASP B 492 -11.65 2.03 7.19
C ASP B 492 -10.96 0.76 7.68
N LEU B 493 -11.59 -0.38 7.41
CA LEU B 493 -11.01 -1.69 7.69
C LEU B 493 -10.64 -2.34 6.36
N SER B 494 -9.38 -2.73 6.22
CA SER B 494 -8.91 -3.31 4.97
C SER B 494 -9.34 -4.77 4.86
N LEU B 495 -9.78 -5.15 3.66
CA LEU B 495 -10.04 -6.56 3.39
C LEU B 495 -8.77 -7.39 3.45
N LYS B 496 -7.61 -6.77 3.23
CA LYS B 496 -6.35 -7.47 3.40
C LYS B 496 -6.06 -7.75 4.88
N ARG B 497 -6.48 -6.85 5.76
CA ARG B 497 -6.32 -7.09 7.19
C ARG B 497 -7.20 -8.25 7.66
N VAL B 498 -8.39 -8.38 7.07
CA VAL B 498 -9.28 -9.48 7.45
C VAL B 498 -8.79 -10.80 6.88
N LYS B 499 -8.30 -10.78 5.63
CA LYS B 499 -7.73 -11.99 5.04
C LYS B 499 -6.50 -12.46 5.81
N THR B 500 -5.67 -11.52 6.25
CA THR B 500 -4.47 -11.88 7.01
C THR B 500 -4.83 -12.53 8.34
N LEU B 501 -5.85 -11.99 9.02
CA LEU B 501 -6.28 -12.57 10.29
C LEU B 501 -6.78 -14.00 10.10
N LEU B 502 -7.53 -14.24 9.04
CA LEU B 502 -7.99 -15.60 8.75
C LEU B 502 -6.82 -16.54 8.48
N ASN B 503 -5.78 -16.03 7.81
CA ASN B 503 -4.58 -16.84 7.59
C ASN B 503 -3.91 -17.22 8.90
N ASP B 504 -3.99 -16.36 9.91
CA ASP B 504 -3.40 -16.66 11.21
C ASP B 504 -4.29 -17.52 12.08
N LYS B 505 -5.54 -17.77 11.67
CA LYS B 505 -6.44 -18.68 12.36
C LYS B 505 -6.55 -20.03 11.67
N GLY B 506 -5.69 -20.29 10.68
CA GLY B 506 -5.68 -21.58 10.00
C GLY B 506 -6.52 -21.68 8.75
N TYR B 507 -6.81 -20.56 8.10
CA TYR B 507 -7.66 -20.55 6.91
C TYR B 507 -6.83 -20.30 5.67
N GLN B 508 -7.13 -21.05 4.61
CA GLN B 508 -6.46 -20.94 3.33
C GLN B 508 -7.38 -20.25 2.33
N GLU B 509 -6.89 -19.20 1.68
CA GLU B 509 -7.70 -18.51 0.69
C GLU B 509 -7.87 -19.37 -0.57
N VAL B 510 -9.08 -19.36 -1.11
CA VAL B 510 -9.37 -20.02 -2.38
C VAL B 510 -10.13 -19.04 -3.26
N ILE B 511 -10.06 -19.29 -4.57
CA ILE B 511 -10.80 -18.51 -5.56
C ILE B 511 -11.57 -19.48 -6.45
N THR B 512 -12.87 -19.25 -6.57
CA THR B 512 -13.74 -20.08 -7.39
C THR B 512 -14.42 -19.24 -8.45
N TYR B 513 -15.10 -19.92 -9.38
CA TYR B 513 -15.77 -19.23 -10.47
C TYR B 513 -17.03 -18.52 -9.98
N SER B 514 -17.44 -17.50 -10.73
CA SER B 514 -18.63 -16.75 -10.38
C SER B 514 -19.91 -17.47 -10.82
N PHE B 515 -19.88 -18.18 -11.94
CA PHE B 515 -21.00 -19.00 -12.36
C PHE B 515 -20.82 -20.42 -11.86
N VAL B 516 -21.91 -21.00 -11.36
CA VAL B 516 -21.90 -22.31 -10.73
C VAL B 516 -23.01 -23.17 -11.35
N ASP B 517 -23.11 -24.40 -10.86
CA ASP B 517 -24.14 -25.32 -11.32
C ASP B 517 -25.46 -24.98 -10.62
N PRO B 518 -26.51 -24.63 -11.37
CA PRO B 518 -27.78 -24.29 -10.70
C PRO B 518 -28.42 -25.48 -10.00
N LYS B 519 -28.20 -26.70 -10.47
CA LYS B 519 -28.76 -27.87 -9.79
C LYS B 519 -28.16 -28.05 -8.41
N VAL B 520 -26.89 -27.71 -8.23
CA VAL B 520 -26.29 -27.74 -6.91
C VAL B 520 -26.67 -26.49 -6.12
N GLN B 521 -26.80 -25.34 -6.79
CA GLN B 521 -27.18 -24.13 -6.07
C GLN B 521 -28.65 -24.15 -5.67
N GLN B 522 -29.49 -24.88 -6.42
CA GLN B 522 -30.91 -24.94 -6.08
C GLN B 522 -31.21 -25.90 -4.94
N MET B 523 -30.25 -26.70 -4.49
CA MET B 523 -30.40 -27.45 -3.26
C MET B 523 -29.71 -26.80 -2.08
N ILE B 524 -28.93 -25.76 -2.31
CA ILE B 524 -28.38 -24.92 -1.24
C ILE B 524 -29.23 -23.69 -1.02
N HIS B 525 -29.69 -23.05 -2.10
CA HIS B 525 -30.63 -21.93 -2.04
C HIS B 525 -31.86 -22.29 -2.87
N PRO B 526 -32.76 -23.11 -2.32
CA PRO B 526 -33.92 -23.55 -3.10
C PRO B 526 -34.92 -22.43 -3.31
N GLY B 527 -35.55 -22.44 -4.49
CA GLY B 527 -36.57 -21.46 -4.83
C GLY B 527 -36.06 -20.07 -5.14
N VAL B 528 -34.75 -19.86 -5.17
CA VAL B 528 -34.17 -18.56 -5.43
C VAL B 528 -33.68 -18.56 -6.88
N GLU B 529 -34.44 -17.92 -7.75
CA GLU B 529 -34.09 -17.86 -9.17
C GLU B 529 -32.88 -16.93 -9.36
N ALA B 530 -31.81 -17.48 -9.90
CA ALA B 530 -30.58 -16.73 -10.12
C ALA B 530 -30.44 -16.34 -11.59
N LEU B 531 -29.56 -15.38 -11.84
CA LEU B 531 -29.29 -14.92 -13.20
C LEU B 531 -28.55 -16.00 -13.97
N LEU B 532 -29.11 -16.41 -15.11
CA LEU B 532 -28.56 -17.50 -15.90
C LEU B 532 -27.91 -16.98 -17.16
N LEU B 533 -26.91 -17.73 -17.64
CA LEU B 533 -26.23 -17.40 -18.89
C LEU B 533 -26.92 -18.12 -20.04
N PRO B 534 -27.43 -17.40 -21.03
CA PRO B 534 -28.10 -18.09 -22.16
C PRO B 534 -27.17 -19.02 -22.93
N SER B 535 -25.94 -18.58 -23.22
CA SER B 535 -24.95 -19.38 -23.93
C SER B 535 -23.69 -19.48 -23.08
N PRO B 536 -23.70 -20.35 -22.08
CA PRO B 536 -22.52 -20.52 -21.21
C PRO B 536 -21.55 -21.53 -21.80
N ILE B 537 -20.35 -21.56 -21.20
CA ILE B 537 -19.36 -22.56 -21.59
C ILE B 537 -19.80 -23.96 -21.20
N SER B 538 -20.68 -24.07 -20.20
CA SER B 538 -21.22 -25.35 -19.76
C SER B 538 -22.45 -25.09 -18.91
N VAL B 539 -23.35 -26.07 -18.87
CA VAL B 539 -24.53 -25.93 -18.00
C VAL B 539 -24.12 -26.01 -16.54
N GLU B 540 -23.02 -26.72 -16.24
CA GLU B 540 -22.48 -26.73 -14.88
C GLU B 540 -21.83 -25.40 -14.50
N MET B 541 -21.68 -24.48 -15.44
CA MET B 541 -21.16 -23.14 -15.17
C MET B 541 -22.05 -22.10 -15.87
N SER B 542 -23.33 -22.07 -15.46
CA SER B 542 -24.33 -21.28 -16.16
C SER B 542 -25.15 -20.35 -15.28
N ALA B 543 -24.98 -20.38 -13.96
CA ALA B 543 -25.79 -19.58 -13.05
C ALA B 543 -24.87 -18.71 -12.19
N MET B 544 -25.05 -17.40 -12.29
CA MET B 544 -24.29 -16.48 -11.45
C MET B 544 -24.60 -16.74 -9.99
N ARG B 545 -23.56 -16.91 -9.18
CA ARG B 545 -23.73 -17.40 -7.82
C ARG B 545 -24.50 -16.40 -6.96
N LEU B 546 -25.46 -16.92 -6.19
CA LEU B 546 -26.16 -16.11 -5.20
C LEU B 546 -25.39 -16.02 -3.90
N SER B 547 -24.45 -16.94 -3.67
CA SER B 547 -23.60 -16.93 -2.49
C SER B 547 -22.34 -17.72 -2.82
N LEU B 548 -21.31 -17.53 -2.00
CA LEU B 548 -20.05 -18.21 -2.21
C LEU B 548 -20.04 -19.64 -1.68
N TRP B 549 -21.14 -20.09 -1.08
CA TRP B 549 -21.17 -21.42 -0.49
C TRP B 549 -21.16 -22.52 -1.55
N THR B 550 -21.76 -22.26 -2.72
CA THR B 550 -21.78 -23.28 -3.77
C THR B 550 -20.37 -23.61 -4.25
N GLY B 551 -19.56 -22.56 -4.49
CA GLY B 551 -18.20 -22.79 -4.93
C GLY B 551 -17.30 -23.29 -3.82
N LEU B 552 -17.53 -22.80 -2.59
CA LEU B 552 -16.73 -23.26 -1.45
C LEU B 552 -16.98 -24.73 -1.17
N LEU B 553 -18.24 -25.13 -1.03
CA LEU B 553 -18.56 -26.53 -0.77
C LEU B 553 -18.15 -27.43 -1.93
N ALA B 554 -18.19 -26.90 -3.17
CA ALA B 554 -17.69 -27.66 -4.30
C ALA B 554 -16.18 -27.89 -4.20
N THR B 555 -15.45 -26.92 -3.65
CA THR B 555 -14.02 -27.09 -3.45
C THR B 555 -13.71 -28.08 -2.33
N VAL B 556 -14.57 -28.14 -1.31
CA VAL B 556 -14.37 -29.08 -0.22
C VAL B 556 -14.39 -30.52 -0.72
N VAL B 557 -15.39 -30.84 -1.55
CA VAL B 557 -15.49 -32.19 -2.12
C VAL B 557 -14.29 -32.49 -3.00
N TYR B 558 -13.76 -31.49 -3.69
CA TYR B 558 -12.60 -31.70 -4.56
C TYR B 558 -11.39 -32.17 -3.76
N ASN B 559 -11.12 -31.50 -2.64
CA ASN B 559 -9.99 -31.89 -1.80
C ASN B 559 -10.27 -33.14 -1.00
N GLN B 560 -11.53 -33.37 -0.60
CA GLN B 560 -11.87 -34.59 0.13
C GLN B 560 -11.76 -35.81 -0.77
N ASN B 561 -12.03 -35.66 -2.06
CA ASN B 561 -11.84 -36.76 -3.00
C ASN B 561 -10.37 -37.05 -3.27
N ARG B 562 -9.45 -36.35 -2.62
CA ARG B 562 -8.02 -36.54 -2.79
C ARG B 562 -7.34 -36.69 -1.43
N GLN B 563 -8.01 -37.41 -0.52
CA GLN B 563 -7.43 -37.81 0.77
C GLN B 563 -7.10 -36.61 1.66
N GLN B 564 -7.94 -35.58 1.62
CA GLN B 564 -7.79 -34.39 2.46
C GLN B 564 -9.10 -34.17 3.19
N ASN B 565 -9.20 -34.73 4.40
CA ASN B 565 -10.45 -34.69 5.15
C ASN B 565 -10.68 -33.33 5.81
N ARG B 566 -9.62 -32.65 6.22
CA ARG B 566 -9.69 -31.41 6.98
C ARG B 566 -9.32 -30.25 6.06
N VAL B 567 -10.31 -29.43 5.71
CA VAL B 567 -10.09 -28.23 4.92
C VAL B 567 -10.66 -27.04 5.68
N ARG B 568 -9.95 -25.91 5.61
CA ARG B 568 -10.37 -24.66 6.26
C ARG B 568 -10.07 -23.54 5.28
N ILE B 569 -11.07 -23.14 4.50
CA ILE B 569 -10.87 -22.20 3.40
C ILE B 569 -11.86 -21.06 3.50
N PHE B 570 -11.54 -19.97 2.80
CA PHE B 570 -12.42 -18.81 2.70
C PHE B 570 -12.23 -18.18 1.33
N GLU B 571 -13.14 -17.28 0.99
CA GLU B 571 -13.09 -16.58 -0.29
C GLU B 571 -13.80 -15.24 -0.17
N SER B 572 -13.31 -14.26 -0.92
CA SER B 572 -13.95 -12.95 -1.05
C SER B 572 -14.35 -12.74 -2.50
N GLY B 573 -15.57 -12.28 -2.72
CA GLY B 573 -16.06 -12.07 -4.07
C GLY B 573 -17.48 -11.57 -4.03
N LEU B 574 -17.95 -11.12 -5.19
CA LEU B 574 -19.30 -10.59 -5.31
C LEU B 574 -20.31 -11.72 -5.44
N ARG B 575 -21.54 -11.44 -5.01
CA ARG B 575 -22.69 -12.28 -5.27
C ARG B 575 -23.62 -11.56 -6.22
N PHE B 576 -24.46 -12.34 -6.92
CA PHE B 576 -25.32 -11.80 -7.97
C PHE B 576 -26.76 -12.19 -7.65
N VAL B 577 -27.52 -11.24 -7.11
CA VAL B 577 -28.90 -11.44 -6.71
C VAL B 577 -29.77 -10.48 -7.52
N PRO B 578 -30.76 -10.97 -8.27
CA PRO B 578 -31.60 -10.07 -9.07
C PRO B 578 -32.42 -9.14 -8.20
N ASP B 579 -32.25 -7.84 -8.43
CA ASP B 579 -32.97 -6.80 -7.68
C ASP B 579 -33.39 -5.72 -8.66
N THR B 580 -34.70 -5.52 -8.79
CA THR B 580 -35.21 -4.52 -9.73
C THR B 580 -34.86 -3.09 -9.31
N GLN B 581 -34.54 -2.87 -8.03
CA GLN B 581 -34.15 -1.56 -7.55
C GLN B 581 -32.65 -1.30 -7.66
N ALA B 582 -31.86 -2.30 -8.05
CA ALA B 582 -30.43 -2.17 -8.20
C ALA B 582 -30.08 -1.81 -9.63
N PRO B 583 -28.87 -1.28 -9.87
CA PRO B 583 -28.45 -1.02 -11.26
C PRO B 583 -28.44 -2.29 -12.09
N LEU B 584 -28.96 -2.18 -13.31
CA LEU B 584 -29.02 -3.27 -14.28
C LEU B 584 -29.85 -4.46 -13.78
N GLY B 585 -30.84 -4.23 -12.92
CA GLY B 585 -31.69 -5.28 -12.42
C GLY B 585 -31.01 -6.37 -11.63
N ILE B 586 -29.74 -6.20 -11.27
CA ILE B 586 -28.99 -7.21 -10.52
C ILE B 586 -28.11 -6.49 -9.51
N ARG B 587 -28.13 -6.94 -8.26
CA ARG B 587 -27.31 -6.34 -7.23
C ARG B 587 -26.07 -7.20 -7.00
N GLN B 588 -24.91 -6.55 -6.90
CA GLN B 588 -23.63 -7.24 -6.78
C GLN B 588 -22.91 -6.70 -5.55
N ASP B 589 -23.10 -7.36 -4.41
CA ASP B 589 -22.46 -6.97 -3.16
C ASP B 589 -21.24 -7.86 -2.91
N LEU B 590 -20.19 -7.27 -2.36
CA LEU B 590 -18.95 -7.99 -2.08
C LEU B 590 -19.13 -8.80 -0.79
N MET B 591 -18.89 -10.11 -0.89
CA MET B 591 -19.11 -11.03 0.22
C MET B 591 -17.78 -11.52 0.77
N LEU B 592 -17.87 -12.14 1.96
CA LEU B 592 -16.74 -12.84 2.58
C LEU B 592 -17.30 -14.11 3.20
N ALA B 593 -16.96 -15.26 2.63
CA ALA B 593 -17.50 -16.54 3.05
C ALA B 593 -16.39 -17.55 3.26
N GLY B 594 -16.66 -18.55 4.09
CA GLY B 594 -15.69 -19.58 4.40
C GLY B 594 -16.39 -20.86 4.83
N VAL B 595 -15.59 -21.90 5.04
CA VAL B 595 -16.11 -23.21 5.44
C VAL B 595 -14.97 -24.00 6.05
N ILE B 596 -15.26 -24.69 7.15
CA ILE B 596 -14.29 -25.54 7.83
C ILE B 596 -14.92 -26.90 8.08
N CYS B 597 -14.07 -27.93 8.14
CA CYS B 597 -14.52 -29.29 8.38
C CYS B 597 -13.34 -30.08 8.95
N GLY B 598 -13.56 -31.36 9.18
CA GLY B 598 -12.53 -32.22 9.72
C GLY B 598 -12.23 -31.89 11.18
N ASN B 599 -11.10 -32.41 11.64
CA ASN B 599 -10.66 -32.15 13.00
C ASN B 599 -10.27 -30.69 13.17
N ARG B 600 -10.21 -30.26 14.43
CA ARG B 600 -9.80 -28.90 14.73
C ARG B 600 -8.34 -28.67 14.33
N TYR B 601 -7.47 -29.61 14.67
CA TYR B 601 -6.07 -29.56 14.31
C TYR B 601 -5.70 -30.81 13.53
N GLU B 602 -4.53 -30.78 12.89
CA GLU B 602 -3.95 -32.00 12.37
C GLU B 602 -3.47 -32.86 13.53
N GLU B 603 -3.23 -34.15 13.24
CA GLU B 603 -2.84 -35.09 14.27
C GLU B 603 -1.59 -34.63 15.00
N HIS B 604 -1.76 -34.23 16.26
CA HIS B 604 -0.72 -33.59 17.06
C HIS B 604 -0.48 -34.42 18.32
N TRP B 605 0.77 -34.47 18.76
CA TRP B 605 1.13 -35.33 19.88
C TRP B 605 0.50 -34.89 21.20
N ASN B 606 -0.02 -33.66 21.28
CA ASN B 606 -0.57 -33.14 22.52
C ASN B 606 -1.97 -32.54 22.34
N LEU B 607 -2.58 -32.68 21.17
CA LEU B 607 -3.92 -32.18 20.91
C LEU B 607 -4.83 -33.34 20.52
N ALA B 608 -6.01 -33.39 21.12
CA ALA B 608 -6.92 -34.51 20.96
C ALA B 608 -7.78 -34.35 19.72
N LYS B 609 -7.95 -35.44 18.98
CA LYS B 609 -8.76 -35.45 17.76
C LYS B 609 -10.22 -35.16 18.08
N GLU B 610 -10.66 -33.94 17.85
CA GLU B 610 -12.07 -33.57 18.00
C GLU B 610 -12.52 -32.84 16.74
N THR B 611 -13.68 -33.23 16.23
CA THR B 611 -14.22 -32.58 15.04
C THR B 611 -14.70 -31.17 15.38
N VAL B 612 -14.60 -30.28 14.39
CA VAL B 612 -14.95 -28.87 14.59
C VAL B 612 -16.45 -28.73 14.83
N ASP B 613 -16.81 -27.81 15.72
CA ASP B 613 -18.21 -27.57 16.07
C ASP B 613 -18.56 -26.10 15.82
N PHE B 614 -19.76 -25.71 16.25
CA PHE B 614 -20.27 -24.37 15.96
C PHE B 614 -19.40 -23.28 16.60
N TYR B 615 -19.01 -23.49 17.87
CA TYR B 615 -18.30 -22.44 18.59
C TYR B 615 -16.87 -22.25 18.10
N ASP B 616 -16.34 -23.16 17.29
CA ASP B 616 -15.03 -22.93 16.68
C ASP B 616 -15.13 -21.90 15.57
N LEU B 617 -16.14 -22.01 14.70
CA LEU B 617 -16.29 -21.07 13.60
C LEU B 617 -16.75 -19.70 14.10
N LYS B 618 -17.63 -19.67 15.10
CA LYS B 618 -18.05 -18.40 15.67
C LYS B 618 -16.89 -17.68 16.33
N GLY B 619 -15.98 -18.43 16.96
CA GLY B 619 -14.80 -17.81 17.54
C GLY B 619 -13.95 -17.09 16.52
N ASP B 620 -13.77 -17.71 15.34
CA ASP B 620 -13.04 -17.03 14.27
C ASP B 620 -13.82 -15.83 13.74
N LEU B 621 -15.16 -15.89 13.77
CA LEU B 621 -15.95 -14.75 13.34
C LEU B 621 -15.87 -13.61 14.35
N GLU B 622 -15.93 -13.93 15.65
CA GLU B 622 -15.78 -12.90 16.66
C GLU B 622 -14.41 -12.22 16.58
N SER B 623 -13.38 -12.97 16.17
CA SER B 623 -12.07 -12.37 15.95
C SER B 623 -12.10 -11.43 14.75
N VAL B 624 -12.83 -11.79 13.70
CA VAL B 624 -12.97 -10.91 12.55
C VAL B 624 -13.76 -9.66 12.93
N LEU B 625 -14.88 -9.84 13.63
CA LEU B 625 -15.70 -8.71 14.03
C LEU B 625 -15.04 -7.84 15.08
N ASP B 626 -14.10 -8.39 15.86
CA ASP B 626 -13.40 -7.59 16.86
C ASP B 626 -12.48 -6.56 16.23
N LEU B 627 -12.12 -6.73 14.95
CA LEU B 627 -11.30 -5.74 14.27
C LEU B 627 -12.04 -4.41 14.09
N THR B 628 -13.38 -4.43 14.11
CA THR B 628 -14.17 -3.23 13.91
C THR B 628 -14.43 -2.47 15.21
N GLY B 629 -14.14 -3.07 16.37
CA GLY B 629 -14.51 -2.45 17.61
C GLY B 629 -15.99 -2.36 17.87
N LYS B 630 -16.79 -3.16 17.16
CA LYS B 630 -18.24 -3.15 17.30
C LYS B 630 -18.79 -4.51 17.75
N LEU B 631 -17.92 -5.39 18.26
CA LEU B 631 -18.38 -6.73 18.64
C LEU B 631 -19.38 -6.67 19.78
N ASN B 632 -19.29 -5.65 20.65
CA ASN B 632 -20.25 -5.50 21.74
C ASN B 632 -21.65 -5.17 21.21
N GLU B 633 -21.77 -4.75 19.96
CA GLU B 633 -23.06 -4.46 19.34
C GLU B 633 -23.44 -5.53 18.32
N VAL B 634 -23.11 -6.79 18.60
CA VAL B 634 -23.38 -7.91 17.71
C VAL B 634 -24.22 -8.94 18.45
N GLU B 635 -25.25 -9.44 17.77
CA GLU B 635 -26.13 -10.47 18.30
C GLU B 635 -26.07 -11.69 17.39
N PHE B 636 -26.34 -12.86 17.97
CA PHE B 636 -26.38 -14.12 17.24
C PHE B 636 -27.75 -14.77 17.49
N ARG B 637 -28.69 -14.50 16.60
CA ARG B 637 -30.04 -15.04 16.71
C ARG B 637 -30.16 -16.30 15.85
N ALA B 638 -30.78 -17.32 16.41
CA ALA B 638 -31.02 -18.57 15.69
C ALA B 638 -32.17 -18.36 14.72
N GLU B 639 -31.88 -18.33 13.43
CA GLU B 639 -32.89 -18.13 12.40
C GLU B 639 -32.79 -19.23 11.36
N ALA B 640 -33.90 -19.49 10.69
CA ALA B 640 -33.97 -20.59 9.74
C ALA B 640 -33.15 -20.29 8.49
N ASN B 641 -32.59 -21.35 7.91
CA ASN B 641 -31.90 -21.32 6.63
C ASN B 641 -32.02 -22.70 6.00
N PRO B 642 -32.43 -22.79 4.73
CA PRO B 642 -32.63 -24.12 4.12
C PRO B 642 -31.37 -24.96 4.05
N ALA B 643 -30.19 -24.36 4.18
CA ALA B 643 -28.92 -25.07 4.05
C ALA B 643 -28.24 -25.32 5.38
N LEU B 644 -28.82 -24.88 6.50
CA LEU B 644 -28.16 -24.94 7.79
C LEU B 644 -28.99 -25.75 8.78
N HIS B 645 -28.29 -26.50 9.63
CA HIS B 645 -28.87 -27.22 10.75
C HIS B 645 -29.74 -26.26 11.57
N PRO B 646 -31.02 -26.59 11.79
CA PRO B 646 -31.90 -25.61 12.48
C PRO B 646 -31.48 -25.32 13.90
N GLY B 647 -31.02 -26.32 14.65
CA GLY B 647 -30.60 -26.09 16.01
C GLY B 647 -29.26 -25.41 16.13
N GLN B 648 -28.40 -25.56 15.14
CA GLN B 648 -27.04 -25.03 15.16
C GLN B 648 -26.83 -23.99 14.07
N SER B 649 -27.86 -23.20 13.78
CA SER B 649 -27.77 -22.09 12.86
C SER B 649 -27.90 -20.77 13.61
N ALA B 650 -27.32 -19.72 13.05
CA ALA B 650 -27.35 -18.41 13.69
C ALA B 650 -27.13 -17.33 12.64
N ALA B 651 -28.06 -16.38 12.58
CA ALA B 651 -27.90 -15.21 11.73
C ALA B 651 -27.25 -14.09 12.52
N ILE B 652 -26.27 -13.43 11.91
CA ILE B 652 -25.48 -12.40 12.58
C ILE B 652 -26.15 -11.05 12.37
N TYR B 653 -26.33 -10.30 13.46
CA TYR B 653 -26.95 -8.98 13.42
C TYR B 653 -25.99 -7.95 13.98
N LEU B 654 -25.98 -6.77 13.36
CA LEU B 654 -25.20 -5.63 13.82
C LEU B 654 -26.04 -4.39 13.65
N LYS B 655 -26.27 -3.67 14.75
CA LYS B 655 -27.16 -2.50 14.78
C LYS B 655 -28.55 -2.84 14.26
N GLY B 656 -29.00 -4.07 14.51
CA GLY B 656 -30.29 -4.49 14.01
C GLY B 656 -30.35 -4.67 12.50
N GLU B 657 -29.23 -5.03 11.87
CA GLU B 657 -29.18 -5.30 10.44
C GLU B 657 -28.50 -6.64 10.22
N ARG B 658 -29.20 -7.55 9.54
CA ARG B 658 -28.63 -8.86 9.24
C ARG B 658 -27.49 -8.70 8.24
N ILE B 659 -26.30 -9.17 8.62
CA ILE B 659 -25.11 -9.01 7.81
C ILE B 659 -24.45 -10.33 7.47
N GLY B 660 -25.04 -11.46 7.84
CA GLY B 660 -24.45 -12.73 7.48
C GLY B 660 -25.10 -13.89 8.20
N PHE B 661 -24.61 -15.08 7.88
CA PHE B 661 -25.08 -16.33 8.46
C PHE B 661 -23.88 -17.14 8.95
N VAL B 662 -24.16 -18.09 9.83
CA VAL B 662 -23.14 -19.01 10.33
C VAL B 662 -23.87 -20.22 10.91
N GLY B 663 -23.29 -21.39 10.72
CA GLY B 663 -23.86 -22.60 11.28
C GLY B 663 -23.38 -23.84 10.55
N VAL B 664 -23.79 -24.98 11.08
CA VAL B 664 -23.46 -26.27 10.51
C VAL B 664 -24.32 -26.51 9.26
N VAL B 665 -23.71 -27.10 8.24
CA VAL B 665 -24.49 -27.50 7.07
C VAL B 665 -25.51 -28.55 7.48
N HIS B 666 -26.73 -28.40 6.97
CA HIS B 666 -27.79 -29.34 7.26
C HIS B 666 -27.35 -30.75 6.85
N PRO B 667 -27.59 -31.77 7.70
CA PRO B 667 -27.12 -33.12 7.35
C PRO B 667 -27.75 -33.69 6.10
N GLU B 668 -28.93 -33.21 5.70
CA GLU B 668 -29.52 -33.65 4.44
C GLU B 668 -28.75 -33.06 3.26
N LEU B 669 -28.39 -31.78 3.34
CA LEU B 669 -27.54 -31.19 2.31
C LEU B 669 -26.12 -31.76 2.36
N GLU B 670 -25.68 -32.19 3.55
CA GLU B 670 -24.40 -32.88 3.65
C GLU B 670 -24.44 -34.22 2.92
N ARG B 671 -25.58 -34.91 2.99
CA ARG B 671 -25.71 -36.19 2.29
C ARG B 671 -25.78 -35.99 0.78
N LYS B 672 -26.42 -34.90 0.33
CA LYS B 672 -26.57 -34.65 -1.10
C LYS B 672 -25.23 -34.40 -1.77
N LEU B 673 -24.27 -33.84 -1.04
CA LEU B 673 -22.99 -33.41 -1.62
C LEU B 673 -21.86 -34.38 -1.30
N ASP B 674 -22.14 -35.50 -0.64
CA ASP B 674 -21.13 -36.49 -0.30
C ASP B 674 -19.98 -35.86 0.50
N LEU B 675 -20.34 -35.00 1.45
CA LEU B 675 -19.35 -34.44 2.36
C LEU B 675 -18.93 -35.48 3.37
N ASN B 676 -17.64 -35.52 3.67
CA ASN B 676 -17.09 -36.58 4.53
C ASN B 676 -17.51 -36.44 5.99
N GLY B 677 -18.18 -35.36 6.37
CA GLY B 677 -18.59 -35.21 7.75
C GLY B 677 -19.15 -33.83 8.00
N ARG B 678 -19.22 -33.47 9.28
CA ARG B 678 -19.79 -32.20 9.69
C ARG B 678 -18.99 -31.04 9.11
N THR B 679 -19.67 -30.18 8.36
CA THR B 679 -19.06 -29.01 7.76
C THR B 679 -19.81 -27.76 8.23
N LEU B 680 -19.07 -26.67 8.43
CA LEU B 680 -19.63 -25.43 8.93
C LEU B 680 -19.27 -24.30 7.98
N VAL B 681 -20.26 -23.49 7.64
CA VAL B 681 -20.08 -22.40 6.69
C VAL B 681 -20.45 -21.08 7.36
N PHE B 682 -20.07 -19.99 6.69
CA PHE B 682 -20.50 -18.65 7.08
C PHE B 682 -20.42 -17.76 5.85
N GLU B 683 -21.15 -16.65 5.90
CA GLU B 683 -21.08 -15.63 4.88
C GLU B 683 -21.23 -14.27 5.56
N LEU B 684 -20.57 -13.27 5.00
CA LEU B 684 -20.63 -11.92 5.55
C LEU B 684 -20.73 -10.91 4.42
N GLU B 685 -21.50 -9.85 4.65
CA GLU B 685 -21.59 -8.73 3.72
C GLU B 685 -20.48 -7.74 4.07
N TRP B 686 -19.49 -7.61 3.18
CA TRP B 686 -18.26 -6.91 3.53
C TRP B 686 -18.51 -5.43 3.81
N ASN B 687 -19.35 -4.78 3.00
CA ASN B 687 -19.51 -3.33 3.13
C ASN B 687 -20.12 -2.94 4.47
N LYS B 688 -20.90 -3.84 5.08
CA LYS B 688 -21.56 -3.52 6.34
C LYS B 688 -20.61 -3.62 7.54
N LEU B 689 -19.47 -4.26 7.38
CA LEU B 689 -18.43 -4.26 8.41
C LEU B 689 -17.12 -3.65 7.91
N ALA B 690 -17.20 -2.85 6.84
CA ALA B 690 -16.03 -2.18 6.29
C ALA B 690 -15.61 -0.95 7.08
N ASP B 691 -16.35 -0.60 8.13
CA ASP B 691 -15.99 0.51 9.01
C ASP B 691 -15.53 -0.04 10.35
N ARG B 692 -14.61 0.69 10.99
CA ARG B 692 -14.11 0.32 12.31
C ARG B 692 -14.12 1.54 13.20
N VAL B 693 -14.04 1.29 14.51
CA VAL B 693 -14.10 2.35 15.51
C VAL B 693 -12.72 2.98 15.67
N VAL B 694 -12.66 4.29 15.57
CA VAL B 694 -11.42 5.02 15.85
C VAL B 694 -11.32 5.24 17.35
N PRO B 695 -10.22 4.85 17.99
CA PRO B 695 -10.18 4.90 19.46
C PRO B 695 -10.19 6.31 20.02
N GLN B 696 -10.80 6.44 21.20
CA GLN B 696 -10.78 7.66 21.99
C GLN B 696 -10.35 7.27 23.40
N ALA B 697 -9.28 7.88 23.88
CA ALA B 697 -8.68 7.48 25.15
C ALA B 697 -9.63 7.78 26.31
N ARG B 698 -9.98 6.75 27.07
CA ARG B 698 -10.76 6.89 28.28
C ARG B 698 -9.85 6.73 29.49
N GLU B 699 -10.07 7.57 30.50
CA GLU B 699 -9.21 7.57 31.68
C GLU B 699 -9.42 6.29 32.50
N ILE B 700 -8.34 5.79 33.08
CA ILE B 700 -8.34 4.52 33.79
C ILE B 700 -8.47 4.78 35.29
N SER B 701 -9.19 3.90 35.97
CA SER B 701 -9.33 4.01 37.42
C SER B 701 -8.00 3.72 38.10
N ARG B 702 -7.64 4.55 39.08
CA ARG B 702 -6.43 4.36 39.87
C ARG B 702 -6.70 3.58 41.15
N PHE B 703 -7.90 3.03 41.31
CA PHE B 703 -8.32 2.30 42.49
C PHE B 703 -8.71 0.87 42.12
N PRO B 704 -8.56 -0.08 43.03
CA PRO B 704 -8.75 -1.49 42.68
C PRO B 704 -10.20 -1.82 42.36
N ALA B 705 -10.41 -3.05 41.91
CA ALA B 705 -11.71 -3.55 41.50
C ALA B 705 -12.12 -4.74 42.37
N ASN B 706 -13.38 -5.13 42.25
CA ASN B 706 -13.94 -6.24 43.00
C ASN B 706 -14.72 -7.16 42.06
N ARG B 707 -14.73 -8.46 42.39
CA ARG B 707 -15.39 -9.47 41.59
C ARG B 707 -16.34 -10.27 42.45
N ARG B 708 -17.57 -10.46 41.97
CA ARG B 708 -18.58 -11.27 42.65
C ARG B 708 -19.20 -12.22 41.63
N ASP B 709 -19.34 -13.48 42.02
CA ASP B 709 -19.90 -14.50 41.15
C ASP B 709 -21.36 -14.76 41.50
N ILE B 710 -22.15 -15.09 40.49
CA ILE B 710 -23.56 -15.47 40.68
C ILE B 710 -23.85 -16.68 39.79
N ALA B 711 -24.58 -17.64 40.35
CA ALA B 711 -25.06 -18.81 39.61
C ALA B 711 -26.56 -18.64 39.43
N VAL B 712 -27.00 -18.47 38.18
CA VAL B 712 -28.38 -18.15 37.87
C VAL B 712 -28.99 -19.31 37.10
N VAL B 713 -30.04 -19.90 37.63
CA VAL B 713 -30.75 -21.01 37.00
C VAL B 713 -31.94 -20.44 36.24
N VAL B 714 -31.91 -20.56 34.92
CA VAL B 714 -32.99 -20.12 34.05
C VAL B 714 -33.41 -21.30 33.17
N ALA B 715 -34.45 -21.07 32.37
CA ALA B 715 -34.90 -22.08 31.42
C ALA B 715 -33.96 -22.14 30.23
N GLU B 716 -33.80 -23.36 29.69
CA GLU B 716 -32.93 -23.56 28.53
C GLU B 716 -33.43 -22.86 27.28
N ASN B 717 -34.66 -22.35 27.29
CA ASN B 717 -35.15 -21.56 26.16
C ASN B 717 -34.47 -20.21 26.06
N VAL B 718 -33.87 -19.71 27.14
CA VAL B 718 -33.30 -18.37 27.18
C VAL B 718 -31.88 -18.39 26.62
N PRO B 719 -31.58 -17.58 25.61
CA PRO B 719 -30.18 -17.47 25.15
C PRO B 719 -29.35 -16.73 26.18
N ALA B 720 -28.11 -17.19 26.35
CA ALA B 720 -27.27 -16.69 27.44
C ALA B 720 -26.88 -15.23 27.22
N ALA B 721 -26.57 -14.84 26.00
CA ALA B 721 -26.13 -13.47 25.73
C ALA B 721 -27.18 -12.44 26.10
N ASP B 722 -28.46 -12.84 26.15
CA ASP B 722 -29.50 -11.92 26.62
C ASP B 722 -29.36 -11.65 28.12
N ILE B 723 -28.82 -12.61 28.87
CA ILE B 723 -28.66 -12.41 30.31
C ILE B 723 -27.50 -11.47 30.58
N LEU B 724 -26.35 -11.69 29.93
CA LEU B 724 -25.20 -10.82 30.13
C LEU B 724 -25.46 -9.41 29.63
N SER B 725 -26.24 -9.27 28.55
CA SER B 725 -26.55 -7.94 28.03
C SER B 725 -27.32 -7.12 29.06
N GLU B 726 -28.29 -7.73 29.73
CA GLU B 726 -29.08 -7.00 30.72
C GLU B 726 -28.30 -6.75 32.00
N CYS B 727 -27.42 -7.69 32.38
CA CYS B 727 -26.62 -7.51 33.59
C CYS B 727 -25.67 -6.31 33.46
N LYS B 728 -25.16 -6.06 32.25
CA LYS B 728 -24.34 -4.89 32.00
C LYS B 728 -25.16 -3.66 31.65
N LYS B 729 -26.41 -3.83 31.22
CA LYS B 729 -27.31 -2.71 30.94
C LYS B 729 -27.99 -2.20 32.19
N VAL B 730 -28.53 -3.09 33.03
CA VAL B 730 -29.17 -2.66 34.27
C VAL B 730 -28.14 -2.02 35.19
N GLY B 731 -26.94 -2.56 35.23
CA GLY B 731 -25.87 -1.99 36.04
C GLY B 731 -24.79 -1.36 35.21
N VAL B 732 -24.77 -0.04 35.13
CA VAL B 732 -23.71 0.69 34.45
C VAL B 732 -22.86 1.41 35.49
N ASN B 733 -22.65 2.71 35.28
CA ASN B 733 -21.92 3.55 36.23
C ASN B 733 -20.53 3.00 36.53
N GLN B 734 -20.46 1.95 37.36
CA GLN B 734 -19.19 1.37 37.74
C GLN B 734 -19.11 -0.13 37.50
N VAL B 735 -20.12 -0.75 36.90
CA VAL B 735 -20.04 -2.16 36.50
C VAL B 735 -19.30 -2.21 35.16
N VAL B 736 -18.09 -2.76 35.17
CA VAL B 736 -17.21 -2.71 34.00
C VAL B 736 -16.92 -4.08 33.42
N GLY B 737 -17.32 -5.17 34.06
CA GLY B 737 -16.99 -6.48 33.57
C GLY B 737 -18.05 -7.54 33.79
N VAL B 738 -18.52 -8.17 32.71
CA VAL B 738 -19.47 -9.26 32.78
C VAL B 738 -18.91 -10.41 31.96
N ASN B 739 -18.71 -11.56 32.61
CA ASN B 739 -18.16 -12.73 31.93
C ASN B 739 -18.86 -13.99 32.43
N LEU B 740 -19.09 -14.92 31.51
CA LEU B 740 -19.67 -16.22 31.81
C LEU B 740 -18.57 -17.28 31.73
N PHE B 741 -18.40 -18.05 32.81
CA PHE B 741 -17.31 -19.00 32.89
C PHE B 741 -17.74 -20.46 33.02
N ASP B 742 -19.03 -20.74 33.13
CA ASP B 742 -19.50 -22.12 33.13
C ASP B 742 -21.01 -22.15 32.95
N VAL B 743 -21.50 -23.27 32.43
CA VAL B 743 -22.92 -23.55 32.32
C VAL B 743 -23.16 -24.96 32.86
N TYR B 744 -24.28 -25.15 33.55
CA TYR B 744 -24.58 -26.43 34.19
C TYR B 744 -26.01 -26.85 33.88
N ARG B 745 -26.15 -28.05 33.32
CA ARG B 745 -27.46 -28.66 33.05
C ARG B 745 -27.35 -30.13 33.45
N GLY B 746 -27.68 -30.45 34.71
CA GLY B 746 -27.60 -31.81 35.16
C GLY B 746 -28.05 -32.04 36.59
N LYS B 747 -27.39 -32.96 37.28
CA LYS B 747 -27.74 -33.30 38.65
C LYS B 747 -27.54 -32.10 39.58
N GLY B 748 -28.65 -31.59 40.14
CA GLY B 748 -28.60 -30.42 40.98
C GLY B 748 -29.57 -29.36 40.53
N VAL B 749 -29.88 -29.36 39.23
CA VAL B 749 -30.84 -28.44 38.64
C VAL B 749 -31.93 -29.26 37.96
N ALA B 750 -33.17 -28.77 38.01
CA ALA B 750 -34.28 -29.47 37.38
C ALA B 750 -34.13 -29.45 35.87
N GLU B 751 -34.58 -30.52 35.23
CA GLU B 751 -34.48 -30.64 33.78
C GLU B 751 -35.33 -29.59 33.09
N GLY B 752 -34.90 -29.20 31.89
CA GLY B 752 -35.48 -28.07 31.20
C GLY B 752 -34.94 -26.73 31.63
N TYR B 753 -34.03 -26.69 32.60
CA TYR B 753 -33.44 -25.47 33.10
C TYR B 753 -31.92 -25.61 33.07
N LYS B 754 -31.23 -24.48 33.20
CA LYS B 754 -29.78 -24.47 33.15
C LYS B 754 -29.25 -23.40 34.11
N SER B 755 -28.11 -23.68 34.72
CA SER B 755 -27.47 -22.77 35.66
C SER B 755 -26.31 -22.08 34.95
N LEU B 756 -26.36 -20.76 34.87
CA LEU B 756 -25.33 -19.96 34.22
C LEU B 756 -24.56 -19.20 35.28
N ALA B 757 -23.25 -19.43 35.34
CA ALA B 757 -22.38 -18.80 36.32
C ALA B 757 -21.73 -17.56 35.68
N ILE B 758 -22.16 -16.38 36.12
CA ILE B 758 -21.70 -15.11 35.58
C ILE B 758 -20.90 -14.38 36.65
N SER B 759 -19.74 -13.86 36.26
CA SER B 759 -18.92 -13.05 37.15
C SER B 759 -19.21 -11.57 36.88
N LEU B 760 -19.28 -10.79 37.95
CA LEU B 760 -19.54 -9.36 37.87
C LEU B 760 -18.34 -8.61 38.44
N ILE B 761 -17.76 -7.72 37.64
CA ILE B 761 -16.59 -6.93 38.04
C ILE B 761 -17.06 -5.48 38.19
N LEU B 762 -16.94 -4.95 39.40
CA LEU B 762 -17.40 -3.61 39.71
C LEU B 762 -16.21 -2.74 40.14
N GLN B 763 -16.15 -1.53 39.60
CA GLN B 763 -15.05 -0.61 39.88
C GLN B 763 -15.37 0.78 39.35
N ASP B 764 -15.15 1.80 40.17
CA ASP B 764 -15.32 3.19 39.75
C ASP B 764 -13.98 3.91 39.77
N THR B 765 -13.90 4.99 38.99
CA THR B 765 -12.66 5.72 38.80
C THR B 765 -12.38 6.76 39.86
N SER B 766 -13.38 7.11 40.69
CA SER B 766 -13.22 8.21 41.63
C SER B 766 -13.00 7.76 43.07
N ARG B 767 -13.45 6.57 43.45
CA ARG B 767 -13.36 6.12 44.83
C ARG B 767 -13.16 4.61 44.86
N THR B 768 -13.15 4.06 46.07
CA THR B 768 -13.07 2.62 46.31
C THR B 768 -14.39 2.14 46.90
N LEU B 769 -14.77 0.91 46.56
CA LEU B 769 -16.04 0.34 46.99
C LEU B 769 -15.80 -0.82 47.95
N GLU B 770 -16.76 -1.01 48.86
CA GLU B 770 -16.77 -2.12 49.80
C GLU B 770 -18.11 -2.85 49.66
N GLU B 771 -18.33 -3.85 50.52
CA GLU B 771 -19.47 -4.75 50.38
C GLU B 771 -20.80 -4.04 50.65
N GLU B 772 -20.76 -2.74 50.92
CA GLU B 772 -21.98 -1.98 51.14
C GLU B 772 -22.82 -1.92 49.88
N GLU B 773 -22.30 -1.27 48.85
CA GLU B 773 -23.04 -1.14 47.60
C GLU B 773 -22.81 -2.32 46.66
N ILE B 774 -21.73 -3.09 46.86
CA ILE B 774 -21.44 -4.20 45.96
C ILE B 774 -22.46 -5.31 46.12
N ALA B 775 -22.76 -5.69 47.37
CA ALA B 775 -23.75 -6.72 47.62
C ALA B 775 -25.16 -6.29 47.21
N ALA B 776 -25.42 -4.99 47.14
CA ALA B 776 -26.73 -4.52 46.70
C ALA B 776 -26.80 -4.43 45.17
N THR B 777 -25.73 -3.98 44.52
CA THR B 777 -25.70 -3.93 43.07
C THR B 777 -25.77 -5.32 42.46
N VAL B 778 -25.11 -6.30 43.10
CA VAL B 778 -25.24 -7.68 42.66
C VAL B 778 -26.67 -8.16 42.83
N ALA B 779 -27.28 -7.88 43.98
CA ALA B 779 -28.67 -8.22 44.21
C ALA B 779 -29.62 -7.32 43.42
N LYS B 780 -29.14 -6.20 42.88
CA LYS B 780 -30.00 -5.31 42.11
C LYS B 780 -30.46 -5.97 40.82
N CYS B 781 -29.53 -6.52 40.06
CA CYS B 781 -29.86 -7.13 38.78
C CYS B 781 -30.26 -8.60 38.90
N VAL B 782 -29.85 -9.28 39.98
CA VAL B 782 -30.33 -10.64 40.22
C VAL B 782 -31.84 -10.66 40.38
N GLU B 783 -32.39 -9.66 41.07
CA GLU B 783 -33.84 -9.51 41.13
C GLU B 783 -34.42 -9.12 39.77
N ALA B 784 -33.64 -8.42 38.95
CA ALA B 784 -34.07 -8.11 37.59
C ALA B 784 -33.99 -9.33 36.67
N LEU B 785 -33.29 -10.39 37.07
CA LEU B 785 -33.25 -11.61 36.28
C LEU B 785 -34.51 -12.44 36.46
N LYS B 786 -35.31 -12.17 37.49
CA LYS B 786 -36.58 -12.86 37.68
C LYS B 786 -37.72 -12.22 36.93
N GLU B 787 -37.67 -10.90 36.72
CA GLU B 787 -38.71 -10.23 35.96
C GLU B 787 -38.68 -10.66 34.50
N ARG B 788 -37.49 -10.75 33.91
CA ARG B 788 -37.35 -11.15 32.51
C ARG B 788 -37.16 -12.64 32.33
N PHE B 789 -36.50 -13.30 33.27
CA PHE B 789 -36.23 -14.73 33.16
C PHE B 789 -36.71 -15.47 34.41
N GLN B 790 -35.77 -16.06 35.16
CA GLN B 790 -36.13 -16.81 36.36
C GLN B 790 -35.23 -16.43 37.53
N ALA B 791 -35.36 -17.16 38.64
CA ALA B 791 -34.67 -16.81 39.87
C ALA B 791 -33.28 -17.45 39.93
N SER B 792 -32.55 -17.15 41.00
CA SER B 792 -31.20 -17.65 41.20
C SER B 792 -31.26 -19.04 41.84
N LEU B 793 -30.09 -19.55 42.23
CA LEU B 793 -30.00 -20.85 42.89
C LEU B 793 -28.65 -21.01 43.58
N GLU C 11 -64.08 -54.97 -2.80
CA GLU C 11 -64.39 -56.00 -1.82
C GLU C 11 -63.28 -57.05 -1.75
N LEU C 12 -62.83 -57.34 -0.53
CA LEU C 12 -61.77 -58.32 -0.28
C LEU C 12 -60.45 -57.93 -0.92
N VAL C 13 -60.46 -57.68 -2.24
CA VAL C 13 -59.25 -57.27 -2.93
C VAL C 13 -58.74 -55.94 -2.37
N ALA C 14 -59.65 -55.04 -2.02
CA ALA C 14 -59.29 -53.78 -1.40
C ALA C 14 -59.61 -53.70 0.08
N SER C 15 -60.51 -54.56 0.58
CA SER C 15 -60.81 -54.58 2.01
C SER C 15 -59.64 -55.12 2.82
N ALA C 16 -58.89 -56.08 2.25
CA ALA C 16 -57.70 -56.58 2.93
C ALA C 16 -56.57 -55.56 2.87
N LYS C 17 -56.45 -54.83 1.76
CA LYS C 17 -55.46 -53.76 1.67
C LYS C 17 -55.86 -52.54 2.48
N ALA C 18 -57.15 -52.39 2.81
CA ALA C 18 -57.57 -51.31 3.68
C ALA C 18 -57.19 -51.58 5.13
N ALA C 19 -57.30 -52.84 5.56
CA ALA C 19 -56.86 -53.24 6.89
C ALA C 19 -55.34 -53.41 6.97
N ILE C 20 -54.64 -53.31 5.86
CA ILE C 20 -53.18 -53.45 5.86
C ILE C 20 -52.49 -52.10 5.96
N SER C 21 -52.89 -51.14 5.12
CA SER C 21 -52.28 -49.82 5.15
C SER C 21 -52.69 -49.05 6.39
N GLN C 22 -53.90 -49.28 6.90
CA GLN C 22 -54.33 -48.61 8.12
C GLN C 22 -53.60 -49.15 9.34
N ALA C 23 -53.28 -50.45 9.34
CA ALA C 23 -52.51 -51.02 10.44
C ALA C 23 -51.06 -50.54 10.40
N SER C 24 -50.54 -50.24 9.21
CA SER C 24 -49.19 -49.72 9.06
C SER C 24 -49.12 -48.21 9.24
N ASP C 25 -50.24 -47.54 9.50
CA ASP C 25 -50.24 -46.11 9.73
C ASP C 25 -49.78 -45.79 11.15
N VAL C 26 -50.48 -46.34 12.15
CA VAL C 26 -50.16 -46.10 13.55
C VAL C 26 -49.11 -47.10 14.01
N ALA C 27 -47.96 -47.12 13.34
CA ALA C 27 -46.85 -47.99 13.70
C ALA C 27 -45.78 -47.14 14.37
N ALA C 28 -45.73 -47.18 15.70
CA ALA C 28 -44.79 -46.39 16.47
C ALA C 28 -43.35 -46.79 16.14
N LEU C 29 -42.93 -47.94 16.63
CA LEU C 29 -41.59 -48.45 16.33
C LEU C 29 -41.58 -49.05 14.93
N ASP C 30 -40.52 -49.77 14.59
CA ASP C 30 -40.42 -50.44 13.29
C ASP C 30 -41.18 -51.75 13.24
N ASN C 31 -42.39 -51.79 13.81
CA ASN C 31 -43.25 -52.96 13.75
C ASN C 31 -43.94 -53.09 12.39
N VAL C 32 -43.51 -52.31 11.41
CA VAL C 32 -43.97 -52.48 10.03
C VAL C 32 -43.68 -53.90 9.55
N ARG C 33 -42.63 -54.53 10.08
CA ARG C 33 -42.31 -55.90 9.70
C ARG C 33 -43.35 -56.89 10.24
N VAL C 34 -44.04 -56.54 11.33
CA VAL C 34 -45.02 -57.46 11.91
C VAL C 34 -46.28 -57.50 11.04
N GLU C 35 -46.74 -56.33 10.57
CA GLU C 35 -47.81 -56.31 9.59
C GLU C 35 -47.38 -56.94 8.27
N TYR C 36 -46.10 -56.80 7.92
CA TYR C 36 -45.53 -57.53 6.80
C TYR C 36 -45.77 -59.03 6.95
N LEU C 37 -45.77 -59.55 8.18
CA LEU C 37 -45.97 -60.97 8.40
C LEU C 37 -47.41 -61.38 8.13
N GLY C 38 -48.35 -60.77 8.85
CA GLY C 38 -49.74 -61.21 8.77
C GLY C 38 -50.39 -60.86 7.43
N LYS C 39 -50.08 -59.68 6.89
CA LYS C 39 -50.74 -59.24 5.67
C LYS C 39 -50.20 -59.97 4.44
N LYS C 40 -48.87 -60.03 4.30
CA LYS C 40 -48.31 -60.81 3.20
C LYS C 40 -48.50 -62.31 3.40
N GLY C 41 -48.94 -62.74 4.57
CA GLY C 41 -49.39 -64.09 4.76
C GLY C 41 -50.82 -64.25 4.31
N HIS C 42 -51.63 -63.20 4.52
CA HIS C 42 -53.00 -63.21 4.02
C HIS C 42 -53.02 -63.15 2.49
N LEU C 43 -52.13 -62.36 1.90
CA LEU C 43 -52.08 -62.24 0.45
C LEU C 43 -51.35 -63.40 -0.22
N THR C 44 -50.55 -64.15 0.54
CA THR C 44 -50.00 -65.42 0.06
C THR C 44 -50.95 -66.58 0.27
N LEU C 45 -51.86 -66.49 1.24
CA LEU C 45 -52.86 -67.52 1.46
C LEU C 45 -54.11 -67.30 0.61
N GLN C 46 -54.57 -66.07 0.48
CA GLN C 46 -55.70 -65.80 -0.40
C GLN C 46 -55.33 -65.90 -1.87
N MET C 47 -54.05 -66.13 -2.19
CA MET C 47 -53.65 -66.49 -3.55
C MET C 47 -53.85 -67.97 -3.84
N THR C 48 -54.13 -68.78 -2.81
CA THR C 48 -54.42 -70.20 -3.03
C THR C 48 -55.81 -70.41 -3.64
N THR C 49 -56.66 -69.39 -3.64
CA THR C 49 -57.94 -69.46 -4.33
C THR C 49 -57.80 -69.46 -5.85
N LEU C 50 -56.59 -69.30 -6.37
CA LEU C 50 -56.33 -69.37 -7.80
C LEU C 50 -56.46 -70.78 -8.36
N ARG C 51 -56.71 -71.78 -7.51
CA ARG C 51 -56.94 -73.13 -7.97
C ARG C 51 -58.36 -73.33 -8.52
N GLU C 52 -59.22 -72.32 -8.40
CA GLU C 52 -60.56 -72.32 -8.97
C GLU C 52 -60.59 -71.39 -10.18
N LEU C 53 -61.78 -70.88 -10.51
CA LEU C 53 -62.00 -69.91 -11.57
C LEU C 53 -61.73 -70.54 -12.94
N PRO C 54 -62.20 -69.94 -14.03
CA PRO C 54 -61.87 -70.46 -15.36
C PRO C 54 -60.40 -70.29 -15.66
N PRO C 55 -59.76 -71.31 -16.26
CA PRO C 55 -58.35 -71.17 -16.65
C PRO C 55 -58.11 -70.18 -17.78
N GLU C 56 -59.14 -69.49 -18.26
CA GLU C 56 -58.95 -68.54 -19.35
C GLU C 56 -58.06 -67.39 -18.94
N GLU C 57 -58.33 -66.81 -17.77
CA GLU C 57 -57.56 -65.68 -17.26
C GLU C 57 -57.14 -65.91 -15.82
N ARG C 58 -56.74 -67.14 -15.49
CA ARG C 58 -56.06 -67.37 -14.22
C ARG C 58 -54.78 -66.56 -14.09
N PRO C 59 -53.98 -66.33 -15.15
CA PRO C 59 -52.88 -65.37 -15.02
C PRO C 59 -53.35 -63.97 -14.66
N ALA C 60 -54.50 -63.54 -15.17
CA ALA C 60 -55.02 -62.22 -14.81
C ALA C 60 -55.41 -62.15 -13.34
N ALA C 61 -55.90 -63.25 -12.78
CA ALA C 61 -56.20 -63.28 -11.36
C ALA C 61 -54.92 -63.24 -10.53
N GLY C 62 -53.83 -63.81 -11.04
CA GLY C 62 -52.57 -63.75 -10.33
C GLY C 62 -51.95 -62.37 -10.36
N ALA C 63 -52.03 -61.69 -11.51
CA ALA C 63 -51.53 -60.32 -11.60
C ALA C 63 -52.38 -59.34 -10.81
N VAL C 64 -53.64 -59.68 -10.53
CA VAL C 64 -54.49 -58.83 -9.70
C VAL C 64 -54.18 -58.99 -8.23
N ILE C 65 -53.45 -60.04 -7.84
CA ILE C 65 -53.09 -60.28 -6.46
C ILE C 65 -51.70 -59.75 -6.14
N ASN C 66 -50.74 -59.92 -7.08
CA ASN C 66 -49.38 -59.48 -6.83
C ASN C 66 -49.30 -57.95 -6.72
N GLU C 67 -49.93 -57.25 -7.66
CA GLU C 67 -49.94 -55.78 -7.59
C GLU C 67 -50.69 -55.29 -6.36
N ALA C 68 -51.68 -56.06 -5.89
CA ALA C 68 -52.33 -55.73 -4.62
C ALA C 68 -51.40 -55.89 -3.44
N LYS C 69 -50.37 -56.73 -3.56
CA LYS C 69 -49.33 -56.83 -2.54
C LYS C 69 -48.20 -55.83 -2.77
N GLU C 70 -47.94 -55.48 -4.02
CA GLU C 70 -46.96 -54.43 -4.30
C GLU C 70 -47.44 -53.08 -3.79
N GLN C 71 -48.75 -52.84 -3.81
CA GLN C 71 -49.31 -51.63 -3.21
C GLN C 71 -49.31 -51.69 -1.69
N VAL C 72 -49.03 -52.86 -1.10
CA VAL C 72 -48.90 -52.98 0.35
C VAL C 72 -47.48 -52.71 0.79
N GLN C 73 -46.49 -53.36 0.14
CA GLN C 73 -45.10 -53.08 0.46
C GLN C 73 -44.69 -51.68 0.00
N GLN C 74 -45.46 -51.05 -0.88
CA GLN C 74 -45.29 -49.62 -1.13
C GLN C 74 -45.69 -48.82 0.10
N ALA C 75 -46.76 -49.24 0.79
CA ALA C 75 -47.16 -48.59 2.03
C ALA C 75 -46.21 -48.93 3.17
N LEU C 76 -45.40 -49.98 3.04
CA LEU C 76 -44.42 -50.30 4.06
C LEU C 76 -43.18 -49.43 3.92
N ASN C 77 -42.64 -49.32 2.71
CA ASN C 77 -41.45 -48.52 2.48
C ASN C 77 -41.74 -47.03 2.69
N ALA C 78 -42.90 -46.56 2.21
CA ALA C 78 -43.28 -45.18 2.44
C ALA C 78 -43.52 -44.90 3.92
N ARG C 79 -43.89 -45.93 4.69
CA ARG C 79 -44.00 -45.78 6.13
C ARG C 79 -42.63 -45.89 6.79
N LYS C 80 -41.79 -46.83 6.35
CA LYS C 80 -40.44 -46.93 6.84
C LYS C 80 -39.60 -45.70 6.46
N ALA C 81 -40.03 -44.96 5.43
CA ALA C 81 -39.35 -43.71 5.08
C ALA C 81 -39.62 -42.63 6.12
N GLU C 82 -40.87 -42.53 6.59
CA GLU C 82 -41.18 -41.59 7.66
C GLU C 82 -40.55 -42.00 8.98
N LEU C 83 -40.34 -43.30 9.19
CA LEU C 83 -39.76 -43.76 10.45
C LEU C 83 -38.29 -43.39 10.56
N GLU C 84 -37.55 -43.49 9.46
CA GLU C 84 -36.15 -43.09 9.48
C GLU C 84 -36.00 -41.57 9.44
N SER C 85 -36.90 -40.88 8.73
CA SER C 85 -36.89 -39.42 8.74
C SER C 85 -37.38 -38.85 10.06
N ALA C 86 -38.20 -39.60 10.79
CA ALA C 86 -38.54 -39.20 12.15
C ALA C 86 -37.35 -39.39 13.09
N ALA C 87 -36.58 -40.47 12.89
CA ALA C 87 -35.37 -40.67 13.66
C ALA C 87 -34.29 -39.66 13.31
N LEU C 88 -34.38 -39.03 12.14
CA LEU C 88 -33.41 -37.99 11.76
C LEU C 88 -33.75 -36.67 12.44
N ASN C 89 -34.98 -36.19 12.25
CA ASN C 89 -35.39 -34.92 12.86
C ASN C 89 -35.48 -35.01 14.38
N ALA C 90 -35.66 -36.20 14.94
CA ALA C 90 -35.59 -36.34 16.39
C ALA C 90 -34.19 -36.08 16.91
N ARG C 91 -33.16 -36.37 16.09
CA ARG C 91 -31.80 -36.04 16.48
C ARG C 91 -31.47 -34.58 16.22
N LEU C 92 -32.06 -33.98 15.18
CA LEU C 92 -31.88 -32.55 14.93
C LEU C 92 -32.43 -31.73 16.09
N ALA C 93 -33.60 -32.12 16.61
CA ALA C 93 -34.20 -31.40 17.72
C ALA C 93 -33.44 -31.59 19.03
N ALA C 94 -32.67 -32.67 19.15
CA ALA C 94 -31.88 -32.92 20.35
C ALA C 94 -30.49 -32.29 20.29
N GLU C 95 -30.00 -31.97 19.09
CA GLU C 95 -28.69 -31.36 18.92
C GLU C 95 -28.74 -29.83 18.98
N THR C 96 -29.89 -29.25 19.32
CA THR C 96 -30.02 -27.81 19.38
C THR C 96 -29.17 -27.25 20.52
N ILE C 97 -28.37 -26.23 20.21
CA ILE C 97 -27.48 -25.61 21.17
C ILE C 97 -27.80 -24.12 21.25
N ASP C 98 -27.17 -23.44 22.20
CA ASP C 98 -27.34 -22.00 22.39
C ASP C 98 -26.28 -21.28 21.56
N VAL C 99 -26.72 -20.62 20.48
CA VAL C 99 -25.79 -19.93 19.59
C VAL C 99 -25.34 -18.58 20.13
N SER C 100 -25.97 -18.08 21.18
CA SER C 100 -25.59 -16.80 21.77
C SER C 100 -24.37 -16.89 22.68
N LEU C 101 -23.90 -18.10 22.97
CA LEU C 101 -22.74 -18.26 23.84
C LEU C 101 -21.48 -17.76 23.13
N PRO C 102 -20.52 -17.22 23.87
CA PRO C 102 -19.24 -16.83 23.27
C PRO C 102 -18.51 -18.03 22.70
N GLY C 103 -17.83 -17.83 21.56
CA GLY C 103 -17.15 -18.91 20.88
C GLY C 103 -15.74 -19.13 21.39
N ARG C 104 -15.17 -20.26 20.98
CA ARG C 104 -13.80 -20.60 21.33
C ARG C 104 -12.84 -19.74 20.54
N ARG C 105 -12.22 -18.76 21.21
CA ARG C 105 -11.23 -17.91 20.56
C ARG C 105 -10.34 -17.31 21.64
N ILE C 106 -9.15 -16.90 21.23
CA ILE C 106 -8.24 -16.14 22.07
C ILE C 106 -8.40 -14.67 21.71
N GLU C 107 -8.51 -13.82 22.73
CA GLU C 107 -8.79 -12.41 22.50
C GLU C 107 -7.68 -11.76 21.68
N ASN C 108 -8.07 -10.96 20.69
CA ASN C 108 -7.10 -10.36 19.79
C ASN C 108 -6.31 -9.26 20.50
N GLY C 109 -5.01 -9.18 20.19
CA GLY C 109 -4.18 -8.11 20.66
C GLY C 109 -4.13 -6.95 19.69
N GLY C 110 -3.52 -5.85 20.14
CA GLY C 110 -3.39 -4.66 19.33
C GLY C 110 -1.96 -4.13 19.33
N LEU C 111 -1.78 -3.03 18.61
CA LEU C 111 -0.48 -2.38 18.51
C LEU C 111 -0.40 -1.24 19.52
N HIS C 112 0.83 -0.80 19.78
CA HIS C 112 1.03 0.36 20.64
C HIS C 112 0.44 1.59 19.95
N PRO C 113 -0.12 2.54 20.71
CA PRO C 113 -0.75 3.71 20.07
C PRO C 113 0.21 4.56 19.25
N VAL C 114 1.52 4.53 19.53
CA VAL C 114 2.43 5.35 18.73
C VAL C 114 2.85 4.62 17.47
N THR C 115 2.84 3.28 17.46
CA THR C 115 3.14 2.55 16.25
C THR C 115 2.00 2.67 15.24
N ARG C 116 0.76 2.71 15.72
CA ARG C 116 -0.36 3.07 14.85
C ARG C 116 -0.10 4.39 14.16
N THR C 117 0.43 5.37 14.89
CA THR C 117 0.73 6.68 14.31
C THR C 117 1.83 6.57 13.28
N ILE C 118 2.91 5.87 13.60
CA ILE C 118 4.04 5.71 12.67
C ILE C 118 3.59 5.00 11.41
N ASP C 119 2.82 3.91 11.56
CA ASP C 119 2.34 3.18 10.40
C ASP C 119 1.40 4.02 9.55
N ARG C 120 0.62 4.90 10.18
CA ARG C 120 -0.25 5.79 9.43
C ARG C 120 0.57 6.79 8.62
N ILE C 121 1.58 7.41 9.25
CA ILE C 121 2.39 8.41 8.56
C ILE C 121 3.20 7.76 7.44
N GLU C 122 3.67 6.54 7.66
CA GLU C 122 4.40 5.84 6.60
C GLU C 122 3.51 5.59 5.39
N SER C 123 2.25 5.22 5.62
CA SER C 123 1.32 5.03 4.51
C SER C 123 0.94 6.36 3.86
N PHE C 124 1.04 7.47 4.59
CA PHE C 124 0.82 8.78 3.99
C PHE C 124 1.94 9.12 3.02
N PHE C 125 3.19 9.02 3.48
CA PHE C 125 4.34 9.31 2.63
C PHE C 125 4.75 8.15 1.75
N GLY C 126 4.23 6.94 2.00
CA GLY C 126 4.45 5.85 1.09
C GLY C 126 3.86 6.12 -0.28
N GLU C 127 2.66 6.70 -0.32
CA GLU C 127 2.01 7.06 -1.57
C GLU C 127 2.67 8.25 -2.26
N LEU C 128 3.74 8.81 -1.70
CA LEU C 128 4.45 9.90 -2.32
C LEU C 128 5.88 9.55 -2.72
N GLY C 129 6.31 8.30 -2.49
CA GLY C 129 7.64 7.89 -2.84
C GLY C 129 8.67 7.98 -1.74
N PHE C 130 8.24 8.05 -0.47
CA PHE C 130 9.17 8.13 0.65
C PHE C 130 9.49 6.73 1.14
N THR C 131 10.76 6.33 1.00
CA THR C 131 11.22 5.02 1.44
C THR C 131 11.66 5.09 2.89
N VAL C 132 11.16 4.16 3.71
CA VAL C 132 11.46 4.18 5.14
C VAL C 132 12.90 3.71 5.36
N ALA C 133 13.64 4.45 6.19
CA ALA C 133 15.02 4.12 6.52
C ALA C 133 15.17 4.06 8.04
N THR C 134 15.97 3.12 8.51
CA THR C 134 16.18 2.90 9.94
C THR C 134 17.68 2.81 10.22
N GLY C 135 18.03 3.08 11.49
CA GLY C 135 19.41 3.06 11.90
C GLY C 135 19.58 2.90 13.40
N PRO C 136 20.83 2.86 13.86
CA PRO C 136 21.10 2.64 15.28
C PRO C 136 20.66 3.83 16.13
N GLU C 137 20.62 3.59 17.44
CA GLU C 137 20.28 4.63 18.40
C GLU C 137 21.50 5.19 19.14
N ILE C 138 22.59 4.42 19.23
CA ILE C 138 23.85 4.90 19.78
C ILE C 138 24.67 5.44 18.61
N GLU C 139 24.74 6.75 18.50
CA GLU C 139 25.46 7.42 17.42
C GLU C 139 26.68 8.14 17.99
N ASP C 140 27.58 8.55 17.10
CA ASP C 140 28.75 9.30 17.50
C ASP C 140 28.39 10.79 17.52
N ASP C 141 29.39 11.67 17.49
CA ASP C 141 29.14 13.11 17.49
C ASP C 141 29.02 13.68 16.09
N TYR C 142 29.59 13.02 15.07
CA TYR C 142 29.52 13.56 13.72
C TYR C 142 28.14 13.38 13.11
N HIS C 143 27.58 12.17 13.20
CA HIS C 143 26.28 11.90 12.61
C HIS C 143 25.12 12.47 13.41
N ASN C 144 25.35 12.90 14.65
CA ASN C 144 24.28 13.46 15.47
C ASN C 144 24.37 14.97 15.62
N PHE C 145 25.57 15.56 15.46
CA PHE C 145 25.74 16.99 15.69
C PHE C 145 26.56 17.65 14.58
N ASP C 146 27.77 17.14 14.32
CA ASP C 146 28.70 17.83 13.44
C ASP C 146 28.16 17.92 12.02
N ALA C 147 27.68 16.81 11.46
CA ALA C 147 27.15 16.82 10.11
C ALA C 147 25.86 17.63 9.99
N LEU C 148 25.29 18.09 11.10
CA LEU C 148 24.11 18.94 11.09
C LEU C 148 24.44 20.39 11.39
N ASN C 149 25.69 20.79 11.18
CA ASN C 149 26.15 22.16 11.43
C ASN C 149 25.99 22.55 12.90
N ILE C 150 26.16 21.58 13.80
CA ILE C 150 26.14 21.85 15.24
C ILE C 150 27.54 21.60 15.78
N PRO C 151 28.39 22.61 15.86
CA PRO C 151 29.75 22.41 16.39
C PRO C 151 29.75 22.18 17.90
N GLY C 152 30.94 21.94 18.46
CA GLY C 152 31.04 21.66 19.88
C GLY C 152 30.65 22.83 20.76
N HIS C 153 30.90 24.05 20.30
CA HIS C 153 30.56 25.24 21.07
C HIS C 153 29.10 25.66 20.90
N HIS C 154 28.35 24.98 20.04
CA HIS C 154 26.95 25.34 19.84
C HIS C 154 26.12 24.87 21.04
N PRO C 155 25.18 25.69 21.51
CA PRO C 155 24.38 25.29 22.68
C PRO C 155 23.42 24.15 22.42
N ALA C 156 23.24 23.73 21.16
CA ALA C 156 22.32 22.63 20.87
C ALA C 156 22.77 21.32 21.48
N ARG C 157 24.08 21.16 21.73
CA ARG C 157 24.57 19.96 22.39
C ARG C 157 24.18 19.89 23.86
N ALA C 158 23.69 20.99 24.44
CA ALA C 158 23.25 21.02 25.82
C ALA C 158 21.78 21.39 25.98
N ASP C 159 21.22 22.20 25.09
CA ASP C 159 19.80 22.49 25.14
C ASP C 159 18.96 21.31 24.67
N HIS C 160 19.54 20.41 23.87
CA HIS C 160 18.89 19.13 23.62
C HIS C 160 18.87 18.25 24.85
N ASP C 161 19.73 18.53 25.84
CA ASP C 161 19.91 17.69 27.02
C ASP C 161 20.24 16.26 26.59
N THR C 162 21.50 15.99 26.31
CA THR C 162 21.92 14.75 25.68
C THR C 162 22.51 13.78 26.70
N PHE C 163 22.24 12.49 26.50
CA PHE C 163 22.92 11.45 27.25
C PHE C 163 24.24 11.12 26.55
N TRP C 164 25.35 11.33 27.25
CA TRP C 164 26.67 11.11 26.71
C TRP C 164 27.33 9.92 27.41
N PHE C 165 27.78 8.94 26.61
CA PHE C 165 28.58 7.86 27.15
C PHE C 165 30.03 8.30 27.34
N ASP C 166 30.65 8.83 26.29
CA ASP C 166 31.98 9.41 26.36
C ASP C 166 31.90 10.82 25.79
N THR C 167 33.03 11.33 25.32
CA THR C 167 33.06 12.57 24.56
C THR C 167 32.78 12.35 23.08
N THR C 168 32.48 11.12 22.68
CA THR C 168 32.26 10.78 21.28
C THR C 168 30.91 10.11 21.09
N ARG C 169 30.62 9.11 21.90
CA ARG C 169 29.40 8.33 21.76
C ARG C 169 28.28 8.90 22.62
N LEU C 170 27.05 8.79 22.11
CA LEU C 170 25.89 9.35 22.78
C LEU C 170 24.65 8.57 22.35
N LEU C 171 23.51 8.96 22.91
CA LEU C 171 22.21 8.52 22.44
C LEU C 171 21.64 9.58 21.51
N ARG C 172 21.19 9.14 20.33
CA ARG C 172 20.77 10.08 19.31
C ARG C 172 19.58 10.90 19.76
N THR C 173 19.68 12.22 19.59
CA THR C 173 18.55 13.11 19.77
C THR C 173 17.78 13.33 18.46
N GLN C 174 18.40 13.03 17.33
CA GLN C 174 17.77 13.08 16.02
C GLN C 174 17.93 11.74 15.34
N THR C 175 17.09 11.49 14.33
CA THR C 175 17.28 10.34 13.44
C THR C 175 18.18 10.71 12.27
N SER C 176 19.19 11.51 12.54
CA SER C 176 19.98 12.13 11.47
C SER C 176 21.08 11.21 10.95
N GLY C 177 21.57 10.29 11.79
CA GLY C 177 22.61 9.37 11.34
C GLY C 177 22.17 8.53 10.15
N VAL C 178 20.89 8.16 10.12
CA VAL C 178 20.36 7.39 9.00
C VAL C 178 20.30 8.25 7.74
N GLN C 179 19.85 9.50 7.88
CA GLN C 179 19.72 10.37 6.73
C GLN C 179 21.06 10.87 6.23
N ILE C 180 22.03 11.09 7.13
CA ILE C 180 23.35 11.51 6.73
C ILE C 180 24.05 10.43 5.92
N ARG C 181 23.92 9.17 6.36
CA ARG C 181 24.52 8.07 5.61
C ARG C 181 23.83 7.86 4.26
N THR C 182 22.54 8.15 4.17
CA THR C 182 21.81 7.94 2.93
C THR C 182 22.30 8.89 1.83
N MET C 183 22.24 10.21 2.09
CA MET C 183 22.64 11.16 1.06
C MET C 183 24.12 11.08 0.72
N LYS C 184 24.95 10.59 1.65
CA LYS C 184 26.36 10.41 1.34
C LYS C 184 26.57 9.35 0.26
N ALA C 185 25.86 8.23 0.36
CA ALA C 185 25.99 7.12 -0.57
C ALA C 185 24.86 7.08 -1.60
N GLN C 186 24.17 8.20 -1.82
CA GLN C 186 23.06 8.23 -2.75
C GLN C 186 22.82 9.67 -3.16
N GLN C 187 22.94 9.95 -4.46
CA GLN C 187 22.69 11.27 -5.00
C GLN C 187 21.21 11.47 -5.29
N PRO C 188 20.76 12.71 -5.41
CA PRO C 188 19.34 12.98 -5.66
C PRO C 188 18.86 12.29 -6.93
N PRO C 189 17.54 12.04 -7.05
CA PRO C 189 16.45 12.38 -6.13
C PRO C 189 16.45 11.57 -4.84
N ILE C 190 16.20 12.24 -3.72
CA ILE C 190 16.10 11.62 -2.41
C ILE C 190 14.71 11.90 -1.85
N ARG C 191 14.13 10.89 -1.21
CA ARG C 191 12.76 10.98 -0.71
C ARG C 191 12.58 9.87 0.34
N ILE C 192 12.90 10.20 1.59
CA ILE C 192 12.92 9.20 2.66
C ILE C 192 12.20 9.77 3.88
N ILE C 193 11.78 8.86 4.77
CA ILE C 193 11.35 9.20 6.11
C ILE C 193 12.03 8.24 7.07
N ALA C 194 12.47 8.75 8.22
CA ALA C 194 13.27 7.99 9.17
C ALA C 194 12.62 8.02 10.55
N PRO C 195 11.73 7.07 10.83
CA PRO C 195 11.22 6.93 12.20
C PRO C 195 12.29 6.34 13.11
N GLY C 196 12.13 6.57 14.40
CA GLY C 196 13.07 6.03 15.36
C GLY C 196 12.85 6.60 16.73
N ARG C 197 13.53 5.96 17.69
CA ARG C 197 13.49 6.40 19.08
C ARG C 197 14.68 7.30 19.37
N VAL C 198 14.43 8.40 20.08
CA VAL C 198 15.47 9.34 20.46
C VAL C 198 15.47 9.47 21.99
N TYR C 199 16.47 10.18 22.50
CA TYR C 199 16.68 10.27 23.94
C TYR C 199 17.10 11.69 24.30
N ARG C 200 16.33 12.34 25.18
CA ARG C 200 16.63 13.68 25.65
C ARG C 200 16.33 13.75 27.14
N ASN C 201 17.28 14.27 27.91
CA ASN C 201 17.23 14.23 29.37
C ASN C 201 16.39 15.40 29.88
N ASP C 202 15.07 15.17 29.91
CA ASP C 202 14.14 16.16 30.44
C ASP C 202 12.83 15.43 30.76
N TYR C 203 12.68 15.01 32.02
CA TYR C 203 11.52 14.23 32.43
C TYR C 203 10.67 14.99 33.44
N ASP C 204 10.25 16.21 33.09
CA ASP C 204 9.33 16.96 33.92
C ASP C 204 7.90 16.53 33.61
N GLN C 205 7.18 17.36 32.85
CA GLN C 205 5.84 17.03 32.37
C GLN C 205 5.80 17.17 30.86
N THR C 206 4.92 16.38 30.23
CA THR C 206 4.77 16.35 28.78
C THR C 206 6.09 16.10 28.07
N HIS C 207 6.98 15.34 28.71
CA HIS C 207 8.25 14.96 28.10
C HIS C 207 8.83 13.79 28.88
N THR C 208 9.37 12.82 28.13
CA THR C 208 9.95 11.61 28.69
C THR C 208 11.38 11.45 28.17
N PRO C 209 12.25 10.75 28.90
CA PRO C 209 13.63 10.58 28.43
C PRO C 209 13.75 9.82 27.12
N MET C 210 12.71 9.09 26.72
CA MET C 210 12.69 8.40 25.44
C MET C 210 11.37 8.72 24.73
N PHE C 211 11.46 8.93 23.41
CA PHE C 211 10.26 9.17 22.61
C PHE C 211 10.61 8.94 21.15
N HIS C 212 9.57 8.86 20.33
CA HIS C 212 9.71 8.56 18.91
C HIS C 212 9.56 9.82 18.07
N GLN C 213 10.37 9.93 17.02
CA GLN C 213 10.31 11.06 16.10
C GLN C 213 10.30 10.56 14.67
N MET C 214 9.43 11.15 13.85
CA MET C 214 9.36 10.88 12.43
C MET C 214 9.98 12.06 11.69
N GLU C 215 11.17 11.86 11.14
CA GLU C 215 11.89 12.90 10.42
C GLU C 215 11.92 12.54 8.94
N GLY C 216 11.31 13.39 8.12
CA GLY C 216 11.25 13.18 6.69
C GLY C 216 12.25 14.07 5.97
N LEU C 217 12.69 13.61 4.80
CA LEU C 217 13.70 14.32 4.03
C LEU C 217 13.48 14.10 2.55
N ILE C 218 13.54 15.17 1.77
CA ILE C 218 13.46 15.10 0.32
C ILE C 218 14.54 16.02 -0.26
N VAL C 219 15.26 15.51 -1.26
CA VAL C 219 16.30 16.28 -1.93
C VAL C 219 16.19 16.06 -3.43
N ASP C 220 15.61 17.03 -4.14
CA ASP C 220 15.49 16.95 -5.58
C ASP C 220 15.96 18.25 -6.22
N THR C 221 15.27 18.68 -7.28
CA THR C 221 15.50 19.97 -7.91
C THR C 221 14.21 20.78 -7.86
N ASN C 222 14.36 22.11 -7.80
CA ASN C 222 13.24 23.04 -7.75
C ASN C 222 12.33 22.75 -6.56
N ILE C 223 12.93 22.41 -5.43
CA ILE C 223 12.20 22.23 -4.17
C ILE C 223 12.24 23.56 -3.44
N SER C 224 11.06 24.11 -3.15
CA SER C 224 10.94 25.46 -2.60
C SER C 224 10.10 25.44 -1.32
N PHE C 225 10.03 26.62 -0.69
CA PHE C 225 9.21 26.76 0.51
C PHE C 225 7.74 26.55 0.21
N THR C 226 7.29 26.89 -1.00
CA THR C 226 5.92 26.60 -1.40
C THR C 226 5.66 25.10 -1.42
N ASN C 227 6.67 24.29 -1.73
CA ASN C 227 6.51 22.85 -1.67
C ASN C 227 6.43 22.35 -0.24
N LEU C 228 7.22 22.96 0.65
CA LEU C 228 7.21 22.54 2.06
C LEU C 228 5.85 22.82 2.70
N LYS C 229 5.22 23.94 2.36
CA LYS C 229 3.93 24.28 2.95
C LYS C 229 2.83 23.37 2.41
N GLY C 230 2.84 23.09 1.11
CA GLY C 230 1.79 22.26 0.53
C GLY C 230 1.83 20.82 0.98
N THR C 231 3.03 20.28 1.21
CA THR C 231 3.16 18.89 1.62
C THR C 231 2.65 18.70 3.05
N LEU C 232 3.07 19.57 3.97
CA LEU C 232 2.68 19.43 5.36
C LEU C 232 1.22 19.81 5.58
N HIS C 233 0.67 20.69 4.73
CA HIS C 233 -0.75 20.99 4.79
C HIS C 233 -1.58 19.77 4.39
N ASP C 234 -1.16 19.07 3.33
CA ASP C 234 -1.81 17.81 2.98
C ASP C 234 -1.65 16.79 4.11
N PHE C 235 -0.48 16.76 4.76
CA PHE C 235 -0.21 15.76 5.77
C PHE C 235 -1.06 15.98 7.01
N LEU C 236 -1.11 17.22 7.51
CA LEU C 236 -1.84 17.49 8.74
C LEU C 236 -3.35 17.30 8.55
N ARG C 237 -3.87 17.69 7.39
CA ARG C 237 -5.30 17.53 7.15
C ARG C 237 -5.69 16.07 7.03
N ASN C 238 -4.85 15.25 6.37
CA ASN C 238 -5.12 13.83 6.27
C ASN C 238 -4.84 13.10 7.58
N PHE C 239 -3.98 13.65 8.44
CA PHE C 239 -3.69 13.00 9.71
C PHE C 239 -4.81 13.17 10.71
N PHE C 240 -5.44 14.36 10.74
CA PHE C 240 -6.54 14.64 11.65
C PHE C 240 -7.90 14.49 10.99
N GLU C 241 -7.95 14.22 9.68
CA GLU C 241 -9.19 14.02 8.94
C GLU C 241 -10.15 15.20 9.16
N GLU C 242 -9.61 16.41 9.04
CA GLU C 242 -10.37 17.61 9.31
C GLU C 242 -9.73 18.78 8.60
N ASP C 243 -10.56 19.63 7.99
CA ASP C 243 -10.09 20.86 7.35
C ASP C 243 -9.83 21.88 8.45
N LEU C 244 -8.66 21.76 9.07
CA LEU C 244 -8.31 22.53 10.26
C LEU C 244 -7.40 23.70 9.91
N GLN C 245 -7.36 24.67 10.83
CA GLN C 245 -6.56 25.87 10.64
C GLN C 245 -5.11 25.61 11.04
N ILE C 246 -4.19 26.10 10.21
CA ILE C 246 -2.77 25.82 10.35
C ILE C 246 -1.98 27.10 10.06
N ARG C 247 -0.95 27.37 10.86
CA ARG C 247 -0.10 28.53 10.66
C ARG C 247 1.37 28.11 10.61
N PHE C 248 2.13 28.83 9.80
CA PHE C 248 3.57 28.67 9.69
C PHE C 248 4.24 29.85 10.37
N ARG C 249 5.12 29.57 11.34
CA ARG C 249 5.85 30.65 11.99
C ARG C 249 7.35 30.35 11.95
N PRO C 250 8.17 31.36 11.76
CA PRO C 250 9.62 31.14 11.66
C PRO C 250 10.20 30.65 12.97
N SER C 251 11.28 29.89 12.86
CA SER C 251 12.00 29.37 14.02
C SER C 251 13.46 29.21 13.63
N TYR C 252 14.19 28.41 14.39
CA TYR C 252 15.61 28.18 14.13
C TYR C 252 15.95 26.72 14.32
N PHE C 253 16.75 26.20 13.39
CA PHE C 253 17.35 24.89 13.48
C PHE C 253 18.70 25.05 12.79
N PRO C 254 19.79 24.56 13.39
CA PRO C 254 21.11 24.78 12.79
C PRO C 254 21.29 24.13 11.43
N PHE C 255 20.33 23.35 10.97
CA PHE C 255 20.42 22.63 9.70
C PHE C 255 19.36 23.06 8.70
N THR C 256 18.62 24.13 8.98
CA THR C 256 17.62 24.65 8.05
C THR C 256 17.69 26.17 8.03
N GLU C 257 17.40 26.73 6.86
CA GLU C 257 17.37 28.18 6.65
C GLU C 257 16.76 28.46 5.29
N PRO C 258 15.49 28.89 5.20
CA PRO C 258 14.56 29.23 6.29
C PRO C 258 14.08 28.05 7.12
N SER C 259 13.88 28.28 8.42
CA SER C 259 13.30 27.32 9.33
C SER C 259 11.89 27.74 9.69
N ALA C 260 11.12 26.80 10.22
CA ALA C 260 9.74 27.10 10.61
C ALA C 260 9.23 26.03 11.58
N GLU C 261 8.17 26.40 12.30
CA GLU C 261 7.41 25.48 13.13
C GLU C 261 5.94 25.60 12.75
N VAL C 262 5.25 24.48 12.71
CA VAL C 262 3.88 24.40 12.21
C VAL C 262 2.94 24.13 13.37
N ASP C 263 1.91 24.97 13.50
CA ASP C 263 0.95 24.88 14.60
C ASP C 263 -0.44 24.56 14.06
N VAL C 264 -1.26 23.99 14.95
CA VAL C 264 -2.68 23.78 14.70
C VAL C 264 -3.46 24.25 15.92
N MET C 265 -4.69 24.70 15.69
CA MET C 265 -5.54 25.20 16.76
C MET C 265 -6.47 24.09 17.23
N GLY C 266 -6.28 23.64 18.47
CA GLY C 266 -7.15 22.65 19.05
C GLY C 266 -8.42 23.26 19.60
N LYS C 267 -9.28 22.37 20.14
CA LYS C 267 -10.54 22.82 20.72
C LYS C 267 -10.34 23.67 21.97
N ASN C 268 -9.14 23.65 22.55
CA ASN C 268 -8.84 24.48 23.71
C ASN C 268 -8.70 25.95 23.35
N GLY C 269 -8.76 26.31 22.07
CA GLY C 269 -8.64 27.67 21.61
C GLY C 269 -7.22 28.10 21.27
N LYS C 270 -6.23 27.60 22.01
CA LYS C 270 -4.85 27.99 21.78
C LYS C 270 -4.24 27.18 20.63
N TRP C 271 -3.10 27.66 20.15
CA TRP C 271 -2.36 26.95 19.12
C TRP C 271 -1.50 25.84 19.75
N LEU C 272 -1.20 24.84 18.94
CA LEU C 272 -0.42 23.68 19.37
C LEU C 272 0.66 23.40 18.33
N GLU C 273 1.92 23.54 18.74
CA GLU C 273 3.02 23.18 17.85
C GLU C 273 3.13 21.67 17.75
N VAL C 274 3.43 21.19 16.55
CA VAL C 274 3.46 19.75 16.30
C VAL C 274 4.64 19.43 15.39
N LEU C 275 4.85 20.26 14.37
CA LEU C 275 5.86 20.01 13.36
C LEU C 275 6.98 21.04 13.45
N GLY C 276 8.18 20.58 13.16
CA GLY C 276 9.30 21.46 12.82
C GLY C 276 9.74 21.12 11.42
N CYS C 277 10.12 22.14 10.66
CA CYS C 277 10.50 21.94 9.27
C CYS C 277 11.38 23.08 8.80
N GLY C 278 11.88 22.95 7.58
CA GLY C 278 12.72 23.98 6.99
C GLY C 278 13.47 23.49 5.76
N MET C 279 13.95 24.42 4.94
CA MET C 279 14.77 24.07 3.79
C MET C 279 16.16 23.67 4.27
N VAL C 280 16.66 22.55 3.74
CA VAL C 280 17.93 22.00 4.21
C VAL C 280 19.04 23.02 4.03
N HIS C 281 19.86 23.18 5.08
CA HIS C 281 20.94 24.15 5.04
C HIS C 281 21.98 23.74 4.00
N PRO C 282 22.57 24.70 3.29
CA PRO C 282 23.56 24.34 2.25
C PRO C 282 24.84 23.73 2.81
N ASN C 283 25.17 23.98 4.09
CA ASN C 283 26.36 23.35 4.66
C ASN C 283 26.17 21.85 4.87
N VAL C 284 24.92 21.41 5.04
CA VAL C 284 24.65 19.98 5.17
C VAL C 284 24.71 19.30 3.81
N LEU C 285 24.04 19.87 2.81
CA LEU C 285 24.13 19.35 1.46
C LEU C 285 25.58 19.32 0.98
N ARG C 286 26.37 20.32 1.37
CA ARG C 286 27.78 20.35 1.00
C ARG C 286 28.53 19.19 1.63
N ASN C 287 28.37 18.98 2.94
CA ASN C 287 29.16 18.03 3.71
C ASN C 287 28.85 16.57 3.36
N VAL C 288 27.90 16.29 2.47
CA VAL C 288 27.63 14.92 2.07
C VAL C 288 27.99 14.65 0.61
N GLY C 289 28.09 15.69 -0.23
CA GLY C 289 28.43 15.50 -1.62
C GLY C 289 27.36 16.00 -2.57
N ILE C 290 26.52 16.91 -2.09
CA ILE C 290 25.44 17.50 -2.88
C ILE C 290 25.75 18.97 -3.09
N ASP C 291 25.37 19.47 -4.28
CA ASP C 291 25.59 20.87 -4.61
C ASP C 291 24.32 21.66 -4.34
N PRO C 292 24.32 22.61 -3.39
CA PRO C 292 23.11 23.38 -3.13
C PRO C 292 22.70 24.31 -4.26
N GLU C 293 23.63 24.69 -5.14
CA GLU C 293 23.25 25.47 -6.32
C GLU C 293 22.51 24.61 -7.33
N VAL C 294 22.75 23.29 -7.32
CA VAL C 294 22.08 22.38 -8.23
C VAL C 294 20.83 21.79 -7.60
N TYR C 295 20.97 21.23 -6.39
CA TYR C 295 19.87 20.57 -5.70
C TYR C 295 19.44 21.38 -4.48
N SER C 296 18.22 21.13 -4.04
CA SER C 296 17.67 21.72 -2.83
C SER C 296 16.74 20.68 -2.20
N GLY C 297 16.03 21.09 -1.17
CA GLY C 297 15.09 20.20 -0.51
C GLY C 297 14.79 20.65 0.90
N PHE C 298 13.66 20.17 1.41
CA PHE C 298 13.23 20.47 2.76
C PHE C 298 13.28 19.22 3.63
N ALA C 299 13.33 19.44 4.94
CA ALA C 299 13.22 18.38 5.92
C ALA C 299 12.15 18.75 6.94
N PHE C 300 11.73 17.77 7.73
CA PHE C 300 10.76 18.03 8.78
C PHE C 300 10.91 16.95 9.85
N GLY C 301 10.41 17.27 11.04
CA GLY C 301 10.48 16.35 12.16
C GLY C 301 9.34 16.60 13.12
N MET C 302 8.88 15.52 13.76
CA MET C 302 7.71 15.58 14.61
C MET C 302 7.77 14.48 15.65
N GLY C 303 7.22 14.77 16.83
CA GLY C 303 7.12 13.78 17.88
C GLY C 303 5.84 12.98 17.75
N MET C 304 5.97 11.65 17.83
CA MET C 304 4.81 10.78 17.64
C MET C 304 3.90 10.74 18.85
N GLU C 305 4.46 10.90 20.06
CA GLU C 305 3.63 10.91 21.26
C GLU C 305 2.73 12.13 21.28
N ARG C 306 3.24 13.29 20.88
CA ARG C 306 2.43 14.50 20.87
C ARG C 306 1.31 14.39 19.83
N LEU C 307 1.61 13.85 18.65
CA LEU C 307 0.58 13.68 17.63
C LEU C 307 -0.39 12.56 17.98
N THR C 308 0.03 11.58 18.79
CA THR C 308 -0.88 10.54 19.24
C THR C 308 -1.87 11.09 20.26
N MET C 309 -1.39 11.92 21.20
CA MET C 309 -2.26 12.48 22.22
C MET C 309 -3.35 13.35 21.60
N LEU C 310 -2.99 14.19 20.63
CA LEU C 310 -3.98 15.04 19.99
C LEU C 310 -4.98 14.23 19.18
N ARG C 311 -4.51 13.15 18.54
CA ARG C 311 -5.38 12.38 17.65
C ARG C 311 -6.37 11.53 18.43
N TYR C 312 -5.96 10.98 19.57
CA TYR C 312 -6.78 10.04 20.32
C TYR C 312 -7.20 10.55 21.69
N GLY C 313 -6.79 11.75 22.08
CA GLY C 313 -7.21 12.30 23.35
C GLY C 313 -6.52 11.73 24.56
N VAL C 314 -5.22 11.51 24.49
CA VAL C 314 -4.44 10.98 25.60
C VAL C 314 -3.97 12.13 26.47
N THR C 315 -4.26 12.05 27.77
CA THR C 315 -3.92 13.12 28.70
C THR C 315 -2.46 13.07 29.11
N ASP C 316 -2.14 12.22 30.09
CA ASP C 316 -0.78 12.15 30.61
C ASP C 316 0.12 11.41 29.63
N LEU C 317 1.24 12.05 29.25
CA LEU C 317 2.14 11.45 28.28
C LEU C 317 2.89 10.26 28.85
N ARG C 318 3.09 10.23 30.17
CA ARG C 318 3.85 9.13 30.78
C ARG C 318 3.15 7.79 30.61
N SER C 319 1.83 7.78 30.43
CA SER C 319 1.08 6.54 30.32
C SER C 319 1.35 5.78 29.03
N PHE C 320 2.21 6.29 28.14
CA PHE C 320 2.60 5.52 26.97
C PHE C 320 3.61 4.43 27.31
N PHE C 321 4.46 4.66 28.30
CA PHE C 321 5.52 3.73 28.66
C PHE C 321 5.29 3.04 29.98
N GLU C 322 4.22 3.39 30.70
CA GLU C 322 3.78 2.56 31.82
C GLU C 322 3.29 1.20 31.32
N ASN C 323 2.72 1.17 30.11
CA ASN C 323 2.24 -0.05 29.47
C ASN C 323 1.18 -0.75 30.33
N ASP C 324 0.22 0.03 30.80
CA ASP C 324 -0.94 -0.54 31.48
C ASP C 324 -1.86 -1.17 30.44
N LEU C 325 -2.14 -2.47 30.60
CA LEU C 325 -2.95 -3.17 29.62
C LEU C 325 -4.35 -2.59 29.54
N ARG C 326 -4.85 -2.00 30.64
CA ARG C 326 -6.12 -1.29 30.58
C ARG C 326 -6.07 -0.09 29.65
N PHE C 327 -4.87 0.44 29.40
CA PHE C 327 -4.69 1.58 28.51
C PHE C 327 -4.39 1.15 27.08
N LEU C 328 -3.65 0.06 26.89
CA LEU C 328 -3.29 -0.39 25.56
C LEU C 328 -4.46 -1.10 24.86
N LYS C 329 -5.37 -1.70 25.62
CA LYS C 329 -6.50 -2.40 25.03
C LYS C 329 -7.42 -1.47 24.26
N GLN C 330 -7.37 -0.16 24.54
CA GLN C 330 -8.24 0.79 23.85
C GLN C 330 -7.82 1.01 22.39
N PHE C 331 -6.66 0.52 21.98
CA PHE C 331 -6.13 0.75 20.63
C PHE C 331 -6.07 -0.54 19.82
N LYS C 332 -7.08 -1.40 19.97
CA LYS C 332 -7.13 -2.63 19.19
C LYS C 332 -7.33 -2.33 17.71
N MET D 1 13.38 35.63 28.10
CA MET D 1 13.30 37.08 27.97
C MET D 1 11.90 37.60 28.28
N LYS D 2 11.79 38.35 29.38
CA LYS D 2 10.56 39.01 29.75
C LYS D 2 10.73 40.52 29.60
N PHE D 3 9.69 41.20 29.11
CA PHE D 3 9.74 42.64 28.97
C PHE D 3 8.35 43.23 29.12
N SER D 4 8.31 44.48 29.56
CA SER D 4 7.05 45.22 29.66
C SER D 4 6.60 45.68 28.27
N GLU D 5 5.28 45.63 28.05
CA GLU D 5 4.75 46.10 26.78
C GLU D 5 4.79 47.62 26.68
N LEU D 6 4.45 48.31 27.77
CA LEU D 6 4.53 49.78 27.77
C LEU D 6 5.95 50.26 27.56
N TRP D 7 6.95 49.51 28.06
CA TRP D 7 8.34 49.86 27.77
C TRP D 7 8.66 49.64 26.29
N LEU D 8 8.14 48.55 25.72
CA LEU D 8 8.36 48.30 24.30
C LEU D 8 7.70 49.37 23.44
N ARG D 9 6.51 49.84 23.85
CA ARG D 9 5.81 50.88 23.09
C ARG D 9 6.44 52.25 23.25
N GLU D 10 7.38 52.42 24.19
CA GLU D 10 8.13 53.67 24.25
C GLU D 10 9.12 53.79 23.10
N TRP D 11 9.51 52.68 22.49
CA TRP D 11 10.36 52.69 21.30
C TRP D 11 9.58 52.58 20.00
N VAL D 12 8.46 51.84 20.01
CA VAL D 12 7.61 51.68 18.83
C VAL D 12 6.22 51.28 19.29
N ASN D 13 5.21 52.09 18.93
CA ASN D 13 3.84 51.89 19.37
C ASN D 13 2.93 51.75 18.15
N PRO D 14 2.89 50.56 17.55
CA PRO D 14 1.98 50.35 16.41
C PRO D 14 0.53 50.39 16.85
N ALA D 15 -0.34 50.72 15.88
CA ALA D 15 -1.77 50.89 16.14
C ALA D 15 -2.49 49.53 16.12
N ILE D 16 -2.12 48.67 17.06
CA ILE D 16 -2.69 47.34 17.17
C ILE D 16 -2.88 46.97 18.63
N ASP D 17 -3.69 45.94 18.86
CA ASP D 17 -3.97 45.44 20.20
C ASP D 17 -2.74 44.73 20.76
N SER D 18 -2.80 44.42 22.06
CA SER D 18 -1.71 43.70 22.70
C SER D 18 -1.54 42.30 22.14
N ASP D 19 -2.65 41.54 22.06
CA ASP D 19 -2.57 40.20 21.48
C ASP D 19 -2.26 40.26 19.99
N ALA D 20 -2.69 41.31 19.30
CA ALA D 20 -2.28 41.50 17.91
C ALA D 20 -0.79 41.79 17.83
N LEU D 21 -0.22 42.40 18.87
CA LEU D 21 1.22 42.60 18.91
C LEU D 21 1.95 41.31 19.26
N ALA D 22 1.37 40.50 20.15
CA ALA D 22 2.01 39.24 20.55
C ALA D 22 2.11 38.28 19.36
N ASN D 23 1.01 38.09 18.64
CA ASN D 23 1.06 37.25 17.44
C ASN D 23 1.98 37.83 16.39
N GLN D 24 2.12 39.15 16.35
CA GLN D 24 3.06 39.77 15.44
C GLN D 24 4.51 39.47 15.84
N ILE D 25 4.76 39.43 17.15
CA ILE D 25 6.09 39.04 17.63
C ILE D 25 6.34 37.56 17.36
N THR D 26 5.31 36.73 17.48
CA THR D 26 5.45 35.31 17.21
C THR D 26 5.80 35.07 15.75
N MET D 27 5.11 35.75 14.84
CA MET D 27 5.35 35.58 13.40
C MET D 27 6.70 36.11 12.95
N ALA D 28 7.44 36.79 13.81
CA ALA D 28 8.77 37.28 13.49
C ALA D 28 9.87 36.34 13.97
N GLY D 29 9.52 35.13 14.37
CA GLY D 29 10.49 34.18 14.87
C GLY D 29 10.76 34.26 16.35
N LEU D 30 9.88 34.92 17.12
CA LEU D 30 10.01 35.04 18.57
C LEU D 30 8.75 34.47 19.20
N GLU D 31 8.77 33.17 19.48
CA GLU D 31 7.62 32.51 20.08
C GLU D 31 7.35 33.08 21.47
N VAL D 32 6.12 33.55 21.67
CA VAL D 32 5.72 34.07 22.98
C VAL D 32 5.31 32.90 23.87
N ASP D 33 5.91 32.82 25.06
CA ASP D 33 5.53 31.77 25.99
C ASP D 33 4.28 32.14 26.78
N GLY D 34 4.05 33.43 27.02
CA GLY D 34 2.86 33.86 27.72
C GLY D 34 2.81 35.38 27.78
N VAL D 35 1.60 35.87 27.99
CA VAL D 35 1.35 37.31 28.14
C VAL D 35 0.56 37.48 29.43
N GLU D 36 1.21 38.02 30.47
CA GLU D 36 0.61 38.12 31.78
C GLU D 36 0.49 39.57 32.22
N PRO D 37 -0.60 39.95 32.88
CA PRO D 37 -0.72 41.32 33.40
C PRO D 37 0.26 41.57 34.53
N VAL D 38 0.55 42.86 34.75
CA VAL D 38 1.55 43.23 35.74
C VAL D 38 1.02 43.09 37.15
N ALA D 39 -0.29 43.20 37.36
CA ALA D 39 -0.87 43.13 38.69
C ALA D 39 -2.30 42.62 38.58
N GLY D 40 -2.89 42.32 39.73
CA GLY D 40 -4.27 41.91 39.78
C GLY D 40 -5.21 43.02 39.37
N SER D 41 -6.45 42.63 39.09
CA SER D 41 -7.49 43.57 38.68
C SER D 41 -8.22 44.11 39.90
N PHE D 42 -8.40 45.42 39.95
CA PHE D 42 -9.06 46.08 41.06
C PHE D 42 -9.36 47.52 40.66
N HIS D 43 -10.27 48.15 41.41
CA HIS D 43 -10.61 49.55 41.20
C HIS D 43 -10.81 50.21 42.56
N GLY D 44 -10.92 51.54 42.54
CA GLY D 44 -11.18 52.30 43.74
C GLY D 44 -9.98 52.58 44.63
N VAL D 45 -8.79 52.16 44.22
CA VAL D 45 -7.57 52.43 44.97
C VAL D 45 -6.95 53.72 44.43
N VAL D 46 -6.52 54.60 45.33
CA VAL D 46 -6.00 55.90 44.95
C VAL D 46 -4.72 56.19 45.75
N VAL D 47 -3.96 57.17 45.25
CA VAL D 47 -2.84 57.70 46.03
C VAL D 47 -3.37 58.48 47.23
N GLY D 48 -2.53 58.59 48.24
CA GLY D 48 -2.90 59.35 49.43
C GLY D 48 -1.69 59.65 50.28
N GLU D 49 -1.88 60.59 51.20
CA GLU D 49 -0.83 61.00 52.13
C GLU D 49 -1.37 60.92 53.54
N VAL D 50 -0.67 60.18 54.40
CA VAL D 50 -1.00 60.18 55.83
C VAL D 50 -0.70 61.56 56.38
N VAL D 51 -1.63 62.13 57.14
CA VAL D 51 -1.46 63.48 57.66
C VAL D 51 -1.13 63.38 59.14
N GLU D 52 -1.58 62.32 59.77
CA GLU D 52 -1.33 62.12 61.20
C GLU D 52 -1.34 60.63 61.50
N CYS D 53 -0.32 60.17 62.23
CA CYS D 53 -0.16 58.78 62.61
C CYS D 53 0.14 58.71 64.10
N ALA D 54 -0.71 58.01 64.86
CA ALA D 54 -0.56 57.86 66.29
C ALA D 54 -0.78 56.40 66.68
N GLN D 55 -0.40 56.09 67.92
CA GLN D 55 -0.54 54.73 68.43
C GLN D 55 -2.01 54.37 68.63
N HIS D 56 -2.35 53.13 68.29
CA HIS D 56 -3.70 52.64 68.53
C HIS D 56 -3.93 52.51 70.03
N PRO D 57 -5.03 53.05 70.56
CA PRO D 57 -5.21 53.06 72.02
C PRO D 57 -5.52 51.70 72.63
N ASN D 58 -5.86 50.69 71.83
CA ASN D 58 -6.18 49.38 72.37
C ASN D 58 -5.51 48.24 71.61
N ALA D 59 -4.46 48.53 70.84
CA ALA D 59 -3.75 47.50 70.08
C ALA D 59 -2.32 47.96 69.88
N ASP D 60 -1.38 47.26 70.51
CA ASP D 60 0.02 47.67 70.43
C ASP D 60 0.58 47.53 69.01
N LYS D 61 0.04 46.59 68.23
CA LYS D 61 0.49 46.40 66.87
C LYS D 61 0.00 47.49 65.92
N LEU D 62 -1.21 48.00 66.14
CA LEU D 62 -1.89 48.82 65.15
C LEU D 62 -1.55 50.30 65.32
N ARG D 63 -1.95 51.09 64.31
CA ARG D 63 -1.73 52.52 64.28
C ARG D 63 -2.99 53.20 63.77
N VAL D 64 -3.45 54.22 64.50
CA VAL D 64 -4.61 55.00 64.07
C VAL D 64 -4.11 56.18 63.26
N THR D 65 -4.57 56.28 62.01
CA THR D 65 -4.06 57.28 61.07
C THR D 65 -5.21 58.06 60.45
N LYS D 66 -4.85 59.24 59.93
CA LYS D 66 -5.77 60.07 59.17
C LYS D 66 -5.11 60.40 57.83
N VAL D 67 -5.71 59.93 56.74
CA VAL D 67 -5.13 60.00 55.41
C VAL D 67 -5.96 60.93 54.55
N ASN D 68 -5.29 61.78 53.78
CA ASN D 68 -5.93 62.68 52.83
C ASN D 68 -5.83 62.09 51.43
N VAL D 69 -6.95 62.08 50.71
CA VAL D 69 -7.00 61.53 49.36
C VAL D 69 -7.61 62.56 48.42
N GLY D 70 -7.43 63.84 48.73
CA GLY D 70 -7.99 64.90 47.92
C GLY D 70 -9.49 65.04 48.00
N GLY D 71 -10.14 64.37 48.95
CA GLY D 71 -11.57 64.44 49.12
C GLY D 71 -11.98 65.64 49.97
N ASP D 72 -13.26 65.66 50.32
CA ASP D 72 -13.79 66.76 51.13
C ASP D 72 -13.22 66.76 52.54
N ARG D 73 -12.85 65.59 53.06
CA ARG D 73 -12.35 65.47 54.42
C ARG D 73 -11.21 64.45 54.44
N LEU D 74 -10.60 64.30 55.61
CA LEU D 74 -9.54 63.32 55.81
C LEU D 74 -10.13 62.00 56.30
N LEU D 75 -9.65 60.90 55.73
CA LEU D 75 -10.14 59.57 56.05
C LEU D 75 -9.38 58.99 57.22
N ASP D 76 -10.11 58.34 58.13
CA ASP D 76 -9.50 57.62 59.25
C ASP D 76 -9.19 56.19 58.81
N ILE D 77 -7.91 55.81 58.90
CA ILE D 77 -7.45 54.50 58.45
C ILE D 77 -6.68 53.84 59.58
N VAL D 78 -6.90 52.54 59.76
CA VAL D 78 -6.15 51.72 60.72
C VAL D 78 -5.22 50.81 59.93
N CYS D 79 -3.96 50.74 60.35
CA CYS D 79 -2.97 49.92 59.67
C CYS D 79 -1.99 49.37 60.69
N GLY D 80 -1.56 48.13 60.48
CA GLY D 80 -0.63 47.48 61.38
C GLY D 80 0.71 47.16 60.75
N ALA D 81 1.10 47.94 59.73
CA ALA D 81 2.40 47.74 59.10
C ALA D 81 3.48 48.51 59.86
N PRO D 82 4.70 47.97 59.93
CA PRO D 82 5.75 48.65 60.71
C PRO D 82 6.27 49.92 60.07
N ASN D 83 6.11 50.09 58.76
CA ASN D 83 6.63 51.25 58.04
C ASN D 83 5.61 52.36 57.89
N CYS D 84 4.67 52.49 58.82
CA CYS D 84 3.60 53.47 58.73
C CYS D 84 3.99 54.70 59.56
N ARG D 85 4.53 55.71 58.89
CA ARG D 85 4.93 56.97 59.51
C ARG D 85 3.90 58.05 59.20
N GLN D 86 4.34 59.32 59.24
CA GLN D 86 3.46 60.45 58.99
C GLN D 86 3.76 61.19 57.69
N GLY D 87 5.02 61.26 57.28
CA GLY D 87 5.35 61.95 56.03
C GLY D 87 5.34 61.03 54.83
N LEU D 88 4.48 60.02 54.86
CA LEU D 88 4.49 58.95 53.87
C LEU D 88 3.38 59.15 52.84
N ARG D 89 3.68 58.78 51.59
CA ARG D 89 2.70 58.76 50.51
C ARG D 89 2.37 57.29 50.23
N VAL D 90 1.13 56.90 50.49
CA VAL D 90 0.73 55.51 50.45
C VAL D 90 -0.33 55.31 49.37
N ALA D 91 -0.66 54.04 49.14
CA ALA D 91 -1.76 53.65 48.26
C ALA D 91 -2.96 53.28 49.13
N VAL D 92 -4.08 53.98 48.94
CA VAL D 92 -5.25 53.86 49.79
C VAL D 92 -6.38 53.24 48.98
N ALA D 93 -6.90 52.12 49.47
CA ALA D 93 -8.10 51.50 48.91
C ALA D 93 -9.30 52.05 49.67
N THR D 94 -9.97 53.04 49.07
CA THR D 94 -11.08 53.70 49.73
C THR D 94 -12.29 52.77 49.80
N ILE D 95 -13.34 53.25 50.49
CA ILE D 95 -14.58 52.49 50.57
C ILE D 95 -15.22 52.42 49.19
N GLY D 96 -15.88 51.29 48.91
CA GLY D 96 -16.42 51.03 47.59
C GLY D 96 -15.45 50.34 46.66
N ALA D 97 -14.15 50.38 46.95
CA ALA D 97 -13.17 49.67 46.16
C ALA D 97 -13.33 48.16 46.34
N VAL D 98 -12.74 47.40 45.41
CA VAL D 98 -12.69 45.95 45.51
C VAL D 98 -11.32 45.49 45.02
N LEU D 99 -10.70 44.60 45.78
CA LEU D 99 -9.36 44.11 45.53
C LEU D 99 -9.42 42.71 44.95
N PRO D 100 -8.28 42.17 44.48
CA PRO D 100 -8.28 40.79 43.98
C PRO D 100 -8.86 39.82 45.00
N GLY D 101 -9.65 38.87 44.51
CA GLY D 101 -10.41 37.99 45.36
C GLY D 101 -11.77 38.53 45.75
N ASP D 102 -12.28 39.54 45.03
CA ASP D 102 -13.52 40.22 45.36
C ASP D 102 -13.51 40.68 46.83
N PHE D 103 -12.44 41.39 47.18
CA PHE D 103 -12.26 41.92 48.54
C PHE D 103 -12.82 43.34 48.54
N LYS D 104 -14.11 43.45 48.85
CA LYS D 104 -14.75 44.76 48.91
C LYS D 104 -14.30 45.52 50.15
N ILE D 105 -14.09 46.82 50.00
CA ILE D 105 -13.64 47.68 51.08
C ILE D 105 -14.87 48.37 51.68
N LYS D 106 -15.20 48.02 52.91
CA LYS D 106 -16.32 48.63 53.64
C LYS D 106 -15.81 49.24 54.93
N ALA D 107 -16.53 50.25 55.41
CA ALA D 107 -16.18 50.88 56.67
C ALA D 107 -16.42 49.91 57.82
N ALA D 108 -15.46 49.83 58.73
CA ALA D 108 -15.56 48.91 59.87
C ALA D 108 -14.64 49.39 60.97
N LYS D 109 -14.80 48.79 62.14
CA LYS D 109 -13.94 49.05 63.29
C LYS D 109 -12.86 47.98 63.40
N LEU D 110 -11.64 48.42 63.67
CA LEU D 110 -10.51 47.52 63.88
C LEU D 110 -10.04 47.70 65.32
N ARG D 111 -10.42 46.74 66.18
CA ARG D 111 -10.06 46.76 67.61
C ARG D 111 -10.58 48.01 68.31
N GLY D 112 -11.70 48.55 67.84
CA GLY D 112 -12.32 49.68 68.51
C GLY D 112 -12.38 50.96 67.70
N GLU D 113 -11.25 51.34 67.10
CA GLU D 113 -11.18 52.60 66.37
C GLU D 113 -11.75 52.46 64.97
N PRO D 114 -12.30 53.53 64.41
CA PRO D 114 -12.89 53.44 63.07
C PRO D 114 -11.85 53.47 61.97
N SER D 115 -12.20 52.84 60.84
CA SER D 115 -11.34 52.79 59.67
C SER D 115 -12.21 52.92 58.43
N GLU D 116 -11.91 53.92 57.60
CA GLU D 116 -12.70 54.17 56.40
C GLU D 116 -11.88 53.87 55.14
N GLY D 117 -11.27 52.69 55.10
CA GLY D 117 -10.44 52.29 53.99
C GLY D 117 -9.31 51.41 54.46
N MET D 118 -8.33 51.22 53.58
CA MET D 118 -7.23 50.31 53.86
C MET D 118 -5.98 50.79 53.12
N LEU D 119 -4.85 50.75 53.83
CA LEU D 119 -3.55 51.02 53.21
C LEU D 119 -3.02 49.73 52.60
N CYS D 120 -2.60 49.80 51.34
CA CYS D 120 -2.30 48.62 50.55
C CYS D 120 -0.81 48.28 50.56
N SER D 121 -0.53 47.02 50.28
CA SER D 121 0.82 46.52 50.02
C SER D 121 0.87 45.96 48.61
N PHE D 122 2.08 45.63 48.16
CA PHE D 122 2.24 45.11 46.81
C PHE D 122 1.54 43.77 46.66
N SER D 123 1.54 42.95 47.71
CA SER D 123 0.85 41.67 47.64
C SER D 123 -0.65 41.84 47.60
N GLU D 124 -1.18 42.82 48.35
CA GLU D 124 -2.62 43.06 48.38
C GLU D 124 -3.15 43.60 47.07
N LEU D 125 -2.28 44.03 46.15
CA LEU D 125 -2.70 44.48 44.83
C LEU D 125 -2.35 43.49 43.73
N GLY D 126 -1.75 42.35 44.07
CA GLY D 126 -1.36 41.39 43.06
C GLY D 126 -0.12 41.76 42.28
N ILE D 127 0.65 42.73 42.76
CA ILE D 127 1.87 43.17 42.07
C ILE D 127 2.97 42.14 42.28
N SER D 128 3.45 42.03 43.52
CA SER D 128 4.42 41.00 43.88
C SER D 128 3.97 40.30 45.15
N ASP D 129 4.91 39.95 46.01
CA ASP D 129 4.56 39.40 47.31
C ASP D 129 5.40 40.00 48.43
N ASP D 130 5.95 41.19 48.23
CA ASP D 130 6.68 41.89 49.28
C ASP D 130 5.72 42.35 50.37
N HIS D 131 5.48 41.50 51.36
CA HIS D 131 4.57 41.81 52.45
C HIS D 131 5.32 42.31 53.70
N SER D 132 6.53 42.84 53.52
CA SER D 132 7.25 43.40 54.65
C SER D 132 6.56 44.64 55.21
N GLY D 133 5.85 45.36 54.37
CA GLY D 133 5.12 46.54 54.82
C GLY D 133 4.14 47.00 53.77
N ILE D 134 3.77 48.27 53.85
CA ILE D 134 2.89 48.88 52.86
C ILE D 134 3.73 49.54 51.77
N ILE D 135 3.06 50.15 50.79
CA ILE D 135 3.74 50.74 49.66
C ILE D 135 4.27 52.12 50.04
N GLU D 136 5.50 52.40 49.64
CA GLU D 136 6.13 53.71 49.84
C GLU D 136 6.31 54.36 48.48
N LEU D 137 5.48 55.38 48.21
CA LEU D 137 5.49 56.09 46.94
C LEU D 137 6.42 57.28 46.99
N PRO D 138 6.91 57.73 45.84
CA PRO D 138 7.72 58.96 45.81
C PRO D 138 6.93 60.15 46.33
N ALA D 139 7.65 61.16 46.82
CA ALA D 139 7.00 62.33 47.37
C ALA D 139 6.23 63.12 46.32
N ASP D 140 6.58 62.96 45.05
CA ASP D 140 5.92 63.68 43.96
C ASP D 140 4.57 63.06 43.58
N ALA D 141 4.09 62.09 44.34
CA ALA D 141 2.89 61.36 43.94
C ALA D 141 1.66 62.27 43.98
N PRO D 142 0.92 62.39 42.88
CA PRO D 142 -0.31 63.19 42.91
C PRO D 142 -1.37 62.51 43.77
N ILE D 143 -1.99 63.30 44.65
CA ILE D 143 -2.82 62.75 45.71
C ILE D 143 -4.05 62.06 45.13
N GLY D 144 -4.90 62.82 44.44
CA GLY D 144 -6.17 62.28 43.97
C GLY D 144 -6.07 61.28 42.83
N THR D 145 -4.88 60.99 42.33
CA THR D 145 -4.74 60.16 41.14
C THR D 145 -4.93 58.69 41.45
N ASP D 146 -5.54 57.97 40.52
CA ASP D 146 -5.66 56.53 40.60
C ASP D 146 -4.29 55.86 40.46
N ILE D 147 -4.10 54.75 41.16
CA ILE D 147 -2.81 54.08 41.17
C ILE D 147 -2.47 53.50 39.79
N ARG D 148 -3.48 53.19 38.99
CA ARG D 148 -3.21 52.62 37.66
C ARG D 148 -2.67 53.66 36.71
N GLU D 149 -3.02 54.93 36.90
CA GLU D 149 -2.47 55.98 36.06
C GLU D 149 -1.07 56.38 36.50
N TYR D 150 -0.82 56.41 37.81
CA TYR D 150 0.49 56.80 38.32
C TYR D 150 1.52 55.70 38.14
N LEU D 151 1.12 54.45 38.43
CA LEU D 151 2.04 53.31 38.32
C LEU D 151 1.98 52.63 36.97
N LYS D 152 1.08 53.04 36.08
CA LYS D 152 0.93 52.45 34.76
C LYS D 152 0.70 50.93 34.86
N LEU D 153 -0.23 50.55 35.73
CA LEU D 153 -0.50 49.14 36.00
C LEU D 153 -1.43 48.50 34.98
N ASP D 154 -1.78 49.22 33.91
CA ASP D 154 -2.48 48.61 32.78
C ASP D 154 -1.45 48.22 31.72
N ASP D 155 -0.67 47.20 32.07
CA ASP D 155 0.49 46.78 31.30
C ASP D 155 0.58 45.26 31.35
N ASN D 156 1.27 44.69 30.36
CA ASN D 156 1.46 43.26 30.26
C ASN D 156 2.95 42.93 30.14
N THR D 157 3.38 41.90 30.87
CA THR D 157 4.76 41.42 30.81
C THR D 157 4.81 40.25 29.82
N ILE D 158 5.39 40.50 28.65
CA ILE D 158 5.46 39.50 27.59
C ILE D 158 6.71 38.65 27.79
N GLU D 159 6.53 37.33 27.76
CA GLU D 159 7.62 36.37 27.85
C GLU D 159 7.82 35.72 26.49
N ILE D 160 9.06 35.79 25.98
CA ILE D 160 9.38 35.25 24.66
C ILE D 160 10.54 34.29 24.78
N SER D 161 10.56 33.29 23.92
CA SER D 161 11.66 32.35 23.79
C SER D 161 12.51 32.76 22.59
N VAL D 162 13.73 33.20 22.85
CA VAL D 162 14.65 33.64 21.81
C VAL D 162 15.63 32.51 21.52
N THR D 163 15.60 32.01 20.29
CA THR D 163 16.47 30.94 19.81
C THR D 163 17.94 31.38 19.89
N PRO D 164 18.90 30.47 19.66
CA PRO D 164 20.31 30.90 19.69
C PRO D 164 20.65 31.93 18.62
N ASN D 165 19.96 31.92 17.48
CA ASN D 165 20.09 33.04 16.56
C ASN D 165 19.27 34.22 17.07
N ARG D 166 19.29 35.33 16.35
CA ARG D 166 18.63 36.56 16.78
C ARG D 166 19.11 36.99 18.16
N ALA D 167 20.43 37.09 18.31
CA ALA D 167 21.00 37.50 19.58
C ALA D 167 20.66 38.95 19.93
N ASP D 168 20.25 39.75 18.94
CA ASP D 168 19.90 41.13 19.20
C ASP D 168 18.60 41.26 19.98
N CYS D 169 17.71 40.28 19.90
CA CYS D 169 16.38 40.36 20.51
C CYS D 169 16.38 40.04 22.00
N LEU D 170 17.52 40.14 22.69
CA LEU D 170 17.59 39.93 24.12
C LEU D 170 17.53 41.24 24.90
N GLY D 171 17.14 42.33 24.25
CA GLY D 171 16.89 43.58 24.93
C GLY D 171 15.67 44.25 24.35
N ILE D 172 15.16 45.24 25.09
CA ILE D 172 13.97 45.97 24.64
C ILE D 172 14.21 46.57 23.27
N ILE D 173 15.40 47.11 23.03
CA ILE D 173 15.69 47.75 21.75
C ILE D 173 15.69 46.71 20.63
N GLY D 174 16.23 45.52 20.89
CA GLY D 174 16.30 44.51 19.84
C GLY D 174 14.94 44.02 19.40
N VAL D 175 14.05 43.76 20.37
CA VAL D 175 12.70 43.33 20.03
C VAL D 175 11.92 44.47 19.41
N ALA D 176 12.10 45.69 19.92
CA ALA D 176 11.42 46.84 19.34
C ALA D 176 11.92 47.14 17.93
N ARG D 177 13.20 46.88 17.67
CA ARG D 177 13.74 47.09 16.32
C ARG D 177 13.04 46.19 15.31
N ASP D 178 12.81 44.93 15.67
CA ASP D 178 12.19 44.00 14.74
C ASP D 178 10.67 44.19 14.67
N VAL D 179 10.05 44.62 15.77
CA VAL D 179 8.64 44.99 15.70
C VAL D 179 8.44 46.18 14.78
N ALA D 180 9.45 47.03 14.65
CA ALA D 180 9.34 48.20 13.78
C ALA D 180 9.33 47.81 12.31
N VAL D 181 10.16 46.83 11.93
CA VAL D 181 10.27 46.47 10.52
C VAL D 181 9.04 45.73 10.02
N LEU D 182 8.30 45.07 10.92
CA LEU D 182 7.07 44.39 10.49
C LEU D 182 5.94 45.37 10.26
N ASN D 183 5.88 46.45 11.03
CA ASN D 183 4.91 47.51 10.81
C ASN D 183 5.45 48.64 9.94
N GLN D 184 6.72 48.55 9.54
CA GLN D 184 7.37 49.59 8.72
C GLN D 184 7.27 50.96 9.38
N LEU D 185 7.50 51.00 10.69
CA LEU D 185 7.47 52.24 11.46
C LEU D 185 8.86 52.57 11.96
N PRO D 186 9.18 53.86 12.14
CA PRO D 186 10.50 54.23 12.65
C PRO D 186 10.68 53.83 14.10
N LEU D 187 11.95 53.73 14.50
CA LEU D 187 12.31 53.32 15.85
C LEU D 187 12.66 54.56 16.68
N VAL D 188 11.92 54.77 17.77
CA VAL D 188 12.16 55.89 18.67
C VAL D 188 13.20 55.48 19.69
N GLN D 189 14.34 56.16 19.68
CA GLN D 189 15.38 55.84 20.64
C GLN D 189 15.56 56.98 21.64
N PRO D 190 15.70 56.67 22.91
CA PRO D 190 15.89 57.73 23.91
C PRO D 190 17.21 58.45 23.71
N GLU D 191 17.22 59.73 24.06
CA GLU D 191 18.42 60.55 23.92
C GLU D 191 19.43 60.16 24.99
N ILE D 192 20.50 59.49 24.58
CA ILE D 192 21.55 59.05 25.48
C ILE D 192 22.74 59.98 25.26
N VAL D 193 22.85 61.00 26.12
CA VAL D 193 23.91 61.99 26.00
C VAL D 193 25.07 61.60 26.93
N PRO D 194 26.31 61.67 26.47
CA PRO D 194 27.45 61.38 27.35
C PRO D 194 27.49 62.34 28.52
N VAL D 195 28.09 61.89 29.62
CA VAL D 195 28.08 62.67 30.85
C VAL D 195 29.27 63.62 30.94
N GLY D 196 30.43 63.24 30.41
CA GLY D 196 31.60 64.08 30.51
C GLY D 196 32.26 64.01 31.87
N ALA D 197 33.52 63.59 31.91
CA ALA D 197 34.20 63.36 33.18
C ALA D 197 34.35 64.65 33.97
N THR D 198 34.24 64.53 35.29
CA THR D 198 34.45 65.66 36.20
C THR D 198 35.62 65.47 37.14
N ILE D 199 36.24 64.29 37.16
CA ILE D 199 37.41 64.01 37.97
C ILE D 199 38.49 63.37 37.09
N ASP D 200 39.62 63.04 37.72
CA ASP D 200 40.82 62.63 37.00
C ASP D 200 41.15 61.16 37.12
N ASP D 201 40.64 60.47 38.14
CA ASP D 201 41.13 59.14 38.47
C ASP D 201 40.82 58.12 37.37
N THR D 202 41.71 57.14 37.25
CA THR D 202 41.54 55.97 36.41
C THR D 202 42.32 54.83 37.05
N LEU D 203 42.63 53.80 36.26
CA LEU D 203 43.49 52.71 36.69
C LEU D 203 43.97 51.97 35.46
N PRO D 204 45.16 51.37 35.51
CA PRO D 204 45.68 50.67 34.32
C PRO D 204 44.84 49.46 33.97
N ILE D 205 44.43 49.38 32.71
CA ILE D 205 43.64 48.26 32.19
C ILE D 205 44.35 47.74 30.94
N THR D 206 44.85 46.52 31.02
CA THR D 206 45.51 45.86 29.90
C THR D 206 44.86 44.50 29.66
N VAL D 207 44.57 44.20 28.40
CA VAL D 207 43.98 42.92 28.01
C VAL D 207 45.04 42.14 27.25
N GLU D 208 45.34 40.93 27.74
CA GLU D 208 46.33 40.06 27.11
C GLU D 208 45.70 39.05 26.17
N ALA D 209 44.38 39.05 26.03
CA ALA D 209 43.66 38.16 25.13
C ALA D 209 42.74 38.99 24.25
N PRO D 210 43.29 39.73 23.29
CA PRO D 210 42.44 40.60 22.46
C PRO D 210 41.48 39.84 21.58
N GLU D 211 41.81 38.60 21.22
CA GLU D 211 40.89 37.79 20.42
C GLU D 211 39.64 37.42 21.20
N ALA D 212 39.74 37.35 22.54
CA ALA D 212 38.60 37.03 23.38
C ALA D 212 37.84 38.27 23.81
N CYS D 213 38.54 39.37 24.08
CA CYS D 213 37.93 40.63 24.49
C CYS D 213 38.45 41.73 23.56
N PRO D 214 37.82 41.94 22.41
CA PRO D 214 38.28 43.01 21.50
C PRO D 214 38.13 44.39 22.09
N ARG D 215 37.11 44.62 22.92
CA ARG D 215 36.84 45.95 23.48
C ARG D 215 36.50 45.81 24.96
N TYR D 216 37.09 46.68 25.78
CA TYR D 216 36.84 46.71 27.21
C TYR D 216 36.80 48.17 27.65
N LEU D 217 35.65 48.61 28.15
CA LEU D 217 35.47 49.98 28.61
C LEU D 217 35.40 49.98 30.13
N GLY D 218 36.29 50.74 30.75
CA GLY D 218 36.29 50.92 32.19
C GLY D 218 36.03 52.37 32.55
N ARG D 219 35.31 52.58 33.64
CA ARG D 219 35.03 53.94 34.12
C ARG D 219 34.89 53.91 35.62
N VAL D 220 35.67 54.74 36.30
CA VAL D 220 35.60 54.87 37.75
C VAL D 220 34.54 55.90 38.11
N VAL D 221 33.80 55.63 39.18
CA VAL D 221 32.82 56.56 39.72
C VAL D 221 33.13 56.69 41.20
N LYS D 222 33.66 57.85 41.60
CA LYS D 222 34.10 58.07 42.97
C LYS D 222 32.98 58.61 43.83
N GLY D 223 32.91 58.14 45.07
CA GLY D 223 32.00 58.66 46.06
C GLY D 223 30.52 58.47 45.73
N ILE D 224 30.05 57.23 45.72
CA ILE D 224 28.64 56.94 45.49
C ILE D 224 28.01 56.44 46.78
N ASN D 225 26.68 56.42 46.80
CA ASN D 225 25.91 55.94 47.94
C ASN D 225 25.31 54.59 47.55
N VAL D 226 25.98 53.51 47.99
CA VAL D 226 25.54 52.17 47.63
C VAL D 226 24.13 51.90 48.18
N LYS D 227 23.86 52.35 49.40
CA LYS D 227 22.57 52.11 50.04
C LYS D 227 21.47 53.05 49.55
N ALA D 228 21.71 53.79 48.47
CA ALA D 228 20.68 54.69 47.96
C ALA D 228 19.48 53.88 47.46
N PRO D 229 18.26 54.39 47.65
CA PRO D 229 17.09 53.63 47.21
C PRO D 229 16.92 53.68 45.70
N THR D 230 16.49 52.56 45.13
CA THR D 230 16.20 52.53 43.70
C THR D 230 14.85 53.18 43.43
N PRO D 231 14.78 54.16 42.53
CA PRO D 231 13.49 54.81 42.23
C PRO D 231 12.45 53.81 41.75
N LEU D 232 11.18 54.18 41.95
CA LEU D 232 10.09 53.24 41.72
C LEU D 232 9.91 52.92 40.25
N TRP D 233 10.11 53.91 39.37
CA TRP D 233 10.00 53.65 37.94
C TRP D 233 11.01 52.59 37.48
N MET D 234 12.16 52.51 38.15
CA MET D 234 13.15 51.51 37.80
C MET D 234 12.86 50.16 38.46
N LYS D 235 12.31 50.18 39.68
CA LYS D 235 11.94 48.93 40.33
C LYS D 235 10.84 48.21 39.55
N GLU D 236 9.91 48.97 38.98
CA GLU D 236 8.81 48.35 38.23
C GLU D 236 9.28 47.90 36.85
N LYS D 237 10.12 48.70 36.18
CA LYS D 237 10.64 48.28 34.88
C LYS D 237 11.49 47.02 35.00
N LEU D 238 12.21 46.84 36.11
CA LEU D 238 12.95 45.61 36.32
C LEU D 238 12.02 44.47 36.70
N ARG D 239 11.01 44.74 37.54
CA ARG D 239 10.13 43.68 38.00
C ARG D 239 9.23 43.17 36.87
N ARG D 240 8.79 44.07 35.99
CA ARG D 240 8.00 43.66 34.83
C ARG D 240 8.83 42.94 33.78
N CYS D 241 10.14 42.83 33.97
CA CYS D 241 11.01 42.11 33.05
C CYS D 241 11.64 40.88 33.71
N GLY D 242 11.08 40.42 34.82
CA GLY D 242 11.57 39.22 35.47
C GLY D 242 12.86 39.37 36.24
N ILE D 243 13.12 40.56 36.78
CA ILE D 243 14.34 40.83 37.54
C ILE D 243 13.96 41.56 38.82
N ARG D 244 14.35 41.00 39.96
CA ARG D 244 14.04 41.59 41.25
C ARG D 244 14.99 42.75 41.56
N SER D 245 14.52 43.65 42.41
CA SER D 245 15.34 44.76 42.86
C SER D 245 16.24 44.32 44.00
N ILE D 246 17.54 44.62 43.88
CA ILE D 246 18.50 44.28 44.92
C ILE D 246 19.14 45.56 45.46
N ASP D 247 20.24 45.98 44.86
CA ASP D 247 20.93 47.19 45.25
C ASP D 247 20.93 48.18 44.10
N ALA D 248 21.09 49.46 44.44
CA ALA D 248 21.03 50.53 43.45
C ALA D 248 22.10 50.40 42.37
N VAL D 249 23.21 49.72 42.67
CA VAL D 249 24.25 49.55 41.67
C VAL D 249 23.92 48.42 40.72
N VAL D 250 23.50 47.27 41.25
CA VAL D 250 23.16 46.14 40.39
C VAL D 250 21.84 46.37 39.66
N ASP D 251 20.97 47.23 40.19
CA ASP D 251 19.74 47.54 39.48
C ASP D 251 20.00 48.42 38.27
N VAL D 252 21.05 49.25 38.31
CA VAL D 252 21.42 50.05 37.15
C VAL D 252 22.01 49.15 36.07
N THR D 253 22.91 48.25 36.44
CA THR D 253 23.50 47.33 35.47
C THR D 253 22.44 46.40 34.88
N ASN D 254 21.44 46.01 35.69
CA ASN D 254 20.36 45.19 35.16
C ASN D 254 19.42 46.01 34.27
N TYR D 255 19.26 47.31 34.56
CA TYR D 255 18.39 48.13 33.73
C TYR D 255 18.98 48.33 32.33
N VAL D 256 20.28 48.59 32.25
CA VAL D 256 20.90 48.79 30.94
C VAL D 256 21.01 47.47 30.19
N LEU D 257 21.17 46.36 30.93
CA LEU D 257 21.18 45.05 30.28
C LEU D 257 19.85 44.77 29.60
N LEU D 258 18.74 45.08 30.28
CA LEU D 258 17.43 44.84 29.69
C LEU D 258 17.08 45.87 28.63
N GLU D 259 17.55 47.10 28.75
CA GLU D 259 17.17 48.15 27.80
C GLU D 259 17.97 48.04 26.51
N LEU D 260 19.27 47.79 26.60
CA LEU D 260 20.14 47.80 25.44
C LEU D 260 20.74 46.44 25.11
N GLY D 261 20.56 45.44 25.96
CA GLY D 261 21.16 44.14 25.72
C GLY D 261 22.61 44.04 26.10
N GLN D 262 23.19 45.08 26.69
CA GLN D 262 24.60 45.11 27.02
C GLN D 262 24.81 44.68 28.47
N PRO D 263 25.52 43.58 28.72
CA PRO D 263 25.84 43.24 30.11
C PRO D 263 26.86 44.19 30.68
N MET D 264 26.72 44.49 31.98
CA MET D 264 27.62 45.42 32.66
C MET D 264 27.86 44.94 34.08
N HIS D 265 29.01 45.31 34.63
CA HIS D 265 29.40 44.89 35.96
C HIS D 265 30.06 46.07 36.68
N ALA D 266 30.08 45.98 38.01
CA ALA D 266 30.64 47.03 38.85
C ALA D 266 31.51 46.40 39.92
N PHE D 267 32.79 46.74 39.92
CA PHE D 267 33.73 46.29 40.93
C PHE D 267 33.87 47.34 42.03
N ASP D 268 34.56 46.95 43.10
CA ASP D 268 34.94 47.89 44.15
C ASP D 268 36.36 48.36 43.84
N LYS D 269 36.50 49.64 43.51
CA LYS D 269 37.79 50.16 43.06
C LYS D 269 38.86 50.01 44.14
N ASP D 270 38.48 50.18 45.41
CA ASP D 270 39.45 50.18 46.49
C ASP D 270 39.94 48.78 46.85
N ARG D 271 39.35 47.74 46.29
CA ARG D 271 39.82 46.37 46.48
C ARG D 271 40.55 45.84 45.26
N ILE D 272 40.81 46.69 44.27
CA ILE D 272 41.51 46.30 43.05
C ILE D 272 42.99 46.65 43.22
N GLU D 273 43.84 45.63 43.19
CA GLU D 273 45.27 45.80 43.38
C GLU D 273 45.94 46.04 42.04
N GLY D 274 46.51 47.23 41.86
CA GLY D 274 47.20 47.57 40.64
C GLY D 274 46.28 48.03 39.53
N GLY D 275 45.62 47.08 38.86
CA GLY D 275 44.72 47.43 37.79
C GLY D 275 43.88 46.25 37.38
N ILE D 276 43.38 46.30 36.15
CA ILE D 276 42.54 45.24 35.58
C ILE D 276 43.35 44.52 34.51
N VAL D 277 43.34 43.19 34.56
CA VAL D 277 44.01 42.36 33.57
C VAL D 277 42.97 41.40 32.99
N VAL D 278 42.53 41.68 31.77
CA VAL D 278 41.59 40.81 31.06
C VAL D 278 42.42 39.74 30.36
N ARG D 279 42.51 38.56 30.97
CA ARG D 279 43.41 37.52 30.52
C ARG D 279 42.73 36.16 30.60
N MET D 280 43.32 35.19 29.90
CA MET D 280 42.93 33.80 30.07
C MET D 280 43.44 33.29 31.41
N ALA D 281 42.58 32.57 32.12
CA ALA D 281 42.95 32.05 33.43
C ALA D 281 44.02 30.98 33.30
N LYS D 282 44.86 30.88 34.33
CA LYS D 282 45.83 29.80 34.38
C LYS D 282 45.11 28.47 34.60
N GLU D 283 45.58 27.44 33.90
CA GLU D 283 44.92 26.13 33.99
C GLU D 283 44.97 25.59 35.41
N GLY D 284 43.81 25.55 36.07
CA GLY D 284 43.71 25.16 37.45
C GLY D 284 43.51 26.30 38.43
N GLU D 285 43.40 27.53 37.93
CA GLU D 285 43.23 28.68 38.81
C GLU D 285 41.84 28.66 39.44
N THR D 286 41.79 28.82 40.75
CA THR D 286 40.54 28.81 41.48
C THR D 286 39.99 30.22 41.65
N LEU D 287 38.67 30.32 41.80
CA LEU D 287 38.00 31.60 41.97
C LEU D 287 36.72 31.38 42.75
N VAL D 288 36.49 32.22 43.74
CA VAL D 288 35.28 32.16 44.55
C VAL D 288 34.24 33.09 43.94
N LEU D 289 33.10 32.52 43.52
CA LEU D 289 32.04 33.30 42.92
C LEU D 289 31.21 34.00 43.99
N LEU D 290 30.20 34.76 43.55
CA LEU D 290 29.38 35.52 44.49
C LEU D 290 28.54 34.60 45.37
N ASP D 291 28.08 33.48 44.82
CA ASP D 291 27.25 32.56 45.59
C ASP D 291 28.06 31.77 46.62
N GLY D 292 29.36 32.01 46.74
CA GLY D 292 30.20 31.31 47.68
C GLY D 292 30.87 30.06 47.15
N THR D 293 30.41 29.54 46.02
CA THR D 293 30.97 28.31 45.47
C THR D 293 32.24 28.61 44.68
N GLU D 294 33.23 27.74 44.84
CA GLU D 294 34.51 27.89 44.17
C GLU D 294 34.49 27.20 42.81
N ALA D 295 35.37 27.67 41.92
CA ALA D 295 35.42 27.17 40.55
C ALA D 295 36.88 27.02 40.13
N LYS D 296 37.29 25.79 39.85
CA LYS D 296 38.64 25.52 39.35
C LYS D 296 38.59 25.68 37.83
N LEU D 297 39.03 26.86 37.37
CA LEU D 297 38.86 27.23 35.97
C LEU D 297 39.92 26.59 35.09
N ASN D 298 39.62 26.50 33.80
CA ASN D 298 40.54 26.00 32.79
C ASN D 298 41.25 27.17 32.11
N ALA D 299 42.31 26.84 31.37
CA ALA D 299 43.01 27.84 30.56
C ALA D 299 42.14 28.36 29.43
N ASP D 300 41.04 27.68 29.10
CA ASP D 300 40.10 28.14 28.08
C ASP D 300 39.22 29.28 28.57
N THR D 301 39.06 29.43 29.88
CA THR D 301 38.12 30.41 30.42
C THR D 301 38.78 31.78 30.52
N LEU D 302 38.09 32.80 30.01
CA LEU D 302 38.56 34.17 30.12
C LEU D 302 38.12 34.76 31.46
N VAL D 303 39.02 35.46 32.14
CA VAL D 303 38.75 36.01 33.45
C VAL D 303 39.16 37.47 33.51
N ILE D 304 38.50 38.22 34.40
CA ILE D 304 38.87 39.60 34.69
C ILE D 304 39.65 39.57 35.99
N ALA D 305 40.96 39.77 35.92
CA ALA D 305 41.84 39.66 37.07
C ALA D 305 42.55 40.98 37.32
N ASP D 306 43.14 41.10 38.50
CA ASP D 306 44.00 42.23 38.82
C ASP D 306 45.46 41.79 38.68
N HIS D 307 46.37 42.53 39.32
CA HIS D 307 47.79 42.19 39.25
C HIS D 307 48.19 41.11 40.23
N ASN D 308 47.27 40.60 41.04
CA ASN D 308 47.60 39.57 42.02
C ASN D 308 46.70 38.35 41.89
N LYS D 309 45.39 38.56 41.84
CA LYS D 309 44.40 37.48 41.89
C LYS D 309 43.40 37.63 40.77
N ALA D 310 42.53 36.63 40.63
CA ALA D 310 41.42 36.68 39.70
C ALA D 310 40.18 37.22 40.40
N LEU D 311 39.39 38.01 39.67
CA LEU D 311 38.25 38.71 40.26
C LEU D 311 36.90 38.20 39.78
N ALA D 312 36.80 37.71 38.55
CA ALA D 312 35.52 37.25 38.02
C ALA D 312 35.77 36.41 36.78
N MET D 313 34.73 35.69 36.36
CA MET D 313 34.76 34.94 35.11
C MET D 313 34.28 35.86 33.99
N GLY D 314 35.15 36.08 33.00
CA GLY D 314 34.90 37.02 31.93
C GLY D 314 33.53 36.94 31.29
N GLY D 315 32.68 37.92 31.62
CA GLY D 315 31.35 38.01 31.04
C GLY D 315 30.37 36.95 31.47
N ILE D 316 30.68 36.18 32.53
CA ILE D 316 29.80 35.10 32.96
C ILE D 316 29.24 35.42 34.34
N PHE D 317 30.11 35.42 35.36
CA PHE D 317 29.69 35.65 36.73
C PHE D 317 30.74 36.47 37.45
N GLY D 318 30.28 37.29 38.40
CA GLY D 318 31.18 38.10 39.20
C GLY D 318 31.66 37.38 40.45
N GLY D 319 32.81 37.83 40.94
CA GLY D 319 33.41 37.23 42.12
C GLY D 319 32.68 37.62 43.39
N GLU D 320 33.17 37.05 44.50
CA GLU D 320 32.55 37.30 45.80
C GLU D 320 32.99 38.64 46.37
N HIS D 321 34.30 38.81 46.56
CA HIS D 321 34.84 40.00 47.21
C HIS D 321 35.18 41.11 46.23
N SER D 322 35.27 40.82 44.93
CA SER D 322 35.56 41.85 43.95
C SER D 322 34.36 42.75 43.66
N GLY D 323 33.16 42.33 44.06
CA GLY D 323 31.96 43.08 43.75
C GLY D 323 31.68 44.20 44.75
N VAL D 324 30.55 44.86 44.52
CA VAL D 324 30.13 45.96 45.37
C VAL D 324 29.51 45.41 46.65
N ASN D 325 30.02 45.85 47.80
CA ASN D 325 29.48 45.47 49.09
C ASN D 325 28.73 46.66 49.69
N ASP D 326 28.52 46.63 51.00
CA ASP D 326 27.68 47.60 51.68
C ASP D 326 28.44 48.80 52.23
N GLU D 327 29.78 48.79 52.20
CA GLU D 327 30.57 49.90 52.69
C GLU D 327 31.49 50.51 51.64
N THR D 328 31.44 50.03 50.39
CA THR D 328 32.25 50.62 49.34
C THR D 328 31.68 51.97 48.93
N GLN D 329 32.57 52.83 48.42
CA GLN D 329 32.17 54.17 47.98
C GLN D 329 32.65 54.51 46.57
N ASN D 330 33.66 53.83 46.05
CA ASN D 330 34.16 54.06 44.70
C ASN D 330 34.07 52.77 43.91
N VAL D 331 33.42 52.81 42.76
CA VAL D 331 33.21 51.62 41.94
C VAL D 331 33.85 51.81 40.57
N LEU D 332 34.09 50.68 39.91
CA LEU D 332 34.64 50.66 38.56
C LEU D 332 33.67 49.88 37.67
N LEU D 333 33.14 50.56 36.67
CA LEU D 333 32.13 49.98 35.78
C LEU D 333 32.81 49.25 34.63
N GLU D 334 32.54 47.97 34.49
CA GLU D 334 33.00 47.18 33.36
C GLU D 334 31.90 47.11 32.31
N CYS D 335 32.25 47.44 31.07
CA CYS D 335 31.36 47.29 29.92
C CYS D 335 32.22 46.88 28.74
N ALA D 336 32.10 45.63 28.31
CA ALA D 336 33.01 45.06 27.31
C ALA D 336 32.22 44.27 26.28
N PHE D 337 32.92 43.92 25.21
CA PHE D 337 32.43 42.99 24.20
C PHE D 337 33.35 41.79 24.17
N PHE D 338 32.79 40.60 24.34
CA PHE D 338 33.55 39.36 24.33
C PHE D 338 33.18 38.54 23.11
N SER D 339 34.18 37.93 22.48
CA SER D 339 33.92 37.04 21.35
C SER D 339 33.07 35.87 21.81
N PRO D 340 31.94 35.59 21.16
CA PRO D 340 31.04 34.53 21.65
C PRO D 340 31.72 33.17 21.77
N LEU D 341 32.65 32.85 20.87
CA LEU D 341 33.38 31.59 20.95
C LEU D 341 34.32 31.54 22.15
N SER D 342 34.60 32.68 22.77
CA SER D 342 35.42 32.71 23.98
C SER D 342 34.61 32.63 25.26
N ILE D 343 33.28 32.74 25.16
CA ILE D 343 32.42 32.68 26.33
C ILE D 343 31.53 31.44 26.35
N THR D 344 31.16 30.90 25.18
CA THR D 344 30.23 29.80 25.12
C THR D 344 30.82 28.54 25.74
N GLY D 345 29.99 27.80 26.48
CA GLY D 345 30.38 26.55 27.09
C GLY D 345 31.01 26.69 28.46
N ARG D 346 31.73 27.78 28.72
CA ARG D 346 32.43 27.95 30.00
C ARG D 346 31.44 28.05 31.16
N ALA D 347 30.28 28.67 30.94
CA ALA D 347 29.29 28.79 32.00
C ALA D 347 28.66 27.44 32.32
N ARG D 348 28.29 26.68 31.29
CA ARG D 348 27.71 25.35 31.52
C ARG D 348 28.75 24.37 32.05
N ARG D 349 30.03 24.60 31.75
CA ARG D 349 31.08 23.76 32.30
C ARG D 349 31.12 23.85 33.82
N HIS D 350 30.69 24.99 34.38
CA HIS D 350 30.63 25.17 35.82
C HIS D 350 29.20 25.32 36.33
N GLY D 351 28.21 24.92 35.54
CA GLY D 351 26.83 24.95 35.98
C GLY D 351 26.26 26.34 36.20
N LEU D 352 26.79 27.35 35.53
CA LEU D 352 26.32 28.72 35.69
C LEU D 352 25.48 29.12 34.48
N HIS D 353 24.45 29.91 34.73
CA HIS D 353 23.62 30.47 33.65
C HIS D 353 23.16 31.84 34.09
N THR D 354 23.76 32.88 33.51
CA THR D 354 23.51 34.25 33.92
C THR D 354 22.93 35.06 32.76
N ASP D 355 22.41 36.23 33.10
CA ASP D 355 21.96 37.16 32.07
C ASP D 355 23.10 37.60 31.17
N ALA D 356 24.33 37.55 31.68
CA ALA D 356 25.49 38.00 30.91
C ALA D 356 25.98 36.91 29.97
N SER D 357 26.24 35.71 30.50
CA SER D 357 26.78 34.64 29.67
C SER D 357 25.80 34.26 28.57
N HIS D 358 24.50 34.29 28.86
CA HIS D 358 23.50 33.95 27.85
C HIS D 358 23.51 34.92 26.69
N ARG D 359 23.91 36.17 26.93
CA ARG D 359 23.97 37.18 25.88
C ARG D 359 25.34 37.26 25.21
N TYR D 360 26.42 37.03 25.96
CA TYR D 360 27.75 37.08 25.36
C TYR D 360 27.99 35.87 24.46
N GLU D 361 27.50 34.70 24.84
CA GLU D 361 27.70 33.50 24.03
C GLU D 361 26.86 33.52 22.76
N ARG D 362 25.85 34.37 22.69
CA ARG D 362 25.10 34.58 21.46
C ARG D 362 25.56 35.80 20.68
N GLY D 363 26.23 36.74 21.34
CA GLY D 363 26.77 37.91 20.66
C GLY D 363 26.03 39.19 20.98
N VAL D 364 26.72 40.15 21.58
CA VAL D 364 26.16 41.46 21.84
C VAL D 364 26.71 42.45 20.82
N ASP D 365 25.96 43.51 20.58
CA ASP D 365 26.31 44.50 19.57
C ASP D 365 27.68 45.10 19.84
N PRO D 366 28.66 44.95 18.94
CA PRO D 366 29.98 45.52 19.18
C PRO D 366 30.06 47.02 18.97
N ALA D 367 29.01 47.65 18.47
CA ALA D 367 28.92 49.11 18.37
C ALA D 367 28.01 49.69 19.44
N LEU D 368 28.01 49.09 20.63
CA LEU D 368 27.04 49.41 21.67
C LEU D 368 27.65 49.73 23.03
N GLN D 369 28.91 49.38 23.27
CA GLN D 369 29.48 49.49 24.61
C GLN D 369 29.50 50.94 25.10
N HIS D 370 29.84 51.88 24.21
CA HIS D 370 29.92 53.28 24.62
C HIS D 370 28.54 53.83 24.97
N LYS D 371 27.54 53.56 24.12
CA LYS D 371 26.20 54.08 24.37
C LYS D 371 25.63 53.55 25.67
N ALA D 372 25.92 52.30 26.01
CA ALA D 372 25.44 51.73 27.26
C ALA D 372 26.24 52.22 28.45
N MET D 373 27.55 52.44 28.27
CA MET D 373 28.38 52.94 29.36
C MET D 373 27.95 54.33 29.78
N GLU D 374 27.60 55.19 28.82
CA GLU D 374 27.17 56.55 29.14
C GLU D 374 25.81 56.56 29.82
N ARG D 375 24.93 55.60 29.49
CA ARG D 375 23.64 55.53 30.15
C ARG D 375 23.76 55.02 31.57
N ALA D 376 24.58 53.99 31.78
CA ALA D 376 24.78 53.48 33.13
C ALA D 376 25.38 54.53 34.05
N THR D 377 26.33 55.32 33.53
CA THR D 377 26.95 56.36 34.34
C THR D 377 25.95 57.45 34.72
N ARG D 378 25.12 57.88 33.76
CA ARG D 378 24.12 58.90 34.07
C ARG D 378 23.07 58.38 35.03
N LEU D 379 22.64 57.13 34.85
CA LEU D 379 21.63 56.56 35.75
C LEU D 379 22.22 56.25 37.12
N LEU D 380 23.51 55.94 37.19
CA LEU D 380 24.12 55.66 38.49
C LEU D 380 24.30 56.94 39.29
N ILE D 381 24.65 58.05 38.62
CA ILE D 381 24.88 59.30 39.33
C ILE D 381 23.57 59.90 39.81
N ASP D 382 22.54 59.91 38.96
CA ASP D 382 21.26 60.47 39.35
C ASP D 382 20.54 59.63 40.41
N ILE D 383 21.11 58.51 40.82
CA ILE D 383 20.57 57.69 41.89
C ILE D 383 21.48 57.71 43.12
N CYS D 384 22.76 57.40 42.94
CA CYS D 384 23.70 57.28 44.04
C CYS D 384 24.62 58.49 44.19
N GLY D 385 24.58 59.43 43.25
CA GLY D 385 25.49 60.56 43.29
C GLY D 385 26.91 60.14 42.92
N GLY D 386 27.81 61.11 42.99
CA GLY D 386 29.22 60.87 42.74
C GLY D 386 29.70 61.58 41.49
N GLU D 387 31.01 61.46 41.27
CA GLU D 387 31.68 62.06 40.12
C GLU D 387 32.34 60.96 39.30
N ALA D 388 32.18 61.04 37.98
CA ALA D 388 32.65 60.01 37.08
C ALA D 388 33.97 60.43 36.43
N GLY D 389 34.94 59.53 36.42
CA GLY D 389 36.18 59.74 35.72
C GLY D 389 36.01 59.50 34.23
N PRO D 390 37.11 59.54 33.48
CA PRO D 390 37.02 59.34 32.03
C PRO D 390 36.81 57.87 31.69
N VAL D 391 36.34 57.64 30.46
CA VAL D 391 36.13 56.29 29.96
C VAL D 391 37.46 55.71 29.51
N ILE D 392 37.79 54.53 30.03
CA ILE D 392 39.01 53.82 29.64
C ILE D 392 38.66 52.92 28.46
N ASP D 393 39.16 53.26 27.28
CA ASP D 393 38.87 52.55 26.04
C ASP D 393 40.07 51.68 25.67
N ILE D 394 39.88 50.37 25.69
CA ILE D 394 40.91 49.42 25.27
C ILE D 394 40.29 48.59 24.16
N THR D 395 40.39 49.09 22.93
CA THR D 395 39.75 48.48 21.77
C THR D 395 40.82 48.01 20.78
N ASN D 396 40.65 46.79 20.28
CA ASN D 396 41.47 46.24 19.21
C ASN D 396 40.57 46.13 17.97
N GLU D 397 40.69 47.10 17.06
CA GLU D 397 39.83 47.13 15.88
C GLU D 397 40.02 45.91 14.98
N ALA D 398 41.14 45.19 15.13
CA ALA D 398 41.39 44.05 14.26
C ALA D 398 40.53 42.85 14.66
N THR D 399 40.53 42.48 15.93
CA THR D 399 39.79 41.32 16.39
C THR D 399 38.30 41.59 16.58
N LEU D 400 37.82 42.77 16.20
CA LEU D 400 36.39 43.03 16.20
C LEU D 400 35.71 42.22 15.10
N PRO D 401 34.46 41.83 15.29
CA PRO D 401 33.74 41.10 14.25
C PRO D 401 33.50 41.98 13.03
N LYS D 402 33.67 41.40 11.84
CA LYS D 402 33.52 42.13 10.59
C LYS D 402 32.10 41.96 10.08
N ARG D 403 31.49 43.05 9.64
CA ARG D 403 30.16 42.98 9.04
C ARG D 403 30.26 42.35 7.65
N ALA D 404 29.60 41.21 7.49
CA ALA D 404 29.72 40.45 6.25
C ALA D 404 29.06 41.19 5.08
N THR D 405 29.62 40.98 3.89
CA THR D 405 29.09 41.54 2.65
C THR D 405 28.54 40.37 1.83
N ILE D 406 27.22 40.22 1.85
CA ILE D 406 26.54 39.09 1.23
C ILE D 406 25.83 39.56 -0.03
N THR D 407 25.85 38.71 -1.06
CA THR D 407 25.13 38.96 -2.30
C THR D 407 23.90 38.06 -2.35
N LEU D 408 22.75 38.66 -2.64
CA LEU D 408 21.48 37.93 -2.71
C LEU D 408 20.97 37.98 -4.15
N ARG D 409 20.99 36.84 -4.81
CA ARG D 409 20.61 36.75 -6.21
C ARG D 409 19.14 36.42 -6.35
N ARG D 410 18.49 37.01 -7.36
CA ARG D 410 17.08 36.74 -7.62
C ARG D 410 16.86 35.27 -7.94
N SER D 411 17.87 34.59 -8.46
CA SER D 411 17.73 33.18 -8.83
C SER D 411 17.42 32.32 -7.62
N LYS D 412 18.29 32.37 -6.61
CA LYS D 412 18.08 31.53 -5.42
C LYS D 412 16.88 31.98 -4.60
N LEU D 413 16.53 33.27 -4.67
CA LEU D 413 15.42 33.79 -3.88
C LEU D 413 14.11 33.10 -4.24
N ASP D 414 13.73 33.16 -5.52
CA ASP D 414 12.51 32.49 -5.96
C ASP D 414 12.67 30.98 -6.08
N ARG D 415 13.90 30.46 -5.98
CA ARG D 415 14.09 29.01 -5.97
C ARG D 415 13.87 28.43 -4.58
N LEU D 416 14.40 29.09 -3.55
CA LEU D 416 14.23 28.58 -2.19
C LEU D 416 12.83 28.86 -1.66
N ILE D 417 12.20 29.94 -2.12
CA ILE D 417 10.86 30.29 -1.66
C ILE D 417 9.79 29.71 -2.58
N GLY D 418 9.95 29.88 -3.89
CA GLY D 418 8.91 29.47 -4.82
C GLY D 418 7.81 30.49 -5.00
N HIS D 419 7.97 31.69 -4.47
CA HIS D 419 6.98 32.75 -4.59
C HIS D 419 7.71 34.05 -4.91
N HIS D 420 7.19 34.79 -5.89
CA HIS D 420 7.84 36.03 -6.32
C HIS D 420 7.55 37.15 -5.33
N ILE D 421 8.61 37.76 -4.83
CA ILE D 421 8.52 38.94 -3.96
C ILE D 421 9.12 40.11 -4.72
N ALA D 422 8.34 41.18 -4.87
CA ALA D 422 8.75 42.32 -5.69
C ALA D 422 10.08 42.90 -5.18
N ASP D 423 10.89 43.37 -6.12
CA ASP D 423 12.21 43.89 -5.76
C ASP D 423 12.11 45.17 -4.93
N GLU D 424 11.05 45.96 -5.12
CA GLU D 424 10.83 47.10 -4.24
C GLU D 424 10.56 46.65 -2.81
N GLN D 425 9.86 45.52 -2.66
CA GLN D 425 9.57 44.99 -1.33
C GLN D 425 10.77 44.25 -0.74
N VAL D 426 11.70 43.79 -1.57
CA VAL D 426 12.90 43.12 -1.08
C VAL D 426 13.90 44.14 -0.53
N THR D 427 14.13 45.22 -1.28
CA THR D 427 15.15 46.19 -0.89
C THR D 427 14.73 46.96 0.36
N ASP D 428 13.44 47.24 0.52
CA ASP D 428 12.98 47.91 1.73
C ASP D 428 13.19 47.03 2.96
N ILE D 429 12.82 45.75 2.85
CA ILE D 429 12.91 44.84 3.99
C ILE D 429 14.35 44.72 4.46
N LEU D 430 15.30 44.58 3.53
CA LEU D 430 16.70 44.45 3.92
C LEU D 430 17.23 45.75 4.53
N ARG D 431 16.76 46.90 4.05
CA ARG D 431 17.23 48.18 4.59
C ARG D 431 16.66 48.42 5.98
N ARG D 432 15.36 48.16 6.17
CA ARG D 432 14.75 48.34 7.48
C ARG D 432 15.41 47.46 8.53
N LEU D 433 15.93 46.30 8.13
CA LEU D 433 16.66 45.43 9.04
C LEU D 433 18.07 45.93 9.34
N GLY D 434 18.49 47.04 8.74
CA GLY D 434 19.79 47.61 9.00
C GLY D 434 20.89 47.24 8.04
N CYS D 435 20.56 46.77 6.85
CA CYS D 435 21.56 46.37 5.86
C CYS D 435 21.83 47.50 4.88
N GLU D 436 23.10 47.67 4.51
CA GLU D 436 23.49 48.63 3.48
C GLU D 436 23.36 47.93 2.14
N VAL D 437 22.20 48.12 1.50
CA VAL D 437 21.83 47.36 0.31
C VAL D 437 22.24 48.13 -0.93
N THR D 438 22.84 47.42 -1.89
CA THR D 438 23.23 47.98 -3.17
C THR D 438 22.52 47.19 -4.26
N GLU D 439 21.53 47.81 -4.89
CA GLU D 439 20.75 47.13 -5.91
C GLU D 439 21.55 46.92 -7.19
N GLY D 440 21.22 45.86 -7.91
CA GLY D 440 21.90 45.53 -9.15
C GLY D 440 21.02 44.81 -10.14
N LYS D 441 21.62 44.24 -11.18
CA LYS D 441 20.88 43.50 -12.20
C LYS D 441 20.44 42.17 -11.63
N ASP D 442 19.16 42.07 -11.28
CA ASP D 442 18.56 40.88 -10.67
C ASP D 442 19.30 40.44 -9.41
N GLU D 443 20.01 41.35 -8.75
CA GLU D 443 20.81 40.98 -7.60
C GLU D 443 20.82 42.11 -6.58
N TRP D 444 21.07 41.75 -5.33
CA TRP D 444 21.32 42.68 -4.25
C TRP D 444 22.63 42.31 -3.57
N GLN D 445 23.24 43.29 -2.92
CA GLN D 445 24.46 43.06 -2.14
C GLN D 445 24.35 43.88 -0.85
N ALA D 446 23.99 43.21 0.23
CA ALA D 446 23.74 43.85 1.51
C ALA D 446 24.87 43.56 2.49
N VAL D 447 25.09 44.50 3.40
CA VAL D 447 26.05 44.35 4.49
C VAL D 447 25.26 44.23 5.79
N ALA D 448 25.39 43.09 6.46
CA ALA D 448 24.62 42.84 7.67
C ALA D 448 24.99 43.86 8.74
N PRO D 449 24.03 44.34 9.52
CA PRO D 449 24.34 45.31 10.58
C PRO D 449 25.21 44.70 11.66
N SER D 450 25.62 45.56 12.60
CA SER D 450 26.57 45.13 13.63
C SER D 450 25.91 44.23 14.67
N TRP D 451 24.61 44.40 14.91
CA TRP D 451 23.94 43.66 15.97
C TRP D 451 23.49 42.27 15.55
N ARG D 452 23.52 41.95 14.26
CA ARG D 452 23.10 40.64 13.78
C ARG D 452 24.29 39.69 13.71
N PHE D 453 24.14 38.50 14.28
CA PHE D 453 25.16 37.48 14.26
C PHE D 453 24.78 36.24 13.46
N ASP D 454 23.56 36.20 12.91
CA ASP D 454 23.09 35.07 12.13
C ASP D 454 23.04 35.37 10.64
N MET D 455 23.60 36.49 10.19
CA MET D 455 23.63 36.86 8.79
C MET D 455 25.06 36.66 8.28
N GLU D 456 25.32 35.51 7.65
CA GLU D 456 26.65 35.21 7.14
C GLU D 456 26.65 34.59 5.75
N ILE D 457 25.51 34.10 5.23
CA ILE D 457 25.44 33.49 3.92
C ILE D 457 24.20 34.00 3.20
N GLU D 458 24.06 33.60 1.93
CA GLU D 458 22.95 34.07 1.11
C GLU D 458 21.61 33.55 1.63
N GLU D 459 21.59 32.34 2.18
CA GLU D 459 20.34 31.76 2.66
C GLU D 459 19.79 32.51 3.88
N ASP D 460 20.68 33.07 4.70
CA ASP D 460 20.21 33.83 5.87
C ASP D 460 19.38 35.04 5.45
N LEU D 461 19.70 35.64 4.31
CA LEU D 461 18.90 36.75 3.81
C LEU D 461 17.55 36.27 3.30
N VAL D 462 17.47 35.02 2.82
CA VAL D 462 16.20 34.49 2.35
C VAL D 462 15.21 34.34 3.51
N GLU D 463 15.69 33.85 4.65
CA GLU D 463 14.84 33.73 5.83
C GLU D 463 14.34 35.10 6.27
N GLU D 464 15.18 36.13 6.16
CA GLU D 464 14.78 37.47 6.59
C GLU D 464 13.75 38.08 5.65
N VAL D 465 13.95 37.94 4.34
CA VAL D 465 12.97 38.43 3.39
C VAL D 465 11.64 37.71 3.57
N ALA D 466 11.69 36.39 3.77
CA ALA D 466 10.46 35.61 3.82
C ALA D 466 9.69 35.86 5.12
N ARG D 467 10.40 35.97 6.25
CA ARG D 467 9.72 36.12 7.53
C ARG D 467 9.11 37.52 7.69
N VAL D 468 9.64 38.52 6.98
CA VAL D 468 8.99 39.83 7.00
C VAL D 468 7.84 39.86 6.00
N TYR D 469 8.03 39.26 4.83
CA TYR D 469 6.93 39.14 3.87
C TYR D 469 5.78 38.34 4.46
N GLY D 470 6.05 37.45 5.41
CA GLY D 470 5.01 36.69 6.07
C GLY D 470 4.87 35.29 5.53
N TYR D 471 5.20 34.29 6.36
CA TYR D 471 5.03 32.90 5.96
C TYR D 471 3.57 32.58 5.65
N ASN D 472 2.63 33.22 6.36
CA ASN D 472 1.21 33.00 6.12
C ASN D 472 0.71 33.65 4.84
N ASN D 473 1.59 34.29 4.06
CA ASN D 473 1.20 34.89 2.79
C ASN D 473 1.98 34.28 1.62
N ILE D 474 2.59 33.13 1.82
CA ILE D 474 3.26 32.37 0.76
C ILE D 474 2.37 31.19 0.40
N PRO D 475 2.07 30.98 -0.88
CA PRO D 475 1.09 29.94 -1.26
C PRO D 475 1.69 28.54 -1.19
N ASP D 476 0.80 27.56 -1.32
CA ASP D 476 1.18 26.15 -1.31
C ASP D 476 1.28 25.64 -2.74
N GLU D 477 2.27 24.80 -2.99
CA GLU D 477 2.47 24.20 -4.30
C GLU D 477 2.94 22.76 -4.13
N PRO D 478 2.17 21.77 -4.58
CA PRO D 478 2.60 20.38 -4.44
C PRO D 478 3.91 20.13 -5.18
N VAL D 479 4.74 19.27 -4.58
CA VAL D 479 6.02 18.95 -5.18
C VAL D 479 5.81 18.21 -6.49
N GLN D 480 6.40 18.71 -7.57
CA GLN D 480 6.46 17.98 -8.83
C GLN D 480 7.84 17.34 -8.93
N ALA D 481 7.88 16.02 -8.83
CA ALA D 481 9.12 15.27 -8.86
C ALA D 481 8.90 14.01 -9.69
N SER D 482 9.86 13.09 -9.62
CA SER D 482 9.78 11.87 -10.40
C SER D 482 8.95 10.81 -9.68
N LEU D 483 8.31 9.95 -10.46
CA LEU D 483 7.55 8.82 -9.95
C LEU D 483 8.32 7.55 -10.30
N ILE D 484 9.21 7.16 -9.38
CA ILE D 484 10.05 5.98 -9.54
C ILE D 484 9.69 4.98 -8.44
N MET D 485 9.65 3.70 -8.78
CA MET D 485 9.16 2.69 -7.85
C MET D 485 10.15 2.42 -6.73
N GLY D 486 11.39 2.09 -7.08
CA GLY D 486 12.38 1.73 -6.09
C GLY D 486 12.60 0.23 -6.02
N THR D 487 13.42 -0.16 -5.05
CA THR D 487 13.83 -1.55 -4.91
C THR D 487 12.91 -2.29 -3.95
N HIS D 488 12.19 -3.28 -4.46
CA HIS D 488 11.41 -4.20 -3.66
C HIS D 488 12.01 -5.60 -3.77
N ARG D 489 11.98 -6.34 -2.67
CA ARG D 489 12.49 -7.70 -2.63
C ARG D 489 11.42 -8.60 -2.02
N GLU D 490 10.84 -9.49 -2.84
CA GLU D 490 9.79 -10.37 -2.36
C GLU D 490 10.30 -11.29 -1.26
N ALA D 491 11.61 -11.56 -1.22
CA ALA D 491 12.18 -12.41 -0.19
C ALA D 491 12.20 -11.75 1.17
N ASP D 492 11.86 -10.47 1.27
CA ASP D 492 11.84 -9.79 2.56
C ASP D 492 10.60 -10.17 3.36
N LEU D 493 10.78 -10.19 4.68
CA LEU D 493 9.70 -10.46 5.62
C LEU D 493 9.41 -9.19 6.41
N SER D 494 8.17 -8.72 6.33
CA SER D 494 7.80 -7.48 7.00
C SER D 494 7.69 -7.69 8.50
N LEU D 495 8.30 -6.79 9.28
CA LEU D 495 8.13 -6.82 10.73
C LEU D 495 6.69 -6.54 11.11
N LYS D 496 5.97 -5.74 10.31
CA LYS D 496 4.58 -5.46 10.58
C LYS D 496 3.71 -6.70 10.41
N ARG D 497 4.06 -7.56 9.45
CA ARG D 497 3.35 -8.83 9.28
C ARG D 497 3.56 -9.76 10.47
N VAL D 498 4.75 -9.73 11.06
CA VAL D 498 5.02 -10.58 12.23
C VAL D 498 4.27 -10.05 13.45
N LYS D 499 4.25 -8.73 13.64
CA LYS D 499 3.47 -8.15 14.72
C LYS D 499 1.98 -8.41 14.52
N THR D 500 1.53 -8.40 13.26
CA THR D 500 0.14 -8.73 12.97
C THR D 500 -0.18 -10.15 13.41
N LEU D 501 0.73 -11.09 13.15
CA LEU D 501 0.51 -12.48 13.56
C LEU D 501 0.44 -12.59 15.07
N LEU D 502 1.36 -11.94 15.78
CA LEU D 502 1.33 -11.96 17.24
C LEU D 502 0.08 -11.30 17.78
N ASN D 503 -0.43 -10.27 17.10
CA ASN D 503 -1.71 -9.69 17.48
C ASN D 503 -2.84 -10.69 17.32
N ASP D 504 -2.80 -11.49 16.25
CA ASP D 504 -3.83 -12.49 16.02
C ASP D 504 -3.65 -13.75 16.84
N LYS D 505 -2.54 -13.85 17.59
CA LYS D 505 -2.32 -14.97 18.50
C LYS D 505 -2.57 -14.60 19.96
N GLY D 506 -2.99 -13.37 20.22
CA GLY D 506 -3.29 -12.93 21.57
C GLY D 506 -2.19 -12.18 22.29
N TYR D 507 -1.29 -11.52 21.56
CA TYR D 507 -0.21 -10.73 22.15
C TYR D 507 -0.49 -9.25 21.96
N GLN D 508 -0.15 -8.46 22.96
CA GLN D 508 -0.26 -7.01 22.92
C GLN D 508 1.13 -6.40 22.78
N GLU D 509 1.30 -5.50 21.83
CA GLU D 509 2.59 -4.82 21.67
C GLU D 509 2.77 -3.81 22.79
N VAL D 510 4.00 -3.75 23.32
CA VAL D 510 4.38 -2.78 24.33
C VAL D 510 5.69 -2.13 23.90
N ILE D 511 6.02 -1.02 24.56
CA ILE D 511 7.25 -0.29 24.31
C ILE D 511 7.86 0.10 25.66
N THR D 512 9.07 -0.39 25.92
CA THR D 512 9.76 -0.13 27.18
C THR D 512 11.01 0.69 26.93
N TYR D 513 11.50 1.35 27.99
CA TYR D 513 12.68 2.18 27.88
C TYR D 513 13.91 1.34 27.56
N SER D 514 14.84 1.95 26.83
CA SER D 514 16.06 1.23 26.45
C SER D 514 17.01 1.11 27.63
N PHE D 515 17.09 2.13 28.48
CA PHE D 515 17.88 2.04 29.71
C PHE D 515 17.02 1.45 30.81
N VAL D 516 17.58 0.48 31.53
CA VAL D 516 16.85 -0.29 32.53
C VAL D 516 17.65 -0.30 33.83
N ASP D 517 17.00 -0.78 34.88
CA ASP D 517 17.65 -0.91 36.19
C ASP D 517 18.71 -2.01 36.12
N PRO D 518 19.99 -1.69 36.30
CA PRO D 518 21.02 -2.74 36.25
C PRO D 518 20.91 -3.74 37.38
N LYS D 519 20.21 -3.42 38.46
CA LYS D 519 19.99 -4.39 39.52
C LYS D 519 19.14 -5.56 39.02
N VAL D 520 18.04 -5.25 38.35
CA VAL D 520 17.18 -6.29 37.81
C VAL D 520 17.84 -6.99 36.64
N GLN D 521 18.53 -6.23 35.78
CA GLN D 521 19.18 -6.82 34.62
C GLN D 521 20.32 -7.74 35.03
N GLN D 522 20.98 -7.46 36.16
CA GLN D 522 22.03 -8.36 36.63
C GLN D 522 21.44 -9.67 37.13
N MET D 523 20.21 -9.65 37.62
CA MET D 523 19.55 -10.88 38.05
C MET D 523 19.17 -11.75 36.86
N ILE D 524 18.89 -11.13 35.71
CA ILE D 524 18.50 -11.88 34.52
C ILE D 524 19.73 -12.30 33.71
N HIS D 525 20.73 -11.44 33.61
CA HIS D 525 21.98 -11.72 32.90
C HIS D 525 23.14 -11.46 33.85
N PRO D 526 23.46 -12.43 34.72
CA PRO D 526 24.53 -12.20 35.70
C PRO D 526 25.91 -12.34 35.10
N GLY D 527 26.81 -11.47 35.53
CA GLY D 527 28.20 -11.51 35.11
C GLY D 527 28.53 -10.78 33.84
N VAL D 528 27.53 -10.25 33.12
CA VAL D 528 27.74 -9.53 31.89
C VAL D 528 27.72 -8.04 32.19
N GLU D 529 28.81 -7.35 31.88
CA GLU D 529 28.91 -5.92 32.13
C GLU D 529 28.21 -5.14 31.02
N ALA D 530 27.31 -4.26 31.40
CA ALA D 530 26.52 -3.48 30.46
C ALA D 530 27.10 -2.07 30.31
N LEU D 531 26.73 -1.42 29.20
CA LEU D 531 27.10 -0.04 28.98
C LEU D 531 26.26 0.86 29.90
N LEU D 532 26.94 1.69 30.68
CA LEU D 532 26.29 2.49 31.71
C LEU D 532 26.21 3.95 31.28
N LEU D 533 25.26 4.67 31.88
CA LEU D 533 25.00 6.07 31.56
C LEU D 533 25.50 6.97 32.69
N PRO D 534 26.62 7.66 32.53
CA PRO D 534 27.02 8.67 33.52
C PRO D 534 26.03 9.82 33.52
N SER D 535 25.71 10.30 34.73
CA SER D 535 24.71 11.34 34.94
C SER D 535 23.39 11.00 34.26
N PRO D 536 22.69 9.95 34.70
CA PRO D 536 21.44 9.56 34.04
C PRO D 536 20.24 10.28 34.61
N ILE D 537 19.06 10.04 34.04
CA ILE D 537 17.83 10.58 34.59
C ILE D 537 17.49 9.89 35.91
N SER D 538 17.90 8.63 36.06
CA SER D 538 17.63 7.87 37.27
C SER D 538 18.62 6.71 37.32
N VAL D 539 18.80 6.16 38.52
CA VAL D 539 19.65 4.98 38.67
C VAL D 539 18.92 3.70 38.29
N GLU D 540 17.58 3.71 38.31
CA GLU D 540 16.80 2.59 37.83
C GLU D 540 16.60 2.61 36.32
N MET D 541 17.20 3.58 35.64
CA MET D 541 17.18 3.67 34.18
C MET D 541 18.54 4.11 33.67
N SER D 542 19.59 3.43 34.14
CA SER D 542 20.97 3.85 33.91
C SER D 542 21.82 2.73 33.32
N ALA D 543 21.19 1.80 32.59
CA ALA D 543 21.93 0.70 31.99
C ALA D 543 21.26 0.31 30.67
N MET D 544 22.01 0.46 29.58
CA MET D 544 21.49 0.09 28.27
C MET D 544 21.18 -1.41 28.25
N ARG D 545 19.93 -1.73 27.90
CA ARG D 545 19.49 -3.12 27.92
C ARG D 545 20.29 -3.95 26.93
N LEU D 546 20.75 -5.12 27.39
CA LEU D 546 21.34 -6.11 26.52
C LEU D 546 20.33 -7.15 26.08
N SER D 547 19.10 -7.07 26.58
CA SER D 547 17.99 -7.88 26.11
C SER D 547 16.70 -7.19 26.51
N LEU D 548 15.62 -7.53 25.82
CA LEU D 548 14.32 -6.91 26.08
C LEU D 548 13.59 -7.57 27.25
N TRP D 549 14.19 -8.57 27.90
CA TRP D 549 13.50 -9.27 28.98
C TRP D 549 13.41 -8.44 30.24
N THR D 550 14.41 -7.57 30.49
CA THR D 550 14.37 -6.75 31.70
C THR D 550 13.17 -5.80 31.68
N GLY D 551 12.89 -5.19 30.53
CA GLY D 551 11.74 -4.32 30.39
C GLY D 551 10.43 -5.08 30.29
N LEU D 552 10.45 -6.23 29.61
CA LEU D 552 9.25 -7.04 29.48
C LEU D 552 8.79 -7.56 30.84
N LEU D 553 9.70 -8.16 31.61
CA LEU D 553 9.34 -8.69 32.92
C LEU D 553 8.95 -7.58 33.86
N ALA D 554 9.60 -6.41 33.76
CA ALA D 554 9.18 -5.27 34.55
C ALA D 554 7.78 -4.81 34.18
N THR D 555 7.37 -5.05 32.94
CA THR D 555 6.04 -4.66 32.50
C THR D 555 4.97 -5.62 33.00
N VAL D 556 5.28 -6.92 33.04
CA VAL D 556 4.30 -7.87 33.57
C VAL D 556 4.13 -7.68 35.06
N VAL D 557 5.18 -7.24 35.77
CA VAL D 557 5.04 -6.92 37.19
C VAL D 557 4.18 -5.68 37.37
N TYR D 558 4.38 -4.68 36.52
CA TYR D 558 3.55 -3.48 36.57
C TYR D 558 2.07 -3.81 36.40
N ASN D 559 1.76 -4.77 35.53
CA ASN D 559 0.37 -5.12 35.29
C ASN D 559 -0.15 -6.14 36.31
N GLN D 560 0.74 -6.96 36.88
CA GLN D 560 0.31 -7.88 37.92
C GLN D 560 0.04 -7.16 39.24
N ASN D 561 0.65 -5.99 39.45
CA ASN D 561 0.31 -5.17 40.61
C ASN D 561 -1.06 -4.53 40.49
N ARG D 562 -1.68 -4.58 39.30
CA ARG D 562 -3.02 -4.04 39.07
C ARG D 562 -4.04 -5.15 38.83
N GLN D 563 -3.92 -6.23 39.60
CA GLN D 563 -4.91 -7.32 39.61
C GLN D 563 -5.07 -7.98 38.24
N GLN D 564 -4.01 -8.02 37.45
CA GLN D 564 -4.07 -8.61 36.11
C GLN D 564 -2.95 -9.66 36.02
N ASN D 565 -3.32 -10.91 36.33
CA ASN D 565 -2.33 -12.00 36.32
C ASN D 565 -1.92 -12.37 34.91
N ARG D 566 -2.89 -12.49 34.00
CA ARG D 566 -2.64 -12.98 32.65
C ARG D 566 -2.12 -11.84 31.78
N VAL D 567 -0.86 -11.96 31.35
CA VAL D 567 -0.20 -10.93 30.54
C VAL D 567 0.49 -11.62 29.38
N ARG D 568 0.09 -11.27 28.16
CA ARG D 568 0.71 -11.76 26.93
C ARG D 568 1.14 -10.54 26.13
N ILE D 569 2.44 -10.22 26.15
CA ILE D 569 2.96 -9.02 25.51
C ILE D 569 4.24 -9.34 24.76
N PHE D 570 4.59 -8.46 23.82
CA PHE D 570 5.83 -8.57 23.06
C PHE D 570 6.32 -7.17 22.73
N GLU D 571 7.61 -7.07 22.42
CA GLU D 571 8.23 -5.80 22.09
C GLU D 571 9.29 -6.03 21.01
N SER D 572 9.50 -5.00 20.19
CA SER D 572 10.58 -4.98 19.22
C SER D 572 11.46 -3.77 19.49
N GLY D 573 12.76 -3.97 19.46
CA GLY D 573 13.69 -2.88 19.73
C GLY D 573 15.12 -3.37 19.64
N LEU D 574 16.03 -2.43 19.82
CA LEU D 574 17.46 -2.71 19.76
C LEU D 574 17.99 -3.12 21.12
N ARG D 575 18.88 -4.10 21.12
CA ARG D 575 19.70 -4.42 22.29
C ARG D 575 21.09 -3.82 22.10
N PHE D 576 21.79 -3.65 23.22
CA PHE D 576 23.10 -2.99 23.23
C PHE D 576 24.07 -3.87 24.00
N VAL D 577 24.74 -4.77 23.29
CA VAL D 577 25.74 -5.67 23.87
C VAL D 577 27.12 -5.13 23.51
N PRO D 578 28.00 -4.88 24.47
CA PRO D 578 29.34 -4.38 24.14
C PRO D 578 30.14 -5.38 23.33
N ASP D 579 30.98 -4.86 22.43
CA ASP D 579 31.80 -5.70 21.57
C ASP D 579 32.96 -4.85 21.06
N THR D 580 34.17 -5.41 21.12
CA THR D 580 35.35 -4.67 20.69
C THR D 580 35.32 -4.42 19.18
N GLN D 581 34.99 -5.45 18.39
CA GLN D 581 35.03 -5.37 16.94
C GLN D 581 33.80 -4.70 16.35
N ALA D 582 32.86 -4.24 17.18
CA ALA D 582 31.65 -3.58 16.69
C ALA D 582 31.86 -2.08 16.56
N PRO D 583 31.15 -1.43 15.65
CA PRO D 583 31.24 0.04 15.55
C PRO D 583 30.86 0.70 16.86
N LEU D 584 31.68 1.69 17.26
CA LEU D 584 31.52 2.42 18.51
C LEU D 584 31.56 1.50 19.73
N GLY D 585 32.23 0.35 19.60
CA GLY D 585 32.35 -0.57 20.72
C GLY D 585 31.05 -1.13 21.24
N ILE D 586 29.98 -1.08 20.45
CA ILE D 586 28.67 -1.57 20.87
C ILE D 586 27.92 -2.03 19.63
N ARG D 587 27.40 -3.26 19.67
CA ARG D 587 26.64 -3.83 18.57
C ARG D 587 25.16 -3.74 18.90
N GLN D 588 24.39 -3.10 18.01
CA GLN D 588 22.97 -2.82 18.25
C GLN D 588 22.16 -3.62 17.24
N ASP D 589 21.64 -4.76 17.68
CA ASP D 589 20.82 -5.63 16.84
C ASP D 589 19.35 -5.44 17.18
N LEU D 590 18.51 -5.44 16.14
CA LEU D 590 17.07 -5.35 16.33
C LEU D 590 16.56 -6.70 16.82
N MET D 591 15.89 -6.70 17.97
CA MET D 591 15.44 -7.91 18.61
C MET D 591 13.92 -7.95 18.70
N LEU D 592 13.36 -9.15 18.64
CA LEU D 592 11.95 -9.40 18.86
C LEU D 592 11.81 -10.30 20.07
N ALA D 593 11.16 -9.80 21.12
CA ALA D 593 11.04 -10.52 22.37
C ALA D 593 9.62 -10.40 22.91
N GLY D 594 9.18 -11.43 23.63
CA GLY D 594 7.86 -11.45 24.22
C GLY D 594 7.85 -12.26 25.49
N VAL D 595 6.69 -12.26 26.16
CA VAL D 595 6.52 -12.97 27.41
C VAL D 595 5.03 -13.23 27.62
N ILE D 596 4.70 -14.45 28.06
CA ILE D 596 3.34 -14.83 28.38
C ILE D 596 3.30 -15.40 29.79
N CYS D 597 2.11 -15.36 30.37
CA CYS D 597 1.87 -15.90 31.71
C CYS D 597 0.35 -16.06 31.89
N GLY D 598 -0.04 -16.52 33.07
CA GLY D 598 -1.44 -16.72 33.36
C GLY D 598 -2.02 -17.90 32.61
N ASN D 599 -3.36 -17.99 32.66
CA ASN D 599 -4.05 -19.05 31.96
C ASN D 599 -3.92 -18.88 30.45
N ARG D 600 -4.05 -20.00 29.73
CA ARG D 600 -3.92 -19.96 28.28
C ARG D 600 -4.97 -19.06 27.64
N TYR D 601 -6.16 -18.97 28.25
CA TYR D 601 -7.20 -18.07 27.81
C TYR D 601 -7.75 -17.33 29.01
N GLU D 602 -8.55 -16.30 28.74
CA GLU D 602 -9.36 -15.71 29.79
C GLU D 602 -10.49 -16.68 30.14
N GLU D 603 -11.11 -16.44 31.29
CA GLU D 603 -12.13 -17.35 31.79
C GLU D 603 -13.27 -17.51 30.78
N HIS D 604 -13.51 -18.76 30.38
CA HIS D 604 -14.44 -19.08 29.32
C HIS D 604 -15.29 -20.26 29.76
N TRP D 605 -16.54 -20.28 29.30
CA TRP D 605 -17.47 -21.32 29.71
C TRP D 605 -17.12 -22.69 29.14
N ASN D 606 -16.31 -22.74 28.09
CA ASN D 606 -15.97 -23.99 27.42
C ASN D 606 -14.48 -24.16 27.19
N LEU D 607 -13.63 -23.38 27.85
CA LEU D 607 -12.19 -23.50 27.73
C LEU D 607 -11.58 -23.76 29.09
N ALA D 608 -10.75 -24.81 29.17
CA ALA D 608 -10.19 -25.22 30.44
C ALA D 608 -9.21 -24.17 30.98
N LYS D 609 -9.33 -23.88 32.27
CA LYS D 609 -8.42 -22.95 32.95
C LYS D 609 -7.14 -23.69 33.29
N GLU D 610 -6.21 -23.70 32.35
CA GLU D 610 -4.90 -24.31 32.51
C GLU D 610 -3.82 -23.25 32.37
N THR D 611 -2.74 -23.42 33.14
CA THR D 611 -1.62 -22.49 33.07
C THR D 611 -0.83 -22.72 31.78
N VAL D 612 -0.38 -21.62 31.18
CA VAL D 612 0.41 -21.69 29.96
C VAL D 612 1.72 -22.44 30.24
N ASP D 613 2.12 -23.30 29.30
CA ASP D 613 3.33 -24.08 29.43
C ASP D 613 4.29 -23.76 28.28
N PHE D 614 5.35 -24.55 28.17
CA PHE D 614 6.41 -24.29 27.21
C PHE D 614 5.89 -24.38 25.78
N TYR D 615 5.12 -25.42 25.48
CA TYR D 615 4.66 -25.66 24.11
C TYR D 615 3.63 -24.65 23.65
N ASP D 616 3.06 -23.86 24.56
CA ASP D 616 2.19 -22.76 24.14
C ASP D 616 3.00 -21.63 23.51
N LEU D 617 4.17 -21.32 24.09
CA LEU D 617 4.99 -20.25 23.53
C LEU D 617 5.69 -20.69 22.26
N LYS D 618 6.14 -21.96 22.21
CA LYS D 618 6.80 -22.44 20.99
C LYS D 618 5.83 -22.48 19.82
N GLY D 619 4.58 -22.84 20.06
CA GLY D 619 3.58 -22.82 19.00
C GLY D 619 3.39 -21.42 18.43
N ASP D 620 3.52 -20.39 19.27
CA ASP D 620 3.47 -19.02 18.76
C ASP D 620 4.72 -18.68 17.97
N LEU D 621 5.86 -19.23 18.39
CA LEU D 621 7.11 -18.97 17.67
C LEU D 621 7.17 -19.74 16.36
N GLU D 622 6.64 -20.97 16.35
CA GLU D 622 6.57 -21.72 15.09
C GLU D 622 5.62 -21.04 14.11
N SER D 623 4.60 -20.34 14.61
CA SER D 623 3.74 -19.56 13.72
C SER D 623 4.50 -18.37 13.16
N VAL D 624 5.38 -17.76 13.95
CA VAL D 624 6.22 -16.67 13.45
C VAL D 624 7.19 -17.20 12.41
N LEU D 625 7.92 -18.27 12.74
CA LEU D 625 8.92 -18.82 11.84
C LEU D 625 8.31 -19.46 10.60
N ASP D 626 7.02 -19.82 10.65
CA ASP D 626 6.36 -20.39 9.48
C ASP D 626 6.22 -19.37 8.35
N LEU D 627 6.25 -18.08 8.66
CA LEU D 627 6.19 -17.06 7.61
C LEU D 627 7.42 -17.12 6.72
N THR D 628 8.57 -17.52 7.26
CA THR D 628 9.78 -17.56 6.45
C THR D 628 9.82 -18.75 5.50
N GLY D 629 8.90 -19.71 5.65
CA GLY D 629 8.94 -20.94 4.92
C GLY D 629 10.14 -21.82 5.23
N LYS D 630 10.97 -21.45 6.20
CA LYS D 630 12.12 -22.26 6.58
C LYS D 630 11.89 -23.03 7.87
N LEU D 631 10.63 -23.34 8.21
CA LEU D 631 10.34 -24.07 9.44
C LEU D 631 10.91 -25.48 9.43
N ASN D 632 11.07 -26.07 8.24
CA ASN D 632 11.73 -27.36 8.15
C ASN D 632 13.18 -27.30 8.56
N GLU D 633 13.78 -26.10 8.57
CA GLU D 633 15.20 -25.93 8.88
C GLU D 633 15.41 -25.26 10.24
N VAL D 634 14.44 -25.35 11.15
CA VAL D 634 14.54 -24.79 12.49
C VAL D 634 14.68 -25.93 13.48
N GLU D 635 15.62 -25.79 14.42
CA GLU D 635 15.87 -26.79 15.44
C GLU D 635 15.84 -26.14 16.81
N PHE D 636 15.24 -26.82 17.77
CA PHE D 636 15.18 -26.36 19.16
C PHE D 636 16.06 -27.28 19.99
N ARG D 637 17.16 -26.73 20.52
CA ARG D 637 18.11 -27.48 21.32
C ARG D 637 18.11 -26.93 22.74
N ALA D 638 18.08 -27.84 23.71
CA ALA D 638 18.09 -27.45 25.13
C ALA D 638 19.49 -26.95 25.50
N GLU D 639 19.62 -25.65 25.71
CA GLU D 639 20.89 -25.05 26.11
C GLU D 639 20.69 -24.18 27.33
N ALA D 640 21.71 -24.14 28.18
CA ALA D 640 21.60 -23.48 29.48
C ALA D 640 21.51 -21.97 29.32
N ASN D 641 20.58 -21.36 30.03
CA ASN D 641 20.49 -19.91 30.16
C ASN D 641 20.20 -19.58 31.62
N PRO D 642 21.04 -18.76 32.27
CA PRO D 642 20.86 -18.51 33.71
C PRO D 642 19.50 -17.94 34.07
N ALA D 643 18.81 -17.30 33.14
CA ALA D 643 17.48 -16.75 33.41
C ALA D 643 16.36 -17.74 33.14
N LEU D 644 16.66 -18.89 32.56
CA LEU D 644 15.64 -19.85 32.15
C LEU D 644 15.80 -21.16 32.91
N HIS D 645 14.68 -21.86 33.09
CA HIS D 645 14.71 -23.18 33.69
C HIS D 645 15.57 -24.11 32.86
N PRO D 646 16.52 -24.83 33.45
CA PRO D 646 17.44 -25.64 32.63
C PRO D 646 16.77 -26.76 31.88
N GLY D 647 15.73 -27.39 32.45
CA GLY D 647 15.06 -28.48 31.78
C GLY D 647 13.99 -28.08 30.79
N GLN D 648 13.62 -26.79 30.75
CA GLN D 648 12.56 -26.32 29.87
C GLN D 648 12.99 -25.07 29.10
N SER D 649 14.27 -24.96 28.80
CA SER D 649 14.80 -23.87 27.97
C SER D 649 15.29 -24.43 26.65
N ALA D 650 15.23 -23.60 25.61
CA ALA D 650 15.58 -24.03 24.27
C ALA D 650 16.24 -22.89 23.51
N ALA D 651 17.34 -23.21 22.84
CA ALA D 651 17.94 -22.31 21.86
C ALA D 651 17.33 -22.58 20.49
N ILE D 652 17.12 -21.52 19.72
CA ILE D 652 16.46 -21.61 18.43
C ILE D 652 17.52 -21.46 17.34
N TYR D 653 17.75 -22.53 16.60
CA TYR D 653 18.75 -22.56 15.53
C TYR D 653 18.06 -22.53 14.17
N LEU D 654 18.67 -21.84 13.22
CA LEU D 654 18.24 -21.84 11.83
C LEU D 654 19.44 -22.15 10.96
N LYS D 655 19.39 -23.29 10.26
CA LYS D 655 20.49 -23.86 9.47
C LYS D 655 21.85 -23.61 10.11
N GLY D 656 21.96 -23.88 11.42
CA GLY D 656 23.22 -23.76 12.12
C GLY D 656 23.41 -22.48 12.90
N GLU D 657 22.59 -21.46 12.66
CA GLU D 657 22.71 -20.17 13.32
C GLU D 657 21.66 -20.06 14.42
N ARG D 658 22.11 -19.84 15.65
CA ARG D 658 21.18 -19.65 16.76
C ARG D 658 20.60 -18.25 16.71
N ILE D 659 19.27 -18.17 16.54
CA ILE D 659 18.62 -16.88 16.33
C ILE D 659 17.87 -16.40 17.58
N GLY D 660 17.99 -17.10 18.69
CA GLY D 660 17.41 -16.62 19.92
C GLY D 660 17.16 -17.75 20.92
N PHE D 661 16.35 -17.42 21.93
CA PHE D 661 16.05 -18.32 23.03
C PHE D 661 14.55 -18.38 23.25
N VAL D 662 14.12 -19.44 23.95
CA VAL D 662 12.74 -19.59 24.38
C VAL D 662 12.71 -20.52 25.58
N GLY D 663 11.96 -20.14 26.61
CA GLY D 663 11.86 -20.97 27.79
C GLY D 663 11.12 -20.26 28.90
N VAL D 664 10.92 -21.00 29.98
CA VAL D 664 10.27 -20.48 31.19
C VAL D 664 11.34 -19.84 32.07
N VAL D 665 10.99 -18.69 32.65
CA VAL D 665 11.92 -18.00 33.54
C VAL D 665 12.29 -18.92 34.70
N HIS D 666 13.56 -18.89 35.09
CA HIS D 666 14.05 -19.76 36.15
C HIS D 666 13.24 -19.53 37.42
N PRO D 667 12.83 -20.60 38.12
CA PRO D 667 11.97 -20.43 39.31
C PRO D 667 12.60 -19.59 40.41
N GLU D 668 13.94 -19.54 40.48
CA GLU D 668 14.57 -18.66 41.46
C GLU D 668 14.47 -17.20 41.03
N LEU D 669 14.71 -16.92 39.75
CA LEU D 669 14.49 -15.57 39.24
C LEU D 669 13.01 -15.22 39.27
N GLU D 670 12.13 -16.21 39.19
CA GLU D 670 10.69 -15.97 39.34
C GLU D 670 10.35 -15.57 40.76
N ARG D 671 11.04 -16.12 41.75
CA ARG D 671 10.80 -15.75 43.13
C ARG D 671 11.15 -14.28 43.36
N LYS D 672 12.29 -13.85 42.85
CA LYS D 672 12.55 -12.42 42.74
C LYS D 672 11.60 -11.82 41.71
N LEU D 673 11.43 -10.49 41.78
CA LEU D 673 10.47 -9.76 40.96
C LEU D 673 9.04 -10.16 41.30
N ASP D 674 8.90 -11.15 42.19
CA ASP D 674 7.62 -11.69 42.65
C ASP D 674 6.63 -11.87 41.50
N LEU D 675 7.07 -12.65 40.50
CA LEU D 675 6.16 -13.05 39.44
C LEU D 675 5.08 -13.96 40.01
N ASN D 676 3.83 -13.69 39.67
CA ASN D 676 2.70 -14.39 40.26
C ASN D 676 2.64 -15.86 39.90
N GLY D 677 3.54 -16.35 39.05
CA GLY D 677 3.55 -17.76 38.70
C GLY D 677 4.52 -18.03 37.58
N ARG D 678 4.29 -19.15 36.90
CA ARG D 678 5.16 -19.54 35.79
C ARG D 678 4.98 -18.60 34.61
N THR D 679 6.09 -18.09 34.08
CA THR D 679 6.08 -17.18 32.95
C THR D 679 7.03 -17.71 31.87
N LEU D 680 6.64 -17.53 30.62
CA LEU D 680 7.41 -17.96 29.46
C LEU D 680 7.93 -16.72 28.74
N VAL D 681 9.20 -16.76 28.33
CA VAL D 681 9.82 -15.65 27.62
C VAL D 681 10.52 -16.17 26.37
N PHE D 682 10.77 -15.26 25.43
CA PHE D 682 11.55 -15.57 24.25
C PHE D 682 12.19 -14.29 23.73
N GLU D 683 13.20 -14.46 22.88
CA GLU D 683 13.84 -13.33 22.22
C GLU D 683 14.41 -13.82 20.89
N LEU D 684 14.35 -12.97 19.87
CA LEU D 684 14.77 -13.33 18.53
C LEU D 684 15.55 -12.19 17.90
N GLU D 685 16.64 -12.53 17.22
CA GLU D 685 17.38 -11.55 16.42
C GLU D 685 16.65 -11.38 15.10
N TRP D 686 16.12 -10.17 14.86
CA TRP D 686 15.22 -9.96 13.73
C TRP D 686 15.94 -10.09 12.39
N ASN D 687 17.15 -9.54 12.29
CA ASN D 687 17.87 -9.53 11.01
C ASN D 687 18.27 -10.94 10.56
N LYS D 688 18.19 -11.93 11.43
CA LYS D 688 18.49 -13.30 11.04
C LYS D 688 17.33 -14.02 10.39
N LEU D 689 16.08 -13.59 10.66
CA LEU D 689 14.90 -14.24 10.12
C LEU D 689 14.04 -13.30 9.28
N ALA D 690 14.55 -12.11 8.93
CA ALA D 690 13.80 -11.15 8.14
C ALA D 690 13.81 -11.46 6.65
N ASP D 691 14.13 -12.69 6.26
CA ASP D 691 14.16 -13.11 4.87
C ASP D 691 13.40 -14.42 4.72
N ARG D 692 12.46 -14.45 3.78
CA ARG D 692 11.59 -15.60 3.58
C ARG D 692 11.87 -16.24 2.23
N VAL D 693 11.37 -17.47 2.08
CA VAL D 693 11.57 -18.24 0.85
C VAL D 693 10.53 -17.85 -0.17
N VAL D 694 10.98 -17.46 -1.35
CA VAL D 694 10.06 -17.17 -2.46
C VAL D 694 9.56 -18.49 -3.04
N PRO D 695 8.26 -18.68 -3.18
CA PRO D 695 7.75 -19.99 -3.59
C PRO D 695 8.09 -20.34 -5.03
N GLN D 696 8.27 -21.63 -5.28
CA GLN D 696 8.47 -22.16 -6.62
C GLN D 696 7.60 -23.41 -6.76
N ALA D 697 6.72 -23.40 -7.77
CA ALA D 697 5.72 -24.44 -7.89
C ALA D 697 6.34 -25.78 -8.27
N ARG D 698 5.84 -26.85 -7.66
CA ARG D 698 6.20 -28.22 -8.00
C ARG D 698 4.96 -28.95 -8.49
N GLU D 699 5.18 -29.98 -9.31
CA GLU D 699 4.06 -30.71 -9.91
C GLU D 699 3.33 -31.53 -8.85
N ILE D 700 2.02 -31.41 -8.82
CA ILE D 700 1.19 -32.16 -7.89
C ILE D 700 0.90 -33.53 -8.48
N SER D 701 1.02 -34.57 -7.66
CA SER D 701 0.76 -35.93 -8.12
C SER D 701 -0.74 -36.12 -8.33
N ARG D 702 -1.11 -36.70 -9.48
CA ARG D 702 -2.49 -37.01 -9.79
C ARG D 702 -2.90 -38.39 -9.31
N PHE D 703 -1.99 -39.14 -8.69
CA PHE D 703 -2.17 -40.48 -8.18
C PHE D 703 -2.34 -40.48 -6.67
N PRO D 704 -3.05 -41.45 -6.11
CA PRO D 704 -3.30 -41.44 -4.66
C PRO D 704 -2.04 -41.68 -3.86
N ALA D 705 -2.11 -41.36 -2.58
CA ALA D 705 -1.01 -41.52 -1.65
C ALA D 705 -1.31 -42.64 -0.66
N ASN D 706 -0.25 -43.10 0.02
CA ASN D 706 -0.36 -44.19 0.98
C ASN D 706 0.27 -43.76 2.29
N ARG D 707 -0.42 -44.02 3.40
CA ARG D 707 0.07 -43.68 4.73
C ARG D 707 0.46 -44.93 5.49
N ARG D 708 1.58 -44.85 6.20
CA ARG D 708 2.07 -45.93 7.05
C ARG D 708 2.50 -45.35 8.39
N ASP D 709 2.11 -46.02 9.47
CA ASP D 709 2.51 -45.63 10.81
C ASP D 709 3.61 -46.54 11.32
N ILE D 710 4.50 -45.98 12.14
CA ILE D 710 5.59 -46.72 12.76
C ILE D 710 5.69 -46.34 14.22
N ALA D 711 6.05 -47.30 15.05
CA ALA D 711 6.26 -47.10 16.49
C ALA D 711 7.75 -47.26 16.77
N VAL D 712 8.42 -46.15 17.05
CA VAL D 712 9.87 -46.12 17.25
C VAL D 712 10.15 -45.88 18.73
N VAL D 713 10.89 -46.78 19.35
CA VAL D 713 11.28 -46.67 20.75
C VAL D 713 12.72 -46.21 20.82
N VAL D 714 12.94 -45.07 21.48
CA VAL D 714 14.27 -44.49 21.65
C VAL D 714 14.45 -44.10 23.11
N ALA D 715 15.67 -43.70 23.45
CA ALA D 715 15.94 -43.19 24.78
C ALA D 715 15.26 -41.84 24.98
N GLU D 716 14.94 -41.54 26.25
CA GLU D 716 14.20 -40.31 26.54
C GLU D 716 15.03 -39.07 26.22
N ASN D 717 16.35 -39.16 26.25
CA ASN D 717 17.19 -38.01 25.95
C ASN D 717 17.33 -37.74 24.46
N VAL D 718 16.75 -38.59 23.60
CA VAL D 718 16.87 -38.42 22.16
C VAL D 718 15.80 -37.44 21.68
N PRO D 719 16.19 -36.32 21.07
CA PRO D 719 15.19 -35.33 20.64
C PRO D 719 14.32 -35.89 19.51
N ALA D 720 13.00 -35.72 19.67
CA ALA D 720 12.06 -36.30 18.72
C ALA D 720 12.10 -35.61 17.36
N ALA D 721 12.49 -34.33 17.33
CA ALA D 721 12.55 -33.62 16.06
C ALA D 721 13.66 -34.17 15.16
N ASP D 722 14.73 -34.71 15.75
CA ASP D 722 15.81 -35.27 14.95
C ASP D 722 15.43 -36.60 14.31
N ILE D 723 14.48 -37.32 14.90
CA ILE D 723 13.98 -38.54 14.26
C ILE D 723 13.11 -38.17 13.06
N LEU D 724 12.27 -37.15 13.21
CA LEU D 724 11.43 -36.72 12.09
C LEU D 724 12.27 -36.17 10.95
N SER D 725 13.32 -35.41 11.26
CA SER D 725 14.20 -34.91 10.22
C SER D 725 14.99 -36.02 9.53
N GLU D 726 15.15 -37.17 10.19
CA GLU D 726 15.81 -38.31 9.56
C GLU D 726 14.87 -39.09 8.67
N CYS D 727 13.58 -39.16 9.03
CA CYS D 727 12.61 -39.83 8.17
C CYS D 727 12.34 -39.03 6.91
N LYS D 728 12.37 -37.70 7.00
CA LYS D 728 12.09 -36.85 5.85
C LYS D 728 13.31 -36.68 4.95
N LYS D 729 14.52 -36.84 5.49
CA LYS D 729 15.72 -36.69 4.68
C LYS D 729 16.08 -38.00 3.98
N VAL D 730 15.90 -39.14 4.66
CA VAL D 730 16.16 -40.43 4.02
C VAL D 730 15.18 -40.66 2.88
N GLY D 731 13.88 -40.54 3.17
CA GLY D 731 12.87 -40.65 2.13
C GLY D 731 12.57 -39.33 1.47
N VAL D 732 13.19 -39.08 0.32
CA VAL D 732 12.91 -37.88 -0.45
C VAL D 732 12.26 -38.17 -1.80
N ASN D 733 12.42 -39.38 -2.36
CA ASN D 733 11.79 -39.71 -3.62
C ASN D 733 10.29 -39.97 -3.47
N GLN D 734 9.85 -40.41 -2.29
CA GLN D 734 8.48 -40.83 -2.11
C GLN D 734 7.83 -40.27 -0.85
N VAL D 735 8.63 -40.03 0.20
CA VAL D 735 8.10 -39.59 1.49
C VAL D 735 7.85 -38.09 1.43
N VAL D 736 6.59 -37.69 1.40
CA VAL D 736 6.23 -36.28 1.31
C VAL D 736 5.69 -35.73 2.63
N GLY D 737 5.38 -36.59 3.60
CA GLY D 737 4.84 -36.14 4.87
C GLY D 737 5.26 -36.99 6.05
N VAL D 738 5.86 -36.35 7.06
CA VAL D 738 6.29 -37.02 8.29
C VAL D 738 5.68 -36.25 9.45
N ASN D 739 4.76 -36.88 10.18
CA ASN D 739 4.07 -36.23 11.29
C ASN D 739 4.06 -37.15 12.49
N LEU D 740 4.37 -36.60 13.66
CA LEU D 740 4.31 -37.33 14.92
C LEU D 740 2.96 -37.07 15.58
N PHE D 741 2.24 -38.15 15.90
CA PHE D 741 0.89 -38.02 16.42
C PHE D 741 0.70 -38.59 17.82
N ASP D 742 1.72 -39.21 18.42
CA ASP D 742 1.60 -39.69 19.78
C ASP D 742 2.98 -39.96 20.36
N VAL D 743 3.14 -39.64 21.64
CA VAL D 743 4.35 -39.91 22.40
C VAL D 743 3.94 -40.63 23.69
N TYR D 744 4.51 -41.80 23.92
CA TYR D 744 4.11 -42.65 25.04
C TYR D 744 5.31 -42.90 25.96
N ARG D 745 5.09 -42.71 27.26
CA ARG D 745 6.08 -43.00 28.29
C ARG D 745 5.36 -43.69 29.44
N GLY D 746 5.66 -44.95 29.67
CA GLY D 746 5.04 -45.64 30.81
C GLY D 746 5.03 -47.15 30.61
N LYS D 747 3.96 -47.76 31.11
CA LYS D 747 3.84 -49.22 31.08
C LYS D 747 3.80 -49.73 29.64
N GLY D 748 4.73 -50.63 29.31
CA GLY D 748 4.93 -51.11 27.96
C GLY D 748 6.29 -50.74 27.39
N VAL D 749 6.87 -49.65 27.87
CA VAL D 749 8.21 -49.22 27.50
C VAL D 749 9.05 -49.12 28.76
N ALA D 750 10.31 -49.55 28.68
CA ALA D 750 11.19 -49.50 29.84
C ALA D 750 11.43 -48.05 30.26
N GLU D 751 11.66 -47.87 31.56
CA GLU D 751 11.93 -46.54 32.09
C GLU D 751 13.18 -45.95 31.44
N GLY D 752 13.16 -44.65 31.20
CA GLY D 752 14.21 -44.00 30.44
C GLY D 752 14.07 -44.13 28.94
N TYR D 753 13.02 -44.79 28.47
CA TYR D 753 12.76 -44.94 27.04
C TYR D 753 11.34 -44.50 26.72
N LYS D 754 11.12 -44.14 25.46
CA LYS D 754 9.83 -43.66 25.01
C LYS D 754 9.57 -44.16 23.60
N SER D 755 8.29 -44.31 23.26
CA SER D 755 7.88 -44.76 21.94
C SER D 755 7.23 -43.60 21.19
N LEU D 756 7.72 -43.33 19.98
CA LEU D 756 7.20 -42.26 19.15
C LEU D 756 6.34 -42.86 18.04
N ALA D 757 5.12 -42.37 17.92
CA ALA D 757 4.18 -42.81 16.88
C ALA D 757 4.27 -41.83 15.72
N ILE D 758 4.83 -42.29 14.60
CA ILE D 758 5.13 -41.44 13.46
C ILE D 758 4.40 -41.97 12.24
N SER D 759 3.71 -41.08 11.53
CA SER D 759 2.99 -41.44 10.31
C SER D 759 3.78 -40.95 9.10
N LEU D 760 4.03 -41.85 8.17
CA LEU D 760 4.70 -41.54 6.92
C LEU D 760 3.70 -41.58 5.77
N ILE D 761 3.68 -40.54 4.96
CA ILE D 761 2.79 -40.45 3.80
C ILE D 761 3.66 -40.53 2.55
N LEU D 762 3.38 -41.52 1.70
CA LEU D 762 4.18 -41.80 0.52
C LEU D 762 3.36 -41.55 -0.73
N GLN D 763 3.97 -40.95 -1.74
CA GLN D 763 3.29 -40.59 -2.97
C GLN D 763 4.33 -40.26 -4.03
N ASP D 764 4.02 -40.61 -5.28
CA ASP D 764 4.87 -40.27 -6.41
C ASP D 764 4.03 -39.65 -7.52
N THR D 765 4.69 -38.83 -8.35
CA THR D 765 4.00 -38.09 -9.39
C THR D 765 3.76 -38.90 -10.66
N SER D 766 4.39 -40.08 -10.79
CA SER D 766 4.37 -40.81 -12.05
C SER D 766 3.56 -42.10 -12.01
N ARG D 767 3.27 -42.65 -10.84
CA ARG D 767 2.60 -43.93 -10.75
C ARG D 767 1.92 -44.04 -9.40
N THR D 768 1.29 -45.20 -9.17
CA THR D 768 0.74 -45.55 -7.87
C THR D 768 1.66 -46.56 -7.20
N LEU D 769 1.87 -46.38 -5.89
CA LEU D 769 2.82 -47.19 -5.16
C LEU D 769 2.17 -48.47 -4.66
N GLU D 770 2.99 -49.51 -4.48
CA GLU D 770 2.55 -50.80 -4.01
C GLU D 770 3.39 -51.23 -2.81
N GLU D 771 2.87 -52.22 -2.07
CA GLU D 771 3.48 -52.60 -0.80
C GLU D 771 4.91 -53.13 -0.95
N GLU D 772 5.33 -53.47 -2.16
CA GLU D 772 6.70 -53.94 -2.36
C GLU D 772 7.71 -52.84 -2.05
N GLU D 773 7.56 -51.68 -2.69
CA GLU D 773 8.45 -50.56 -2.45
C GLU D 773 8.02 -49.71 -1.25
N ILE D 774 6.76 -49.81 -0.83
CA ILE D 774 6.32 -49.07 0.35
C ILE D 774 7.00 -49.61 1.61
N ALA D 775 6.92 -50.93 1.81
CA ALA D 775 7.60 -51.54 2.95
C ALA D 775 9.12 -51.44 2.82
N ALA D 776 9.63 -51.36 1.58
CA ALA D 776 11.07 -51.23 1.38
C ALA D 776 11.55 -49.83 1.75
N THR D 777 10.75 -48.80 1.43
CA THR D 777 11.13 -47.44 1.79
C THR D 777 10.94 -47.21 3.29
N VAL D 778 9.91 -47.81 3.88
CA VAL D 778 9.73 -47.70 5.33
C VAL D 778 10.87 -48.39 6.06
N ALA D 779 11.28 -49.57 5.57
CA ALA D 779 12.43 -50.25 6.16
C ALA D 779 13.71 -49.44 5.96
N LYS D 780 13.79 -48.66 4.88
CA LYS D 780 14.94 -47.79 4.68
C LYS D 780 15.02 -46.71 5.74
N CYS D 781 13.87 -46.23 6.23
CA CYS D 781 13.87 -45.24 7.30
C CYS D 781 14.07 -45.88 8.67
N VAL D 782 13.55 -47.10 8.87
CA VAL D 782 13.72 -47.77 10.16
C VAL D 782 15.19 -48.05 10.42
N GLU D 783 15.92 -48.52 9.40
CA GLU D 783 17.34 -48.82 9.57
C GLU D 783 18.15 -47.55 9.82
N ALA D 784 17.79 -46.45 9.15
CA ALA D 784 18.49 -45.19 9.38
C ALA D 784 18.29 -44.69 10.81
N LEU D 785 17.15 -45.00 11.42
CA LEU D 785 16.95 -44.62 12.81
C LEU D 785 17.75 -45.50 13.75
N LYS D 786 18.09 -46.72 13.32
CA LYS D 786 18.89 -47.62 14.15
C LYS D 786 20.38 -47.35 14.03
N GLU D 787 20.83 -46.70 12.95
CA GLU D 787 22.24 -46.37 12.78
C GLU D 787 22.62 -45.07 13.46
N ARG D 788 21.67 -44.15 13.64
CA ARG D 788 21.95 -42.86 14.25
C ARG D 788 21.45 -42.75 15.69
N PHE D 789 20.33 -43.39 16.02
CA PHE D 789 19.76 -43.30 17.36
C PHE D 789 19.68 -44.64 18.08
N GLN D 790 20.14 -45.73 17.46
CA GLN D 790 19.99 -47.07 18.01
C GLN D 790 18.52 -47.36 18.33
N ALA D 791 17.65 -46.94 17.42
CA ALA D 791 16.20 -47.03 17.62
C ALA D 791 15.72 -48.45 17.32
N SER D 792 14.42 -48.64 17.32
CA SER D 792 13.81 -49.94 17.06
C SER D 792 12.39 -49.72 16.56
N LEU D 793 11.67 -50.82 16.35
CA LEU D 793 10.30 -50.80 15.87
C LEU D 793 9.47 -51.74 16.73
N ARG D 794 8.36 -51.23 17.27
CA ARG D 794 7.49 -52.02 18.13
C ARG D 794 6.06 -52.06 17.60
C10 NO4 E . -4.30 -3.46 -23.17
C12 NO4 E . -4.68 -1.20 -22.33
C13 NO4 E . -9.92 2.43 -19.65
C16 NO4 E . -8.38 3.82 -21.74
C01 NO4 E . -8.27 2.32 -21.42
C02 NO4 E . -9.09 1.62 -20.68
C03 NO4 E . -9.71 0.18 -20.95
C04 NO4 E . -8.75 -1.10 -20.91
C06 NO4 E . -6.29 -0.67 -20.34
C07 NO4 E . -5.59 -1.65 -21.34
C08 NO4 E . -5.83 -3.06 -21.30
C09 NO4 E . -5.21 -3.94 -22.19
C11 NO4 E . -4.05 -2.09 -23.23
C14 NO4 E . -10.32 3.87 -20.12
C15 NO4 E . -9.17 4.64 -20.68
N05 NO4 E . -7.66 -1.06 -19.84
C10 NO4 F . 12.94 20.72 11.73
C12 NO4 F . 14.27 19.16 10.42
C13 NO4 F . 17.92 17.34 8.62
C16 NO4 F . 20.08 15.92 7.19
C01 NO4 F . 19.60 15.58 8.60
C02 NO4 F . 18.50 16.03 9.19
C03 NO4 F . 17.82 15.56 10.54
C04 NO4 F . 17.55 16.61 11.69
C06 NO4 F . 15.01 16.83 11.31
C07 NO4 F . 14.27 18.20 11.46
C08 NO4 F . 13.58 18.55 12.64
C09 NO4 F . 12.92 19.79 12.78
C11 NO4 F . 13.60 20.40 10.55
C14 NO4 F . 18.18 17.59 7.09
C15 NO4 F . 19.59 17.31 6.68
N05 NO4 F . 16.14 16.57 12.29
#